data_6BJP
#
_entry.id   6BJP
#
_cell.length_a   85.224
_cell.length_b   96.543
_cell.length_c   280.876
_cell.angle_alpha   90.00
_cell.angle_beta   90.00
_cell.angle_gamma   90.00
#
_symmetry.space_group_name_H-M   'P 21 21 21'
#
loop_
_entity.id
_entity.type
_entity.pdbx_description
1 polymer 'NAD/NADP-dependent betaine aldehyde dehydrogenase'
2 polymer 'NAD/NADP-dependent betaine aldehyde dehydrogenase'
3 non-polymer 'POTASSIUM ION'
4 non-polymer GLYCEROL
5 non-polymer 1,2-ETHANEDIOL
6 water water
#
loop_
_entity_poly.entity_id
_entity_poly.type
_entity_poly.pdbx_seq_one_letter_code
_entity_poly.pdbx_strand_id
1 'polypeptide(L)'
;MARFEEQKLYIGGRYVEASSGATFETINPANGEVLAKVQRASREDVERAVQSAVEGQKVWAAMTAMQRSRILRRAVDILR
ERNDELAALETLDTGKPLAETRSVDIVTGADVLEYYAGLVPAISGEQIPLRETSFVYTRREPLGVVAGIGAWNYPVQIAL
WKSAPALAAGNAMIFKPSEVTPLTALKLAEIYTEAGVPDGVFNVLTGSGREVGQWLTEHPLIEKISFTGGTSTGKKVMAS
ASSSSLKEVTMELGGKSPLIIFPDADLDRAADIAVMANFFSSGQV(CSO)TNGTRVFIHRSQQARFEAKVLERVQRIRLG
DPQDENTNFGPLVSFPHMESVLGYIESGKAQKARLLCGGERVTDGAFGKGAYVAPTVFTDCRDDMTIVREEIFGPVMSIL
VYDDEDEAIRRANDTEYGLAAGVVTQDLARAHRAIHRLEAGICWINTWGESPAEMPVGGYKQSGVGRENGLTTLAHYTRI
KSVQVELGDYASVF
;
A,B
2 'polypeptide(L)'
;MARFEEQKLYIGGRYVEASSGATFETINPANGEVLAKVQRASREDVERAVQSAVEGQKVWAAMTAMQRSRILRRAVDILR
ERNDELAALETLDTGKPLAETRSVDIVTGADVLEYYAGLVPAISGEQIPLRETSFVYTRREPLGVVAGIGAWNYPVQIAL
WKSAPALAAGNAMIFKPSEVTPLTALKLAEIYTEAGVPDGVFNVLTGSGREVGQWLTEHPLIEKISFTGGTSTGKKVMAS
ASSSSLKEVTMELGGKSPLIIFPDADLDRAADIAVMANFFSSGQVCTNGTRVFIHRSQQARFEAKVLERVQRIRLGDPQD
ENTNFGPLVSFPHMESVLGYIESGKAQKARLLCGGERVTDGAFGKGAYVAPTVFTDCRDDMTIVREEIFGPVMSILVYDD
EDEAIRRANDTEYGLAAGVVTQDLARAHRAIHRLEAGICWINTWGESPAEMPVGGYKQSGVGRENGLTTLAHYTRIKSVQ
VELGDYASVF
;
C,D
#
loop_
_chem_comp.id
_chem_comp.type
_chem_comp.name
_chem_comp.formula
EDO non-polymer 1,2-ETHANEDIOL 'C2 H6 O2'
GOL non-polymer GLYCEROL 'C3 H8 O3'
K non-polymer 'POTASSIUM ION' 'K 1'
#
# COMPACT_ATOMS: atom_id res chain seq x y z
N ALA A 2 28.98 9.38 6.69
CA ALA A 2 30.22 9.54 7.43
C ALA A 2 31.44 9.12 6.61
N ARG A 3 31.66 7.82 6.40
CA ARG A 3 32.88 7.42 5.66
C ARG A 3 32.97 7.99 4.24
N PHE A 4 31.89 7.87 3.48
CA PHE A 4 31.86 8.38 2.12
C PHE A 4 30.98 9.62 2.07
N GLU A 5 31.10 10.41 1.00
CA GLU A 5 30.20 11.54 0.79
C GLU A 5 28.78 11.06 0.50
N GLU A 6 27.83 11.99 0.55
CA GLU A 6 26.42 11.65 0.34
C GLU A 6 26.22 11.06 -1.07
N GLN A 7 25.49 9.95 -1.15
CA GLN A 7 25.26 9.29 -2.43
C GLN A 7 24.03 9.87 -3.13
N LYS A 8 24.16 10.16 -4.42
CA LYS A 8 23.09 10.83 -5.16
C LYS A 8 22.42 9.83 -6.09
N LEU A 9 21.36 10.26 -6.78
CA LEU A 9 20.72 9.44 -7.79
C LEU A 9 21.59 9.39 -9.03
N TYR A 10 21.49 8.31 -9.80
CA TYR A 10 22.21 8.22 -11.06
C TYR A 10 21.20 8.19 -12.20
N ILE A 11 21.07 9.32 -12.88
CA ILE A 11 20.13 9.45 -13.99
C ILE A 11 20.81 10.14 -15.18
N GLY A 12 20.79 9.49 -16.33
CA GLY A 12 21.28 10.10 -17.56
C GLY A 12 22.79 10.16 -17.70
N GLY A 13 23.47 9.11 -17.23
CA GLY A 13 24.92 9.04 -17.34
C GLY A 13 25.68 9.94 -16.38
N ARG A 14 25.03 10.36 -15.30
CA ARG A 14 25.69 11.20 -14.30
C ARG A 14 24.90 11.19 -13.00
N TYR A 15 25.52 11.66 -11.93
CA TYR A 15 24.84 11.78 -10.65
C TYR A 15 24.00 13.03 -10.65
N VAL A 16 22.76 12.95 -10.16
CA VAL A 16 21.94 14.15 -10.03
C VAL A 16 21.31 14.21 -8.63
N GLU A 17 20.91 15.41 -8.21
CA GLU A 17 20.29 15.61 -6.90
C GLU A 17 18.85 15.10 -6.87
N ALA A 18 18.51 14.32 -5.86
CA ALA A 18 17.12 13.95 -5.62
C ALA A 18 16.32 15.20 -5.24
N SER A 19 14.99 15.07 -5.21
CA SER A 19 14.14 16.20 -4.87
C SER A 19 13.19 15.90 -3.70
N SER A 20 13.64 15.04 -2.80
CA SER A 20 12.83 14.68 -1.63
C SER A 20 13.25 15.48 -0.40
N GLY A 21 14.47 15.99 -0.39
CA GLY A 21 15.02 16.61 0.80
C GLY A 21 15.19 15.60 1.93
N ALA A 22 15.24 14.31 1.58
CA ALA A 22 15.34 13.25 2.58
C ALA A 22 16.46 12.26 2.27
N THR A 23 17.06 11.69 3.31
CA THR A 23 18.09 10.68 3.15
C THR A 23 17.88 9.52 4.10
N PHE A 24 18.59 8.41 3.83
CA PHE A 24 18.76 7.35 4.80
C PHE A 24 20.24 6.99 4.91
N GLU A 25 20.59 6.22 5.95
CA GLU A 25 21.97 5.79 6.14
C GLU A 25 22.17 4.35 5.69
N THR A 26 23.31 4.06 5.08
CA THR A 26 23.75 2.66 4.98
C THR A 26 24.87 2.42 5.99
N ILE A 27 24.80 1.29 6.69
CA ILE A 27 25.64 1.00 7.84
C ILE A 27 26.60 -0.17 7.57
N ASN A 28 27.85 -0.04 8.02
CA ASN A 28 28.81 -1.14 7.95
C ASN A 28 28.48 -2.14 9.06
N PRO A 29 28.03 -3.36 8.70
CA PRO A 29 27.65 -4.27 9.79
C PRO A 29 28.84 -4.81 10.57
N ALA A 30 30.07 -4.58 10.10
CA ALA A 30 31.25 -5.08 10.84
C ALA A 30 31.51 -4.24 12.08
N ASN A 31 31.11 -2.97 12.07
CA ASN A 31 31.46 -2.06 13.17
C ASN A 31 30.40 -1.02 13.50
N GLY A 32 29.31 -1.02 12.76
CA GLY A 32 28.21 -0.12 13.05
C GLY A 32 28.44 1.31 12.60
N GLU A 33 29.52 1.58 11.84
CA GLU A 33 29.81 2.94 11.34
C GLU A 33 28.87 3.28 10.19
N VAL A 34 28.53 4.56 10.07
CA VAL A 34 27.72 5.02 8.95
C VAL A 34 28.62 5.10 7.73
N LEU A 35 28.34 4.29 6.72
CA LEU A 35 29.15 4.33 5.49
C LEU A 35 28.84 5.60 4.69
N ALA A 36 27.56 5.91 4.57
CA ALA A 36 27.13 7.04 3.74
C ALA A 36 25.68 7.36 4.03
N LYS A 37 25.35 8.65 3.90
CA LYS A 37 23.96 9.07 3.79
C LYS A 37 23.58 8.87 2.32
N VAL A 38 22.35 8.43 2.09
CA VAL A 38 21.92 8.09 0.74
C VAL A 38 20.60 8.81 0.46
N GLN A 39 20.52 9.47 -0.68
CA GLN A 39 19.32 10.23 -1.04
C GLN A 39 18.13 9.35 -1.35
N ARG A 40 16.94 9.80 -0.93
CA ARG A 40 15.72 9.12 -1.28
C ARG A 40 15.13 9.74 -2.54
N ALA A 41 14.82 8.90 -3.53
CA ALA A 41 14.14 9.38 -4.73
C ALA A 41 12.70 9.76 -4.39
N SER A 42 12.26 10.89 -4.90
CA SER A 42 10.84 11.29 -4.84
C SER A 42 10.07 10.73 -6.04
N ARG A 43 8.76 10.93 -6.06
CA ARG A 43 7.92 10.48 -7.17
C ARG A 43 8.33 11.22 -8.45
N GLU A 44 8.63 12.51 -8.33
CA GLU A 44 9.12 13.29 -9.46
C GLU A 44 10.49 12.79 -9.96
N ASP A 45 11.33 12.26 -9.05
CA ASP A 45 12.61 11.70 -9.48
C ASP A 45 12.42 10.43 -10.30
N VAL A 46 11.40 9.65 -9.95
CA VAL A 46 11.02 8.50 -10.76
C VAL A 46 10.65 8.96 -12.18
N GLU A 47 9.80 9.97 -12.27
CA GLU A 47 9.34 10.48 -13.57
C GLU A 47 10.54 10.93 -14.39
N ARG A 48 11.50 11.56 -13.72
CA ARG A 48 12.69 12.04 -14.39
C ARG A 48 13.55 10.87 -14.90
N ALA A 49 13.64 9.81 -14.12
CA ALA A 49 14.40 8.63 -14.50
C ALA A 49 13.74 7.94 -15.70
N VAL A 50 12.40 7.94 -15.71
CA VAL A 50 11.67 7.29 -16.80
C VAL A 50 11.87 8.02 -18.13
N GLN A 51 11.81 9.35 -18.12
CA GLN A 51 11.96 10.11 -19.38
C GLN A 51 13.38 9.98 -19.92
N SER A 52 14.34 10.01 -19.03
CA SER A 52 15.74 9.77 -19.39
C SER A 52 15.89 8.38 -20.03
N ALA A 53 15.24 7.40 -19.42
CA ALA A 53 15.32 6.01 -19.87
C ALA A 53 14.63 5.78 -21.20
N VAL A 54 13.45 6.38 -21.36
CA VAL A 54 12.73 6.28 -22.63
C VAL A 54 13.60 6.76 -23.79
N GLU A 55 14.24 7.91 -23.61
CA GLU A 55 15.09 8.45 -24.67
C GLU A 55 16.38 7.66 -24.86
N GLY A 56 16.98 7.21 -23.76
CA GLY A 56 18.20 6.42 -23.86
C GLY A 56 17.99 5.10 -24.58
N GLN A 57 16.85 4.46 -24.31
CA GLN A 57 16.51 3.19 -24.90
C GLN A 57 16.40 3.27 -26.43
N LYS A 58 15.94 4.40 -26.95
CA LYS A 58 15.86 4.55 -28.40
C LYS A 58 17.25 4.55 -29.05
N VAL A 59 18.21 5.22 -28.43
CA VAL A 59 19.60 5.23 -28.91
C VAL A 59 20.19 3.81 -28.85
N TRP A 60 19.96 3.13 -27.73
CA TRP A 60 20.48 1.79 -27.49
C TRP A 60 19.88 0.81 -28.49
N ALA A 61 18.57 0.87 -28.65
CA ALA A 61 17.86 -0.11 -29.48
C ALA A 61 18.13 0.11 -30.95
N ALA A 62 18.38 1.36 -31.34
CA ALA A 62 18.75 1.68 -32.72
C ALA A 62 20.10 1.08 -33.13
N MET A 63 20.95 0.73 -32.17
CA MET A 63 22.19 0.03 -32.50
C MET A 63 21.91 -1.41 -32.94
N THR A 64 22.84 -2.02 -33.66
CA THR A 64 22.74 -3.45 -33.94
C THR A 64 23.00 -4.24 -32.67
N ALA A 65 22.57 -5.50 -32.65
CA ALA A 65 22.81 -6.36 -31.50
C ALA A 65 24.32 -6.50 -31.23
N MET A 66 25.12 -6.59 -32.28
CA MET A 66 26.56 -6.77 -32.12
C MET A 66 27.26 -5.50 -31.62
N GLN A 67 26.77 -4.35 -32.05
CA GLN A 67 27.23 -3.06 -31.50
C GLN A 67 26.99 -2.97 -30.00
N ARG A 68 25.80 -3.36 -29.56
CA ARG A 68 25.50 -3.43 -28.14
C ARG A 68 26.41 -4.42 -27.44
N SER A 69 26.61 -5.58 -28.07
N SER A 69 26.60 -5.58 -28.07
CA SER A 69 27.44 -6.64 -27.51
CA SER A 69 27.44 -6.63 -27.50
C SER A 69 28.87 -6.17 -27.20
C SER A 69 28.86 -6.15 -27.20
N ARG A 70 29.43 -5.38 -28.11
CA ARG A 70 30.80 -4.89 -27.96
C ARG A 70 30.91 -3.92 -26.78
N ILE A 71 29.94 -3.02 -26.68
CA ILE A 71 29.82 -2.12 -25.53
C ILE A 71 29.72 -2.91 -24.22
N LEU A 72 28.79 -3.86 -24.15
CA LEU A 72 28.67 -4.67 -22.94
C LEU A 72 29.98 -5.41 -22.60
N ARG A 73 30.71 -5.85 -23.61
N ARG A 73 30.71 -5.86 -23.60
CA ARG A 73 31.98 -6.56 -23.37
CA ARG A 73 31.96 -6.58 -23.32
C ARG A 73 33.00 -5.61 -22.80
C ARG A 73 33.02 -5.62 -22.82
N ARG A 74 32.91 -4.35 -23.21
CA ARG A 74 33.78 -3.31 -22.67
C ARG A 74 33.47 -3.12 -21.18
N ALA A 75 32.20 -3.21 -20.80
CA ALA A 75 31.86 -3.15 -19.37
C ALA A 75 32.38 -4.38 -18.64
N VAL A 76 32.27 -5.56 -19.27
CA VAL A 76 32.89 -6.79 -18.76
C VAL A 76 34.38 -6.58 -18.43
N ASP A 77 35.13 -6.02 -19.38
CA ASP A 77 36.56 -5.78 -19.19
C ASP A 77 36.82 -4.85 -18.00
N ILE A 78 36.00 -3.82 -17.86
CA ILE A 78 36.16 -2.89 -16.74
C ILE A 78 35.86 -3.59 -15.42
N LEU A 79 34.81 -4.40 -15.38
CA LEU A 79 34.42 -5.09 -14.16
C LEU A 79 35.53 -6.02 -13.67
N ARG A 80 36.20 -6.70 -14.59
CA ARG A 80 37.28 -7.59 -14.20
C ARG A 80 38.49 -6.81 -13.69
N GLU A 81 38.75 -5.64 -14.28
CA GLU A 81 39.83 -4.77 -13.79
C GLU A 81 39.55 -4.34 -12.36
N ARG A 82 38.31 -3.94 -12.09
CA ARG A 82 37.97 -3.34 -10.81
C ARG A 82 37.40 -4.37 -9.83
N ASN A 83 37.68 -5.64 -10.11
CA ASN A 83 37.10 -6.73 -9.34
C ASN A 83 37.36 -6.52 -7.86
N ASP A 84 38.63 -6.41 -7.50
CA ASP A 84 39.03 -6.31 -6.10
C ASP A 84 38.47 -5.08 -5.41
N GLU A 85 38.41 -3.98 -6.13
CA GLU A 85 37.91 -2.73 -5.57
C GLU A 85 36.41 -2.78 -5.34
N LEU A 86 35.68 -3.34 -6.29
CA LEU A 86 34.22 -3.49 -6.14
C LEU A 86 33.92 -4.50 -5.04
N ALA A 87 34.73 -5.54 -4.97
CA ALA A 87 34.56 -6.58 -3.96
C ALA A 87 34.69 -6.00 -2.56
N ALA A 88 35.71 -5.17 -2.36
CA ALA A 88 35.95 -4.58 -1.04
C ALA A 88 34.81 -3.64 -0.67
N LEU A 89 34.30 -2.90 -1.66
CA LEU A 89 33.14 -2.05 -1.41
C LEU A 89 31.92 -2.90 -1.04
N GLU A 90 31.67 -3.97 -1.79
CA GLU A 90 30.56 -4.88 -1.47
C GLU A 90 30.72 -5.44 -0.05
N THR A 91 31.94 -5.79 0.33
CA THR A 91 32.17 -6.30 1.69
C THR A 91 31.86 -5.24 2.75
N LEU A 92 32.26 -3.99 2.51
CA LEU A 92 31.90 -2.90 3.44
C LEU A 92 30.38 -2.82 3.65
N ASP A 93 29.65 -2.88 2.55
CA ASP A 93 28.23 -2.59 2.58
C ASP A 93 27.42 -3.80 3.08
N THR A 94 27.90 -5.02 2.82
CA THR A 94 27.11 -6.22 3.16
C THR A 94 27.64 -7.05 4.32
N GLY A 95 28.91 -6.88 4.67
CA GLY A 95 29.50 -7.69 5.71
C GLY A 95 30.02 -9.04 5.21
N LYS A 96 29.77 -9.36 3.95
CA LYS A 96 30.23 -10.66 3.43
C LYS A 96 31.74 -10.71 3.29
N PRO A 97 32.33 -11.86 3.61
CA PRO A 97 33.80 -11.92 3.62
C PRO A 97 34.40 -11.58 2.26
N LEU A 98 35.51 -10.85 2.27
CA LEU A 98 36.18 -10.48 1.04
C LEU A 98 36.59 -11.73 0.24
N ALA A 99 36.87 -12.83 0.95
CA ALA A 99 37.21 -14.08 0.24
C ALA A 99 36.05 -14.52 -0.66
N GLU A 100 34.82 -14.24 -0.26
CA GLU A 100 33.66 -14.50 -1.12
C GLU A 100 33.50 -13.43 -2.20
N THR A 101 33.41 -12.17 -1.78
CA THR A 101 33.12 -11.10 -2.73
C THR A 101 34.14 -11.00 -3.87
N ARG A 102 35.40 -11.29 -3.57
CA ARG A 102 36.48 -11.18 -4.55
C ARG A 102 36.46 -12.29 -5.59
N SER A 103 35.86 -13.41 -5.25
CA SER A 103 35.97 -14.58 -6.12
C SER A 103 34.62 -15.01 -6.69
N VAL A 104 33.54 -14.44 -6.16
CA VAL A 104 32.19 -14.83 -6.58
C VAL A 104 31.36 -13.68 -7.16
N ASP A 105 31.10 -12.65 -6.36
CA ASP A 105 30.08 -11.65 -6.69
C ASP A 105 30.32 -10.95 -8.03
N ILE A 106 31.49 -10.36 -8.21
CA ILE A 106 31.74 -9.62 -9.45
C ILE A 106 32.16 -10.55 -10.59
N VAL A 107 32.94 -11.58 -10.26
CA VAL A 107 33.36 -12.56 -11.25
C VAL A 107 32.17 -13.21 -11.97
N THR A 108 31.17 -13.66 -11.22
CA THR A 108 30.04 -14.34 -11.86
C THR A 108 29.11 -13.33 -12.56
N GLY A 109 28.94 -12.15 -11.96
CA GLY A 109 28.15 -11.11 -12.59
C GLY A 109 28.74 -10.69 -13.92
N ALA A 110 30.06 -10.48 -13.96
CA ALA A 110 30.72 -10.18 -15.23
C ALA A 110 30.56 -11.36 -16.22
N ASP A 111 30.70 -12.59 -15.72
CA ASP A 111 30.49 -13.79 -16.56
C ASP A 111 29.15 -13.76 -17.27
N VAL A 112 28.10 -13.42 -16.51
CA VAL A 112 26.75 -13.49 -17.08
C VAL A 112 26.52 -12.34 -18.08
N LEU A 113 27.13 -11.19 -17.82
CA LEU A 113 27.05 -10.09 -18.77
C LEU A 113 27.78 -10.51 -20.06
N GLU A 114 28.95 -11.10 -19.89
CA GLU A 114 29.73 -11.64 -21.01
C GLU A 114 28.92 -12.68 -21.79
N TYR A 115 28.26 -13.59 -21.07
CA TYR A 115 27.44 -14.61 -21.71
C TYR A 115 26.33 -14.04 -22.59
N TYR A 116 25.55 -13.10 -22.07
CA TYR A 116 24.42 -12.56 -22.84
C TYR A 116 24.87 -11.68 -24.01
N ALA A 117 25.98 -10.98 -23.83
CA ALA A 117 26.57 -10.21 -24.92
C ALA A 117 26.92 -11.10 -26.11
N GLY A 118 27.45 -12.30 -25.85
CA GLY A 118 27.79 -13.21 -26.94
C GLY A 118 26.58 -13.91 -27.56
N LEU A 119 25.54 -14.12 -26.77
CA LEU A 119 24.37 -14.91 -27.22
C LEU A 119 23.38 -14.09 -28.03
N VAL A 120 23.14 -12.84 -27.64
CA VAL A 120 22.09 -12.02 -28.24
C VAL A 120 22.11 -11.86 -29.79
N PRO A 121 23.31 -11.74 -30.41
CA PRO A 121 23.21 -11.61 -31.88
C PRO A 121 22.71 -12.88 -32.57
N ALA A 122 22.62 -13.98 -31.83
CA ALA A 122 22.10 -15.21 -32.44
C ALA A 122 20.59 -15.07 -32.70
N ILE A 123 19.88 -14.48 -31.76
CA ILE A 123 18.42 -14.35 -31.83
C ILE A 123 17.85 -13.84 -33.16
N SER A 124 17.02 -14.67 -33.79
CA SER A 124 16.28 -14.29 -34.98
C SER A 124 14.80 -14.63 -34.85
N GLY A 125 14.04 -14.38 -35.92
CA GLY A 125 12.62 -14.66 -35.90
C GLY A 125 12.26 -15.86 -36.77
N GLU A 126 10.96 -16.12 -36.87
CA GLU A 126 10.48 -17.24 -37.63
C GLU A 126 9.77 -16.74 -38.86
N GLN A 127 9.77 -17.55 -39.91
CA GLN A 127 8.97 -17.24 -41.07
C GLN A 127 8.12 -18.48 -41.40
N ILE A 128 6.84 -18.26 -41.66
CA ILE A 128 5.87 -19.34 -41.76
C ILE A 128 4.99 -19.10 -42.98
N PRO A 129 5.14 -19.93 -44.01
CA PRO A 129 4.21 -19.79 -45.13
C PRO A 129 2.81 -20.25 -44.71
N LEU A 130 1.78 -19.56 -45.21
CA LEU A 130 0.39 -19.91 -44.91
C LEU A 130 -0.24 -20.53 -46.14
N ARG A 131 0.06 -19.94 -47.29
CA ARG A 131 -0.36 -20.44 -48.59
C ARG A 131 0.56 -19.77 -49.61
N GLU A 132 0.29 -19.96 -50.89
CA GLU A 132 1.19 -19.47 -51.93
C GLU A 132 1.36 -17.96 -51.88
N THR A 133 0.27 -17.26 -51.58
CA THR A 133 0.22 -15.80 -51.65
C THR A 133 0.34 -15.15 -50.29
N SER A 134 0.58 -15.92 -49.24
CA SER A 134 0.57 -15.34 -47.91
C SER A 134 1.57 -15.97 -46.97
N PHE A 135 2.09 -15.16 -46.05
CA PHE A 135 3.03 -15.67 -45.05
C PHE A 135 3.02 -14.80 -43.79
N VAL A 136 3.54 -15.35 -42.71
CA VAL A 136 3.69 -14.56 -41.51
C VAL A 136 5.14 -14.69 -41.08
N TYR A 137 5.67 -13.64 -40.46
CA TYR A 137 6.99 -13.73 -39.86
C TYR A 137 6.94 -13.03 -38.52
N THR A 138 7.87 -13.40 -37.65
CA THR A 138 7.95 -12.78 -36.33
C THR A 138 9.29 -12.10 -36.16
N ARG A 139 9.33 -11.14 -35.25
CA ARG A 139 10.59 -10.61 -34.76
C ARG A 139 10.44 -10.27 -33.29
N ARG A 140 11.49 -10.49 -32.52
CA ARG A 140 11.48 -10.11 -31.13
C ARG A 140 11.98 -8.68 -30.98
N GLU A 141 11.23 -7.87 -30.24
CA GLU A 141 11.59 -6.48 -30.01
C GLU A 141 11.77 -6.26 -28.51
N PRO A 142 12.59 -5.25 -28.14
CA PRO A 142 12.77 -4.93 -26.71
C PRO A 142 11.43 -4.52 -26.10
N LEU A 143 11.24 -4.75 -24.80
CA LEU A 143 10.04 -4.29 -24.13
C LEU A 143 9.99 -2.77 -24.12
N GLY A 144 11.16 -2.15 -23.93
CA GLY A 144 11.25 -0.70 -23.74
C GLY A 144 12.04 -0.37 -22.50
N VAL A 145 11.35 0.16 -21.48
CA VAL A 145 11.95 0.44 -20.18
C VAL A 145 11.43 -0.56 -19.16
N VAL A 146 12.34 -1.23 -18.46
CA VAL A 146 11.98 -2.18 -17.43
C VAL A 146 12.57 -1.74 -16.10
N ALA A 147 12.09 -2.32 -15.01
CA ALA A 147 12.55 -1.93 -13.69
C ALA A 147 13.27 -3.11 -13.06
N GLY A 148 14.31 -2.86 -12.29
CA GLY A 148 14.93 -3.95 -11.55
C GLY A 148 14.98 -3.65 -10.08
N ILE A 149 14.66 -4.65 -9.25
CA ILE A 149 14.67 -4.45 -7.81
C ILE A 149 15.85 -5.24 -7.23
N GLY A 150 16.68 -4.57 -6.43
CA GLY A 150 17.88 -5.21 -5.92
C GLY A 150 17.65 -6.14 -4.74
N ALA A 151 18.59 -7.06 -4.53
CA ALA A 151 18.62 -7.97 -3.39
C ALA A 151 19.64 -7.43 -2.38
N TRP A 152 19.40 -7.65 -1.08
CA TRP A 152 20.36 -7.20 -0.07
C TRP A 152 21.51 -8.17 0.13
N ASN A 153 21.35 -9.42 -0.26
CA ASN A 153 22.38 -10.40 0.05
C ASN A 153 23.45 -10.48 -1.02
N TYR A 154 23.07 -10.29 -2.27
CA TYR A 154 24.06 -10.23 -3.35
C TYR A 154 23.78 -9.02 -4.24
N PRO A 155 24.05 -7.82 -3.71
CA PRO A 155 23.68 -6.57 -4.38
C PRO A 155 24.22 -6.45 -5.82
N VAL A 156 25.55 -6.49 -6.00
CA VAL A 156 26.06 -6.22 -7.35
C VAL A 156 25.86 -7.42 -8.29
N GLN A 157 25.96 -8.63 -7.75
CA GLN A 157 25.76 -9.82 -8.58
C GLN A 157 24.34 -9.83 -9.17
N ILE A 158 23.35 -9.53 -8.34
CA ILE A 158 21.96 -9.50 -8.79
C ILE A 158 21.67 -8.29 -9.67
N ALA A 159 22.33 -7.15 -9.39
CA ALA A 159 22.23 -6.01 -10.29
C ALA A 159 22.71 -6.40 -11.70
N LEU A 160 23.85 -7.09 -11.75
CA LEU A 160 24.36 -7.60 -13.03
C LEU A 160 23.44 -8.68 -13.63
N TRP A 161 22.94 -9.57 -12.79
CA TRP A 161 22.07 -10.64 -13.28
C TRP A 161 20.80 -10.10 -13.93
N LYS A 162 20.26 -9.03 -13.37
CA LYS A 162 19.03 -8.47 -13.94
C LYS A 162 19.32 -7.52 -15.11
N SER A 163 20.34 -6.68 -14.97
CA SER A 163 20.62 -5.72 -16.04
C SER A 163 21.18 -6.39 -17.31
N ALA A 164 21.98 -7.44 -17.16
CA ALA A 164 22.63 -8.07 -18.33
C ALA A 164 21.66 -8.51 -19.46
N PRO A 165 20.71 -9.42 -19.16
CA PRO A 165 19.84 -9.80 -20.29
C PRO A 165 18.96 -8.64 -20.77
N ALA A 166 18.60 -7.75 -19.86
CA ALA A 166 17.70 -6.65 -20.20
C ALA A 166 18.37 -5.69 -21.16
N LEU A 167 19.60 -5.29 -20.83
CA LEU A 167 20.40 -4.45 -21.71
C LEU A 167 20.81 -5.17 -23.01
N ALA A 168 21.20 -6.44 -22.91
CA ALA A 168 21.60 -7.18 -24.11
C ALA A 168 20.46 -7.16 -25.13
N ALA A 169 19.24 -7.30 -24.62
CA ALA A 169 18.04 -7.36 -25.47
C ALA A 169 17.57 -5.99 -25.93
N GLY A 170 18.30 -4.93 -25.60
CA GLY A 170 17.99 -3.61 -26.11
C GLY A 170 17.04 -2.74 -25.29
N ASN A 171 16.77 -3.14 -24.04
CA ASN A 171 15.98 -2.33 -23.12
C ASN A 171 16.82 -1.35 -22.31
N ALA A 172 16.15 -0.35 -21.73
CA ALA A 172 16.71 0.42 -20.62
C ALA A 172 16.19 -0.17 -19.31
N MET A 173 17.01 -0.12 -18.27
CA MET A 173 16.55 -0.54 -16.95
C MET A 173 16.68 0.58 -15.91
N ILE A 174 15.63 0.80 -15.14
CA ILE A 174 15.75 1.62 -13.94
C ILE A 174 15.89 0.66 -12.76
N PHE A 175 17.01 0.77 -12.05
CA PHE A 175 17.35 -0.16 -10.98
C PHE A 175 17.18 0.47 -9.60
N LYS A 176 16.54 -0.25 -8.68
CA LYS A 176 16.43 0.25 -7.31
C LYS A 176 17.10 -0.75 -6.39
N PRO A 177 18.30 -0.42 -5.89
CA PRO A 177 19.00 -1.37 -5.03
C PRO A 177 18.31 -1.44 -3.66
N SER A 178 18.55 -2.52 -2.93
CA SER A 178 18.02 -2.58 -1.57
C SER A 178 18.53 -1.41 -0.75
N GLU A 179 17.67 -0.84 0.10
CA GLU A 179 18.11 0.26 0.97
C GLU A 179 19.17 -0.21 1.96
N VAL A 180 19.24 -1.52 2.19
CA VAL A 180 20.24 -2.05 3.11
C VAL A 180 21.63 -2.00 2.47
N THR A 181 21.68 -2.10 1.13
CA THR A 181 22.97 -2.22 0.41
C THR A 181 23.00 -1.49 -0.93
N PRO A 182 22.97 -0.15 -0.92
CA PRO A 182 22.80 0.64 -2.14
C PRO A 182 24.09 1.03 -2.87
N LEU A 183 25.25 0.82 -2.26
CA LEU A 183 26.50 1.40 -2.77
C LEU A 183 27.04 0.88 -4.11
N THR A 184 27.07 -0.45 -4.29
CA THR A 184 27.69 -1.01 -5.50
C THR A 184 26.87 -0.79 -6.77
N ALA A 185 25.57 -0.64 -6.65
CA ALA A 185 24.72 -0.44 -7.83
C ALA A 185 25.06 0.91 -8.50
N LEU A 186 25.42 1.90 -7.68
CA LEU A 186 25.83 3.19 -8.25
C LEU A 186 27.16 3.02 -9.01
N LYS A 187 28.07 2.23 -8.46
CA LYS A 187 29.34 1.97 -9.13
C LYS A 187 29.11 1.27 -10.47
N LEU A 188 28.15 0.36 -10.50
CA LEU A 188 27.84 -0.35 -11.74
C LEU A 188 27.33 0.62 -12.81
N ALA A 189 26.51 1.57 -12.40
CA ALA A 189 25.97 2.57 -13.31
C ALA A 189 27.11 3.39 -13.95
N GLU A 190 28.10 3.77 -13.13
CA GLU A 190 29.28 4.51 -13.61
C GLU A 190 30.04 3.70 -14.65
N ILE A 191 30.16 2.40 -14.37
CA ILE A 191 30.91 1.50 -15.24
C ILE A 191 30.21 1.30 -16.60
N TYR A 192 28.89 1.15 -16.60
CA TYR A 192 28.16 1.05 -17.85
C TYR A 192 28.39 2.30 -18.71
N THR A 193 28.24 3.46 -18.10
CA THR A 193 28.50 4.72 -18.76
C THR A 193 29.93 4.78 -19.30
N GLU A 194 30.90 4.47 -18.45
CA GLU A 194 32.29 4.43 -18.90
C GLU A 194 32.51 3.46 -20.08
N ALA A 195 31.75 2.37 -20.11
CA ALA A 195 31.84 1.39 -21.20
C ALA A 195 31.25 1.87 -22.51
N GLY A 196 30.44 2.93 -22.48
CA GLY A 196 29.76 3.40 -23.66
C GLY A 196 28.26 3.14 -23.72
N VAL A 197 27.68 2.61 -22.65
CA VAL A 197 26.22 2.50 -22.61
C VAL A 197 25.63 3.91 -22.66
N PRO A 198 24.65 4.14 -23.55
CA PRO A 198 24.11 5.50 -23.70
C PRO A 198 23.48 6.02 -22.41
N ASP A 199 23.46 7.33 -22.25
CA ASP A 199 22.84 7.98 -21.10
C ASP A 199 21.36 7.60 -20.98
N GLY A 200 20.94 7.18 -19.79
CA GLY A 200 19.55 6.81 -19.57
C GLY A 200 19.28 5.31 -19.64
N VAL A 201 20.22 4.53 -20.19
CA VAL A 201 19.97 3.09 -20.37
C VAL A 201 20.05 2.29 -19.05
N PHE A 202 20.92 2.72 -18.16
CA PHE A 202 20.90 2.13 -16.82
C PHE A 202 20.92 3.25 -15.77
N ASN A 203 19.74 3.51 -15.19
CA ASN A 203 19.57 4.56 -14.19
C ASN A 203 19.39 3.89 -12.83
N VAL A 204 19.82 4.57 -11.77
CA VAL A 204 19.71 3.99 -10.43
C VAL A 204 18.99 4.97 -9.53
N LEU A 205 17.95 4.47 -8.86
CA LEU A 205 17.20 5.28 -7.90
C LEU A 205 17.26 4.60 -6.56
N THR A 206 17.71 5.32 -5.54
CA THR A 206 17.77 4.78 -4.19
C THR A 206 16.54 5.24 -3.42
N GLY A 207 16.15 4.45 -2.43
CA GLY A 207 14.94 4.76 -1.69
C GLY A 207 14.81 3.86 -0.49
N SER A 208 14.16 4.40 0.55
CA SER A 208 13.88 3.67 1.77
C SER A 208 12.45 3.12 1.71
N GLY A 209 12.25 1.94 2.30
CA GLY A 209 10.94 1.32 2.30
C GLY A 209 10.42 0.92 0.93
N ARG A 210 9.10 0.86 0.81
CA ARG A 210 8.45 0.30 -0.36
C ARG A 210 8.07 1.34 -1.41
N GLU A 211 8.25 2.63 -1.09
CA GLU A 211 7.70 3.68 -1.94
C GLU A 211 8.26 3.75 -3.37
N VAL A 212 9.58 3.77 -3.52
CA VAL A 212 10.17 3.86 -4.86
C VAL A 212 9.78 2.65 -5.69
N GLY A 213 9.78 1.46 -5.06
CA GLY A 213 9.32 0.25 -5.70
C GLY A 213 7.93 0.38 -6.27
N GLN A 214 6.98 0.82 -5.43
CA GLN A 214 5.60 1.05 -5.87
C GLN A 214 5.51 2.01 -7.03
N TRP A 215 6.25 3.12 -6.93
CA TRP A 215 6.21 4.14 -7.98
C TRP A 215 6.64 3.57 -9.33
N LEU A 216 7.67 2.74 -9.33
CA LEU A 216 8.08 2.05 -10.56
C LEU A 216 6.98 1.11 -11.05
N THR A 217 6.41 0.35 -10.12
CA THR A 217 5.35 -0.60 -10.46
C THR A 217 4.13 0.07 -11.08
N GLU A 218 3.75 1.22 -10.54
CA GLU A 218 2.58 1.93 -11.00
C GLU A 218 2.81 2.68 -12.31
N HIS A 219 4.07 2.84 -12.70
CA HIS A 219 4.33 3.68 -13.86
C HIS A 219 3.95 3.02 -15.19
N PRO A 220 3.10 3.71 -15.97
CA PRO A 220 2.56 3.19 -17.23
C PRO A 220 3.59 3.01 -18.34
N LEU A 221 4.77 3.62 -18.22
CA LEU A 221 5.81 3.44 -19.24
C LEU A 221 6.83 2.35 -18.85
N ILE A 222 6.64 1.76 -17.66
CA ILE A 222 7.53 0.70 -17.22
C ILE A 222 6.90 -0.67 -17.50
N GLU A 223 7.54 -1.42 -18.39
CA GLU A 223 6.93 -2.61 -18.98
C GLU A 223 6.97 -3.83 -18.07
N LYS A 224 7.98 -3.91 -17.21
CA LYS A 224 8.13 -5.07 -16.32
C LYS A 224 9.04 -4.75 -15.14
N GLY A 254 12.82 -17.39 -2.01
CA GLY A 254 13.21 -17.95 -0.74
C GLY A 254 12.65 -19.35 -0.54
N GLY A 255 13.23 -20.11 0.40
CA GLY A 255 12.77 -21.47 0.65
C GLY A 255 13.15 -22.06 1.99
N LYS A 256 12.81 -23.32 2.19
CA LYS A 256 13.33 -24.12 3.30
C LYS A 256 13.88 -25.44 2.72
N SER A 257 14.93 -25.30 1.93
CA SER A 257 15.42 -26.37 1.08
C SER A 257 15.94 -27.57 1.85
N PRO A 258 15.53 -28.78 1.43
CA PRO A 258 15.93 -30.00 2.14
C PRO A 258 17.23 -30.60 1.60
N LEU A 259 18.06 -31.08 2.52
CA LEU A 259 19.24 -31.83 2.14
C LEU A 259 19.08 -33.21 2.77
N ILE A 260 19.03 -34.24 1.92
CA ILE A 260 18.87 -35.59 2.43
C ILE A 260 20.17 -36.36 2.36
N ILE A 261 20.65 -36.78 3.52
CA ILE A 261 21.87 -37.57 3.60
C ILE A 261 21.49 -39.02 3.77
N PHE A 262 21.73 -39.81 2.72
CA PHE A 262 21.36 -41.23 2.75
C PHE A 262 22.41 -42.04 3.51
N PRO A 263 22.01 -43.20 4.07
CA PRO A 263 22.93 -43.98 4.91
C PRO A 263 24.18 -44.45 4.17
N ASP A 264 24.17 -44.51 2.84
CA ASP A 264 25.40 -44.87 2.13
C ASP A 264 26.27 -43.64 1.74
N ALA A 265 25.88 -42.45 2.20
CA ALA A 265 26.69 -41.26 1.95
C ALA A 265 28.07 -41.37 2.60
N ASP A 266 29.06 -40.73 1.99
CA ASP A 266 30.32 -40.43 2.64
C ASP A 266 30.01 -39.34 3.66
N LEU A 267 30.06 -39.67 4.95
CA LEU A 267 29.61 -38.73 6.00
C LEU A 267 30.49 -37.48 6.11
N ASP A 268 31.77 -37.59 5.83
CA ASP A 268 32.64 -36.42 5.82
C ASP A 268 32.22 -35.45 4.72
N ARG A 269 31.93 -35.98 3.53
CA ARG A 269 31.43 -35.17 2.43
C ARG A 269 30.09 -34.58 2.80
N ALA A 270 29.23 -35.38 3.42
CA ALA A 270 27.90 -34.89 3.81
C ALA A 270 28.02 -33.71 4.76
N ALA A 271 28.92 -33.82 5.73
CA ALA A 271 29.08 -32.75 6.72
C ALA A 271 29.62 -31.49 6.04
N ASP A 272 30.57 -31.68 5.11
CA ASP A 272 31.10 -30.56 4.31
C ASP A 272 29.95 -29.86 3.58
N ILE A 273 29.11 -30.65 2.93
CA ILE A 273 27.97 -30.12 2.19
C ILE A 273 26.99 -29.38 3.09
N ALA A 274 26.67 -29.98 4.24
CA ALA A 274 25.71 -29.37 5.16
C ALA A 274 26.23 -28.04 5.70
N VAL A 275 27.52 -27.99 6.04
CA VAL A 275 28.12 -26.77 6.55
C VAL A 275 28.13 -25.65 5.49
N MET A 276 28.54 -25.96 4.27
CA MET A 276 28.52 -24.99 3.17
C MET A 276 27.10 -24.54 2.89
N ALA A 277 26.18 -25.49 2.89
CA ALA A 277 24.78 -25.21 2.56
C ALA A 277 24.11 -24.34 3.60
N ASN A 278 24.75 -24.15 4.77
CA ASN A 278 24.12 -23.38 5.84
C ASN A 278 24.85 -22.11 6.28
N PHE A 279 26.17 -22.05 6.08
CA PHE A 279 26.98 -20.98 6.67
C PHE A 279 27.75 -20.12 5.66
N PHE A 280 27.71 -20.47 4.39
CA PHE A 280 28.28 -19.61 3.37
C PHE A 280 27.50 -18.29 3.36
N SER A 281 28.20 -17.16 3.19
CA SER A 281 27.59 -15.83 3.31
C SER A 281 26.82 -15.68 4.61
N SER A 282 27.35 -16.29 5.68
CA SER A 282 26.72 -16.28 6.99
C SER A 282 25.25 -16.72 6.96
N GLY A 283 24.94 -17.62 6.04
CA GLY A 283 23.60 -18.22 6.00
C GLY A 283 22.58 -17.35 5.30
N GLN A 284 23.03 -16.31 4.61
CA GLN A 284 22.11 -15.37 3.96
C GLN A 284 21.86 -15.67 2.48
N VAL A 285 21.66 -16.95 2.15
CA VAL A 285 21.47 -17.37 0.77
C VAL A 285 20.08 -18.01 0.63
N CSO A 286 19.37 -17.67 -0.44
CA CSO A 286 18.03 -18.17 -0.68
CB CSO A 286 17.41 -17.52 -1.95
SG CSO A 286 18.08 -15.85 -2.22
C CSO A 286 17.94 -19.69 -0.77
O CSO A 286 16.98 -20.30 -0.33
OD CSO A 286 19.78 -15.93 -2.81
N CYS A 286 19.36 -17.71 -0.44
CA CYS A 286 17.99 -18.22 -0.55
C CYS A 286 17.92 -19.72 -0.76
N THR A 287 18.98 -20.30 -1.33
CA THR A 287 18.97 -21.73 -1.65
C THR A 287 19.54 -22.62 -0.54
N ASN A 288 19.78 -22.06 0.63
CA ASN A 288 20.45 -22.82 1.70
C ASN A 288 19.72 -24.09 2.14
N GLY A 289 20.49 -25.15 2.39
CA GLY A 289 19.92 -26.44 2.82
C GLY A 289 19.68 -26.48 4.30
N THR A 290 18.66 -25.74 4.72
CA THR A 290 18.44 -25.44 6.13
C THR A 290 17.69 -26.55 6.86
N ARG A 291 17.24 -27.56 6.13
CA ARG A 291 16.63 -28.74 6.74
C ARG A 291 17.45 -29.95 6.35
N VAL A 292 18.25 -30.45 7.28
CA VAL A 292 19.19 -31.51 6.99
C VAL A 292 18.65 -32.81 7.56
N PHE A 293 18.31 -33.74 6.66
CA PHE A 293 17.83 -35.06 7.06
C PHE A 293 18.97 -36.08 7.18
N ILE A 294 19.06 -36.72 8.35
CA ILE A 294 20.12 -37.69 8.62
C ILE A 294 19.44 -38.95 9.17
N HIS A 295 19.93 -40.12 8.79
CA HIS A 295 19.30 -41.35 9.29
C HIS A 295 19.59 -41.54 10.77
N ARG A 296 18.62 -42.08 11.51
CA ARG A 296 18.76 -42.25 12.97
C ARG A 296 20.08 -42.92 13.37
N SER A 297 20.50 -43.91 12.61
CA SER A 297 21.72 -44.64 12.94
C SER A 297 22.98 -43.80 12.72
N GLN A 298 22.85 -42.68 12.00
CA GLN A 298 24.04 -41.88 11.71
C GLN A 298 24.05 -40.52 12.39
N GLN A 299 22.99 -40.22 13.13
CA GLN A 299 22.83 -38.90 13.74
C GLN A 299 24.00 -38.50 14.63
N ALA A 300 24.41 -39.38 15.54
CA ALA A 300 25.47 -39.04 16.49
C ALA A 300 26.79 -38.74 15.77
N ARG A 301 27.18 -39.62 14.85
CA ARG A 301 28.45 -39.44 14.16
C ARG A 301 28.40 -38.21 13.27
N PHE A 302 27.23 -37.96 12.65
CA PHE A 302 27.07 -36.80 11.79
C PHE A 302 27.18 -35.50 12.60
N GLU A 303 26.58 -35.45 13.79
CA GLU A 303 26.66 -34.23 14.62
C GLU A 303 28.09 -33.87 14.99
N ALA A 304 28.87 -34.89 15.38
CA ALA A 304 30.29 -34.67 15.69
C ALA A 304 31.07 -34.13 14.50
N LYS A 305 30.76 -34.61 13.30
CA LYS A 305 31.47 -34.14 12.11
C LYS A 305 31.10 -32.70 11.76
N VAL A 306 29.82 -32.37 11.93
CA VAL A 306 29.38 -30.98 11.72
C VAL A 306 30.05 -30.06 12.72
N LEU A 307 30.07 -30.50 13.98
CA LEU A 307 30.65 -29.74 15.08
C LEU A 307 32.13 -29.48 14.85
N GLU A 308 32.86 -30.50 14.40
CA GLU A 308 34.28 -30.32 14.08
C GLU A 308 34.48 -29.23 13.02
N ARG A 309 33.62 -29.22 12.01
CA ARG A 309 33.75 -28.23 10.93
C ARG A 309 33.34 -26.83 11.37
N VAL A 310 32.26 -26.75 12.16
CA VAL A 310 31.77 -25.47 12.68
C VAL A 310 32.80 -24.81 13.60
N GLN A 311 33.48 -25.62 14.42
CA GLN A 311 34.46 -25.11 15.36
C GLN A 311 35.70 -24.49 14.73
N ARG A 312 35.96 -24.79 13.46
CA ARG A 312 37.09 -24.15 12.79
C ARG A 312 36.67 -23.04 11.81
N ILE A 313 35.38 -22.70 11.79
CA ILE A 313 34.92 -21.56 11.02
C ILE A 313 35.65 -20.29 11.47
N ARG A 314 36.13 -19.48 10.53
CA ARG A 314 36.93 -18.31 10.90
C ARG A 314 36.08 -17.04 10.83
N LEU A 315 35.42 -16.75 11.95
CA LEU A 315 34.59 -15.57 12.10
C LEU A 315 35.51 -14.39 12.38
N GLY A 316 35.31 -13.27 11.70
CA GLY A 316 36.16 -12.11 11.96
C GLY A 316 35.86 -10.95 11.03
N ASP A 317 36.77 -9.99 11.02
CA ASP A 317 36.71 -8.84 10.12
C ASP A 317 36.56 -9.36 8.70
N PRO A 318 35.44 -9.03 8.05
CA PRO A 318 35.25 -9.56 6.69
C PRO A 318 36.23 -9.00 5.65
N GLN A 319 36.88 -7.85 5.91
CA GLN A 319 37.89 -7.34 4.98
C GLN A 319 39.22 -8.09 5.09
N ASP A 320 39.39 -8.83 6.19
CA ASP A 320 40.56 -9.70 6.37
C ASP A 320 40.34 -10.92 5.47
N GLU A 321 41.27 -11.13 4.53
CA GLU A 321 41.16 -12.20 3.52
C GLU A 321 41.06 -13.59 4.14
N ASN A 322 41.50 -13.74 5.40
CA ASN A 322 41.44 -15.03 6.07
C ASN A 322 40.09 -15.33 6.73
N THR A 323 39.22 -14.34 6.79
CA THR A 323 37.88 -14.55 7.36
C THR A 323 37.03 -15.35 6.38
N ASN A 324 36.30 -16.36 6.86
CA ASN A 324 35.30 -17.00 5.98
C ASN A 324 33.86 -16.94 6.50
N PHE A 325 33.63 -16.13 7.53
CA PHE A 325 32.29 -15.98 8.09
C PHE A 325 32.16 -14.56 8.66
N GLY A 326 31.30 -13.74 8.08
CA GLY A 326 31.21 -12.36 8.54
C GLY A 326 29.99 -12.12 9.40
N PRO A 327 29.75 -10.84 9.75
CA PRO A 327 28.54 -10.44 10.44
C PRO A 327 27.35 -10.60 9.50
N LEU A 328 26.12 -10.52 10.03
CA LEU A 328 24.95 -10.45 9.18
C LEU A 328 24.89 -9.08 8.50
N VAL A 329 23.98 -8.92 7.54
CA VAL A 329 23.99 -7.72 6.70
C VAL A 329 23.62 -6.44 7.47
N SER A 330 22.86 -6.59 8.54
CA SER A 330 22.37 -5.41 9.27
C SER A 330 22.02 -5.80 10.68
N PHE A 331 21.90 -4.79 11.54
CA PHE A 331 21.54 -5.05 12.94
C PHE A 331 20.08 -5.50 13.09
N PRO A 332 19.15 -4.91 12.33
CA PRO A 332 17.78 -5.46 12.43
C PRO A 332 17.68 -6.91 11.97
N HIS A 333 18.42 -7.30 10.93
CA HIS A 333 18.37 -8.70 10.49
C HIS A 333 18.96 -9.61 11.58
N MET A 334 19.99 -9.12 12.27
CA MET A 334 20.56 -9.87 13.39
C MET A 334 19.53 -10.09 14.48
N GLU A 335 18.77 -9.06 14.81
CA GLU A 335 17.73 -9.19 15.81
C GLU A 335 16.67 -10.23 15.41
N SER A 336 16.32 -10.27 14.14
CA SER A 336 15.34 -11.24 13.66
C SER A 336 15.86 -12.69 13.77
N VAL A 337 17.12 -12.89 13.41
CA VAL A 337 17.74 -14.21 13.55
C VAL A 337 17.81 -14.64 15.01
N LEU A 338 18.23 -13.74 15.89
CA LEU A 338 18.26 -14.05 17.32
C LEU A 338 16.84 -14.43 17.85
N GLY A 339 15.80 -13.79 17.33
CA GLY A 339 14.43 -14.14 17.68
C GLY A 339 14.08 -15.58 17.27
N TYR A 340 14.52 -15.98 16.09
CA TYR A 340 14.31 -17.36 15.65
C TYR A 340 15.07 -18.33 16.52
N ILE A 341 16.29 -17.98 16.90
CA ILE A 341 17.09 -18.85 17.75
C ILE A 341 16.40 -19.04 19.11
N GLU A 342 15.88 -17.93 19.67
CA GLU A 342 15.07 -18.00 20.88
C GLU A 342 13.87 -18.94 20.72
N SER A 343 13.23 -18.87 19.56
CA SER A 343 12.09 -19.74 19.29
C SER A 343 12.50 -21.22 19.26
N GLY A 344 13.66 -21.50 18.66
CA GLY A 344 14.18 -22.86 18.64
C GLY A 344 14.35 -23.41 20.05
N LYS A 345 14.95 -22.62 20.94
CA LYS A 345 15.14 -23.04 22.32
C LYS A 345 13.81 -23.24 23.01
N ALA A 346 12.86 -22.36 22.72
CA ALA A 346 11.55 -22.42 23.37
C ALA A 346 10.83 -23.71 22.99
N GLN A 347 10.97 -24.15 21.74
CA GLN A 347 10.28 -25.35 21.33
C GLN A 347 11.14 -26.59 21.55
N LYS A 348 12.18 -26.42 22.35
CA LYS A 348 13.02 -27.52 22.82
C LYS A 348 13.80 -28.27 21.74
N ALA A 349 14.22 -27.57 20.67
CA ALA A 349 15.20 -28.17 19.79
C ALA A 349 16.50 -28.24 20.62
N ARG A 350 17.34 -29.24 20.39
CA ARG A 350 18.60 -29.30 21.12
C ARG A 350 19.62 -28.40 20.41
N LEU A 351 20.17 -27.45 21.15
CA LEU A 351 21.16 -26.52 20.58
C LEU A 351 22.54 -27.17 20.59
N LEU A 352 23.02 -27.58 19.42
CA LEU A 352 24.28 -28.27 19.36
C LEU A 352 25.45 -27.28 19.52
N CYS A 353 25.39 -26.16 18.82
CA CYS A 353 26.43 -25.14 18.98
C CYS A 353 25.94 -23.76 18.55
N GLY A 354 26.70 -22.73 18.90
CA GLY A 354 26.33 -21.35 18.53
C GLY A 354 25.13 -20.90 19.33
N GLY A 355 24.23 -20.13 18.72
CA GLY A 355 23.00 -19.77 19.41
C GLY A 355 23.00 -18.41 20.08
N GLU A 356 24.00 -17.60 19.80
CA GLU A 356 24.06 -16.27 20.37
C GLU A 356 24.92 -15.29 19.57
N ARG A 357 24.74 -14.02 19.86
CA ARG A 357 25.54 -12.95 19.30
C ARG A 357 26.98 -13.05 19.80
N VAL A 358 27.95 -12.82 18.92
CA VAL A 358 29.37 -12.85 19.31
C VAL A 358 29.79 -11.45 19.70
N THR A 359 30.19 -11.26 20.96
CA THR A 359 30.48 -9.92 21.47
C THR A 359 31.91 -9.68 21.95
N ASP A 360 32.75 -10.71 21.90
CA ASP A 360 34.14 -10.59 22.33
C ASP A 360 34.91 -9.56 21.51
N GLY A 361 35.67 -8.71 22.20
CA GLY A 361 36.50 -7.72 21.53
C GLY A 361 35.73 -6.83 20.59
N ALA A 362 36.29 -6.59 19.40
CA ALA A 362 35.71 -5.63 18.47
C ALA A 362 34.38 -6.11 17.88
N PHE A 363 34.10 -7.40 18.04
CA PHE A 363 32.91 -8.02 17.45
C PHE A 363 31.60 -7.47 18.00
N GLY A 364 31.61 -7.03 19.26
CA GLY A 364 30.43 -6.46 19.89
C GLY A 364 29.92 -5.17 19.24
N LYS A 365 30.76 -4.56 18.42
CA LYS A 365 30.34 -3.37 17.68
C LYS A 365 29.72 -3.73 16.33
N GLY A 366 29.88 -4.99 15.93
CA GLY A 366 29.30 -5.48 14.70
C GLY A 366 28.04 -6.32 14.93
N ALA A 367 27.44 -6.80 13.84
CA ALA A 367 26.21 -7.58 13.91
C ALA A 367 26.53 -9.05 13.73
N TYR A 368 27.30 -9.63 14.66
CA TYR A 368 27.75 -11.00 14.51
C TYR A 368 26.88 -12.00 15.26
N VAL A 369 26.37 -12.98 14.52
CA VAL A 369 25.70 -14.16 15.08
C VAL A 369 26.56 -15.41 14.83
N ALA A 370 26.84 -16.15 15.91
CA ALA A 370 27.64 -17.37 15.81
C ALA A 370 26.97 -18.37 14.87
N PRO A 371 27.77 -19.21 14.20
CA PRO A 371 27.19 -20.29 13.40
C PRO A 371 26.40 -21.21 14.32
N THR A 372 25.15 -21.48 13.96
CA THR A 372 24.22 -22.10 14.89
C THR A 372 23.64 -23.40 14.34
N VAL A 373 23.69 -24.46 15.15
CA VAL A 373 23.12 -25.74 14.76
C VAL A 373 22.14 -26.25 15.79
N PHE A 374 20.90 -26.48 15.36
CA PHE A 374 19.90 -27.15 16.19
C PHE A 374 19.74 -28.58 15.70
N THR A 375 19.45 -29.49 16.62
CA THR A 375 19.25 -30.88 16.25
C THR A 375 18.06 -31.43 17.06
N ASP A 376 17.70 -32.69 16.85
CA ASP A 376 16.44 -33.23 17.38
C ASP A 376 15.24 -32.35 16.98
N CYS A 377 15.28 -31.82 15.76
CA CYS A 377 14.22 -30.93 15.29
C CYS A 377 13.03 -31.75 14.81
N ARG A 378 11.86 -31.13 14.84
CA ARG A 378 10.60 -31.75 14.39
C ARG A 378 9.99 -30.87 13.31
N ASP A 379 9.19 -31.50 12.45
CA ASP A 379 8.62 -30.84 11.28
C ASP A 379 7.74 -29.62 11.61
N ASP A 380 7.10 -29.65 12.77
CA ASP A 380 6.17 -28.58 13.18
C ASP A 380 6.85 -27.40 13.88
N MET A 381 8.17 -27.45 14.05
CA MET A 381 8.85 -26.35 14.71
C MET A 381 8.97 -25.13 13.81
N THR A 382 8.90 -23.97 14.44
CA THR A 382 9.00 -22.70 13.72
C THR A 382 10.32 -22.58 12.98
N ILE A 383 11.42 -23.01 13.59
CA ILE A 383 12.70 -22.89 12.92
C ILE A 383 12.78 -23.83 11.72
N VAL A 384 11.94 -24.86 11.73
CA VAL A 384 11.93 -25.82 10.61
C VAL A 384 11.01 -25.38 9.48
N ARG A 385 9.90 -24.74 9.84
CA ARG A 385 8.89 -24.29 8.87
C ARG A 385 9.23 -22.98 8.20
N GLU A 386 9.88 -22.09 8.94
CA GLU A 386 10.07 -20.73 8.45
C GLU A 386 11.50 -20.46 7.99
N GLU A 387 11.60 -19.57 7.01
CA GLU A 387 12.89 -19.17 6.46
C GLU A 387 13.55 -18.17 7.39
N ILE A 388 14.79 -18.43 7.76
CA ILE A 388 15.48 -17.58 8.74
C ILE A 388 16.45 -16.58 8.09
N PHE A 389 17.09 -16.97 6.99
CA PHE A 389 18.10 -16.09 6.33
C PHE A 389 19.23 -15.72 7.27
N GLY A 390 19.66 -16.70 8.06
CA GLY A 390 20.76 -16.50 8.98
C GLY A 390 21.43 -17.85 9.18
N PRO A 391 22.50 -17.87 9.98
CA PRO A 391 23.29 -19.11 10.04
C PRO A 391 22.74 -20.06 11.09
N VAL A 392 21.60 -20.67 10.76
CA VAL A 392 20.89 -21.62 11.63
C VAL A 392 20.55 -22.91 10.88
N MET A 393 21.33 -23.95 11.14
CA MET A 393 21.04 -25.28 10.55
C MET A 393 20.05 -26.03 11.43
N SER A 394 19.08 -26.71 10.83
CA SER A 394 18.18 -27.61 11.56
C SER A 394 18.43 -29.05 11.13
N ILE A 395 18.82 -29.89 12.07
CA ILE A 395 19.03 -31.30 11.76
C ILE A 395 17.82 -32.14 12.14
N LEU A 396 17.32 -32.92 11.18
CA LEU A 396 16.16 -33.80 11.39
C LEU A 396 16.52 -35.25 11.14
N VAL A 397 16.05 -36.12 12.04
CA VAL A 397 16.25 -37.56 11.93
C VAL A 397 15.12 -38.23 11.14
N TYR A 398 15.46 -39.18 10.27
CA TYR A 398 14.47 -40.04 9.62
C TYR A 398 14.84 -41.52 9.80
N ASP A 399 13.89 -42.42 9.53
CA ASP A 399 14.14 -43.84 9.66
C ASP A 399 14.18 -44.59 8.33
N ASP A 400 13.40 -44.14 7.36
CA ASP A 400 13.47 -44.75 6.04
C ASP A 400 13.46 -43.71 4.92
N GLU A 401 13.91 -44.16 3.74
CA GLU A 401 14.15 -43.28 2.59
C GLU A 401 12.87 -42.62 2.05
N ASP A 402 11.78 -43.40 1.91
CA ASP A 402 10.50 -42.82 1.48
C ASP A 402 10.02 -41.73 2.45
N GLU A 403 10.23 -41.96 3.73
CA GLU A 403 9.80 -40.99 4.74
C GLU A 403 10.60 -39.67 4.58
N ALA A 404 11.92 -39.80 4.40
CA ALA A 404 12.77 -38.61 4.22
C ALA A 404 12.33 -37.82 2.99
N ILE A 405 12.06 -38.54 1.90
CA ILE A 405 11.61 -37.85 0.69
C ILE A 405 10.24 -37.18 0.93
N ARG A 406 9.32 -37.89 1.56
CA ARG A 406 7.99 -37.32 1.83
C ARG A 406 8.08 -36.04 2.67
N ARG A 407 8.88 -36.08 3.74
CA ARG A 407 8.98 -34.92 4.62
C ARG A 407 9.73 -33.77 3.94
N ALA A 408 10.72 -34.12 3.14
CA ALA A 408 11.46 -33.11 2.38
C ALA A 408 10.50 -32.34 1.46
N ASN A 409 9.61 -33.07 0.82
CA ASN A 409 8.62 -32.50 -0.08
C ASN A 409 7.46 -31.79 0.62
N ASP A 410 7.31 -32.01 1.92
CA ASP A 410 6.14 -31.49 2.64
C ASP A 410 6.38 -30.05 3.06
N THR A 411 6.21 -29.15 2.09
CA THR A 411 6.51 -27.75 2.32
C THR A 411 5.88 -26.87 1.24
N GLU A 412 5.57 -25.63 1.60
CA GLU A 412 5.04 -24.67 0.65
C GLU A 412 6.13 -24.21 -0.33
N TYR A 413 7.34 -24.04 0.20
CA TYR A 413 8.52 -23.70 -0.62
C TYR A 413 8.85 -24.80 -1.63
N GLY A 414 9.79 -24.53 -2.53
CA GLY A 414 10.20 -25.50 -3.53
C GLY A 414 11.36 -25.00 -4.38
N LEU A 415 12.27 -24.27 -3.77
CA LEU A 415 13.35 -23.64 -4.51
C LEU A 415 14.46 -24.64 -4.85
N ALA A 416 15.00 -25.32 -3.84
CA ALA A 416 16.13 -26.22 -4.06
C ALA A 416 16.06 -27.48 -3.20
N ALA A 417 16.85 -28.48 -3.56
CA ALA A 417 16.93 -29.73 -2.81
C ALA A 417 18.21 -30.44 -3.21
N GLY A 418 18.71 -31.29 -2.33
CA GLY A 418 19.89 -32.07 -2.62
C GLY A 418 19.91 -33.40 -1.90
N VAL A 419 20.69 -34.33 -2.45
CA VAL A 419 20.87 -35.62 -1.81
C VAL A 419 22.36 -35.93 -1.79
N VAL A 420 22.74 -36.72 -0.81
CA VAL A 420 24.09 -37.22 -0.75
C VAL A 420 24.02 -38.74 -0.67
N THR A 421 24.63 -39.39 -1.65
CA THR A 421 24.65 -40.84 -1.71
C THR A 421 25.71 -41.28 -2.73
N GLN A 422 26.27 -42.48 -2.56
CA GLN A 422 27.25 -42.97 -3.51
C GLN A 422 26.64 -43.92 -4.53
N ASP A 423 25.37 -44.25 -4.36
CA ASP A 423 24.70 -45.22 -5.22
C ASP A 423 24.08 -44.55 -6.45
N LEU A 424 24.37 -45.12 -7.63
CA LEU A 424 23.92 -44.52 -8.90
C LEU A 424 22.39 -44.40 -8.99
N ALA A 425 21.70 -45.52 -8.74
CA ALA A 425 20.25 -45.58 -8.86
C ALA A 425 19.57 -44.67 -7.83
N ARG A 426 20.01 -44.73 -6.58
CA ARG A 426 19.37 -43.93 -5.53
C ARG A 426 19.54 -42.43 -5.77
N ALA A 427 20.71 -42.01 -6.25
CA ALA A 427 20.95 -40.58 -6.49
C ALA A 427 19.94 -40.03 -7.48
N HIS A 428 19.79 -40.70 -8.62
CA HIS A 428 18.88 -40.19 -9.64
C HIS A 428 17.41 -40.43 -9.25
N ARG A 429 17.11 -41.62 -8.72
N ARG A 429 17.12 -41.62 -8.71
CA ARG A 429 15.74 -41.92 -8.34
CA ARG A 429 15.75 -41.95 -8.32
C ARG A 429 15.22 -40.92 -7.31
C ARG A 429 15.22 -40.93 -7.32
N ALA A 430 15.97 -40.72 -6.24
CA ALA A 430 15.57 -39.78 -5.20
C ALA A 430 15.41 -38.35 -5.74
N ILE A 431 16.36 -37.91 -6.54
CA ILE A 431 16.32 -36.52 -7.00
C ILE A 431 15.06 -36.29 -7.86
N HIS A 432 14.69 -37.30 -8.66
CA HIS A 432 13.51 -37.17 -9.53
C HIS A 432 12.20 -37.09 -8.72
N ARG A 433 12.21 -37.63 -7.51
CA ARG A 433 11.02 -37.62 -6.64
C ARG A 433 10.95 -36.35 -5.78
N LEU A 434 12.01 -35.56 -5.76
CA LEU A 434 12.02 -34.33 -4.96
C LEU A 434 11.37 -33.17 -5.71
N GLU A 435 10.52 -32.40 -5.02
CA GLU A 435 9.80 -31.29 -5.66
C GLU A 435 10.52 -29.95 -5.48
N ALA A 436 11.57 -29.74 -6.26
CA ALA A 436 12.27 -28.46 -6.26
C ALA A 436 12.84 -28.24 -7.64
N GLY A 437 13.06 -26.97 -8.00
CA GLY A 437 13.54 -26.64 -9.34
C GLY A 437 15.05 -26.73 -9.47
N ILE A 438 15.76 -26.46 -8.38
CA ILE A 438 17.21 -26.61 -8.36
C ILE A 438 17.61 -27.84 -7.54
N CYS A 439 18.23 -28.82 -8.19
CA CYS A 439 18.57 -30.07 -7.50
C CYS A 439 20.05 -30.41 -7.57
N TRP A 440 20.60 -30.82 -6.43
CA TRP A 440 22.02 -31.14 -6.35
C TRP A 440 22.30 -32.57 -5.87
N ILE A 441 23.18 -33.27 -6.57
CA ILE A 441 23.61 -34.60 -6.12
C ILE A 441 25.06 -34.53 -5.68
N ASN A 442 25.32 -34.82 -4.39
CA ASN A 442 26.67 -34.86 -3.83
C ASN A 442 27.41 -33.54 -3.95
N THR A 443 26.64 -32.44 -3.93
CA THR A 443 27.20 -31.11 -3.90
C THR A 443 26.15 -30.16 -3.39
N TRP A 444 26.48 -28.89 -3.30
CA TRP A 444 25.45 -27.91 -2.96
C TRP A 444 25.91 -26.55 -3.40
N GLY A 445 24.97 -25.70 -3.80
CA GLY A 445 25.28 -24.28 -3.85
C GLY A 445 25.45 -23.66 -5.21
N GLU A 446 25.89 -24.42 -6.19
CA GLU A 446 26.10 -23.82 -7.51
C GLU A 446 24.76 -23.80 -8.26
N SER A 447 24.16 -22.62 -8.42
CA SER A 447 22.81 -22.51 -9.00
C SER A 447 22.83 -22.23 -10.52
N PRO A 448 21.78 -22.66 -11.24
CA PRO A 448 21.71 -22.43 -12.70
C PRO A 448 21.88 -20.95 -13.07
N ALA A 449 22.69 -20.69 -14.10
CA ALA A 449 23.03 -19.32 -14.50
C ALA A 449 21.86 -18.47 -14.96
N GLU A 450 20.76 -19.12 -15.34
CA GLU A 450 19.56 -18.39 -15.80
C GLU A 450 18.63 -17.99 -14.65
N MET A 451 19.01 -18.30 -13.42
CA MET A 451 18.17 -17.93 -12.28
C MET A 451 18.82 -16.81 -11.48
N PRO A 452 18.07 -15.73 -11.24
CA PRO A 452 18.58 -14.55 -10.53
C PRO A 452 18.68 -14.85 -9.03
N VAL A 453 19.45 -15.89 -8.71
CA VAL A 453 19.72 -16.31 -7.36
C VAL A 453 21.19 -15.98 -7.08
N GLY A 454 21.48 -15.30 -5.97
CA GLY A 454 22.85 -14.99 -5.62
C GLY A 454 23.65 -16.22 -5.17
N GLY A 455 24.97 -16.05 -5.08
CA GLY A 455 25.86 -17.11 -4.61
C GLY A 455 26.63 -17.75 -5.76
N TYR A 456 27.19 -18.93 -5.50
CA TYR A 456 27.91 -19.70 -6.52
C TYR A 456 26.98 -19.94 -7.71
N LYS A 457 27.55 -19.91 -8.92
CA LYS A 457 26.78 -20.13 -10.14
C LYS A 457 27.40 -21.24 -10.98
N GLN A 458 26.55 -22.02 -11.63
CA GLN A 458 27.04 -23.06 -12.53
C GLN A 458 27.82 -22.40 -13.66
N SER A 459 29.03 -22.91 -13.91
CA SER A 459 29.92 -22.43 -14.96
C SER A 459 29.56 -23.13 -16.27
N GLY A 460 28.35 -22.88 -16.74
CA GLY A 460 27.82 -23.49 -17.96
C GLY A 460 26.34 -23.14 -18.03
N VAL A 461 25.87 -22.79 -19.22
CA VAL A 461 24.48 -22.39 -19.39
C VAL A 461 23.85 -23.22 -20.52
N GLY A 462 22.65 -23.73 -20.28
CA GLY A 462 21.91 -24.40 -21.33
C GLY A 462 21.54 -23.40 -22.42
N ARG A 463 21.71 -23.75 -23.69
CA ARG A 463 21.29 -22.89 -24.79
C ARG A 463 19.82 -22.47 -24.66
N GLU A 464 18.91 -23.42 -24.44
CA GLU A 464 17.50 -23.06 -24.29
C GLU A 464 17.25 -22.15 -23.09
N ASN A 465 17.90 -22.43 -21.96
CA ASN A 465 17.76 -21.59 -20.77
C ASN A 465 18.19 -20.16 -21.03
N GLY A 466 19.33 -20.00 -21.70
CA GLY A 466 19.85 -18.68 -22.03
C GLY A 466 18.92 -17.97 -23.00
N LEU A 467 18.54 -18.63 -24.09
CA LEU A 467 17.63 -18.04 -25.07
C LEU A 467 16.29 -17.65 -24.45
N THR A 468 15.77 -18.51 -23.59
CA THR A 468 14.51 -18.25 -22.90
C THR A 468 14.58 -17.07 -21.97
N THR A 469 15.70 -16.91 -21.26
CA THR A 469 15.83 -15.76 -20.37
C THR A 469 15.80 -14.48 -21.19
N LEU A 470 16.50 -14.48 -22.32
CA LEU A 470 16.48 -13.31 -23.21
C LEU A 470 15.09 -12.98 -23.71
N ALA A 471 14.29 -14.01 -23.98
CA ALA A 471 12.94 -13.79 -24.47
C ALA A 471 12.04 -13.13 -23.43
N HIS A 472 12.37 -13.28 -22.16
CA HIS A 472 11.58 -12.65 -21.10
C HIS A 472 11.73 -11.14 -21.13
N TYR A 473 12.74 -10.66 -21.85
CA TYR A 473 13.00 -9.23 -21.90
C TYR A 473 12.68 -8.66 -23.28
N THR A 474 11.93 -9.44 -24.06
CA THR A 474 11.51 -9.03 -25.39
C THR A 474 10.03 -9.35 -25.58
N ARG A 475 9.41 -8.75 -26.59
CA ARG A 475 8.07 -9.16 -26.99
C ARG A 475 8.11 -9.60 -28.44
N ILE A 476 7.20 -10.51 -28.80
CA ILE A 476 7.10 -10.99 -30.17
C ILE A 476 6.12 -10.14 -30.98
N LYS A 477 6.56 -9.65 -32.12
CA LYS A 477 5.65 -9.02 -33.09
C LYS A 477 5.47 -9.99 -34.25
N SER A 478 4.22 -10.27 -34.59
CA SER A 478 3.87 -11.13 -35.72
C SER A 478 3.35 -10.27 -36.85
N VAL A 479 3.90 -10.46 -38.05
CA VAL A 479 3.46 -9.69 -39.20
C VAL A 479 2.98 -10.63 -40.29
N GLN A 480 1.71 -10.51 -40.67
CA GLN A 480 1.18 -11.32 -41.76
C GLN A 480 0.92 -10.46 -43.00
N VAL A 481 1.47 -10.89 -44.13
CA VAL A 481 1.35 -10.18 -45.37
C VAL A 481 0.50 -10.98 -46.33
N GLU A 482 -0.52 -10.33 -46.88
CA GLU A 482 -1.31 -10.96 -47.93
C GLU A 482 -0.88 -10.37 -49.26
N LEU A 483 -0.34 -11.21 -50.13
CA LEU A 483 0.11 -10.76 -51.45
C LEU A 483 -0.92 -11.02 -52.54
N GLY A 484 -1.89 -11.89 -52.25
CA GLY A 484 -2.96 -12.12 -53.23
C GLY A 484 -4.21 -11.28 -52.99
N ASP A 485 -5.32 -11.72 -53.55
CA ASP A 485 -6.62 -11.10 -53.28
C ASP A 485 -7.04 -11.35 -51.83
N TYR A 486 -7.82 -10.42 -51.27
CA TYR A 486 -8.35 -10.59 -49.93
C TYR A 486 -9.79 -11.11 -50.02
N ALA A 487 -10.13 -12.14 -49.27
CA ALA A 487 -11.50 -12.67 -49.33
C ALA A 487 -12.37 -12.16 -48.19
N SER A 488 -13.61 -11.83 -48.51
CA SER A 488 -14.57 -11.32 -47.53
C SER A 488 -15.88 -12.09 -47.64
N VAL A 489 -16.56 -12.29 -46.52
CA VAL A 489 -17.86 -12.97 -46.55
C VAL A 489 -19.02 -11.99 -46.77
N PHE A 490 -18.71 -10.70 -46.82
CA PHE A 490 -19.73 -9.67 -46.92
C PHE A 490 -19.86 -9.01 -48.31
N ALA B 2 -21.11 -21.76 7.10
CA ALA B 2 -22.20 -22.66 6.74
C ALA B 2 -23.36 -22.57 7.72
N ARG B 3 -23.09 -22.13 8.96
CA ARG B 3 -24.18 -21.91 9.90
C ARG B 3 -25.11 -20.77 9.47
N PHE B 4 -24.53 -19.67 9.03
CA PHE B 4 -25.32 -18.53 8.57
C PHE B 4 -25.10 -18.34 7.09
N GLU B 5 -25.95 -17.52 6.47
CA GLU B 5 -25.84 -17.25 5.05
C GLU B 5 -24.64 -16.35 4.82
N GLU B 6 -24.28 -16.16 3.55
CA GLU B 6 -23.19 -15.25 3.21
C GLU B 6 -23.49 -13.84 3.71
N GLN B 7 -22.50 -13.22 4.34
CA GLN B 7 -22.65 -11.85 4.83
C GLN B 7 -22.21 -10.86 3.76
N LYS B 8 -23.11 -9.95 3.39
CA LYS B 8 -22.84 -8.94 2.35
C LYS B 8 -22.34 -7.63 2.96
N LEU B 9 -21.93 -6.69 2.10
CA LEU B 9 -21.61 -5.33 2.56
C LEU B 9 -22.89 -4.61 2.96
N TYR B 10 -22.76 -3.61 3.85
CA TYR B 10 -23.90 -2.79 4.22
C TYR B 10 -23.70 -1.35 3.79
N ILE B 11 -24.44 -0.92 2.76
CA ILE B 11 -24.32 0.44 2.24
C ILE B 11 -25.70 1.00 1.87
N GLY B 12 -26.00 2.20 2.37
CA GLY B 12 -27.27 2.85 2.04
C GLY B 12 -28.48 2.16 2.63
N GLY B 13 -28.39 1.79 3.90
CA GLY B 13 -29.52 1.25 4.64
C GLY B 13 -29.97 -0.12 4.16
N ARG B 14 -29.06 -0.84 3.52
CA ARG B 14 -29.35 -2.19 3.05
C ARG B 14 -28.08 -2.95 2.73
N TYR B 15 -28.23 -4.27 2.57
CA TYR B 15 -27.12 -5.12 2.18
C TYR B 15 -26.99 -5.08 0.66
N VAL B 16 -25.78 -4.90 0.17
CA VAL B 16 -25.51 -4.96 -1.26
C VAL B 16 -24.33 -5.87 -1.54
N GLU B 17 -24.28 -6.39 -2.76
CA GLU B 17 -23.19 -7.26 -3.20
C GLU B 17 -21.87 -6.52 -3.34
N ALA B 18 -20.79 -7.12 -2.85
CA ALA B 18 -19.44 -6.60 -3.07
C ALA B 18 -19.06 -6.81 -4.53
N SER B 19 -18.16 -5.99 -5.06
CA SER B 19 -17.84 -6.06 -6.49
C SER B 19 -16.84 -7.16 -6.83
N SER B 20 -16.07 -7.59 -5.84
CA SER B 20 -15.21 -8.76 -6.00
C SER B 20 -16.04 -10.01 -5.78
N GLY B 21 -15.49 -11.15 -6.12
CA GLY B 21 -16.15 -12.41 -5.82
C GLY B 21 -15.47 -13.08 -4.64
N ALA B 22 -14.52 -12.38 -4.04
CA ALA B 22 -13.72 -12.96 -2.98
C ALA B 22 -14.49 -12.92 -1.66
N THR B 23 -14.33 -13.98 -0.87
CA THR B 23 -14.91 -14.06 0.46
C THR B 23 -13.85 -14.60 1.41
N PHE B 24 -14.06 -14.37 2.70
CA PHE B 24 -13.29 -15.07 3.74
C PHE B 24 -14.27 -15.75 4.69
N GLU B 25 -13.74 -16.52 5.64
CA GLU B 25 -14.59 -17.21 6.61
C GLU B 25 -14.40 -16.59 7.98
N THR B 26 -15.46 -16.60 8.78
CA THR B 26 -15.35 -16.31 10.20
C THR B 26 -15.64 -17.62 10.95
N ILE B 27 -14.81 -17.94 11.94
CA ILE B 27 -14.85 -19.24 12.60
C ILE B 27 -15.30 -19.12 14.05
N ASN B 28 -16.11 -20.08 14.50
CA ASN B 28 -16.45 -20.18 15.91
C ASN B 28 -15.27 -20.80 16.65
N PRO B 29 -14.58 -20.01 17.51
CA PRO B 29 -13.36 -20.52 18.14
C PRO B 29 -13.63 -21.61 19.17
N ALA B 30 -14.89 -21.79 19.54
CA ALA B 30 -15.24 -22.80 20.55
C ALA B 30 -15.30 -24.20 19.95
N ASN B 31 -15.52 -24.30 18.64
CA ASN B 31 -15.71 -25.62 18.02
C ASN B 31 -15.13 -25.76 16.63
N GLY B 32 -14.54 -24.70 16.11
CA GLY B 32 -13.90 -24.75 14.80
C GLY B 32 -14.87 -24.72 13.63
N GLU B 33 -16.15 -24.51 13.92
CA GLU B 33 -17.15 -24.47 12.84
C GLU B 33 -17.18 -23.14 12.08
N VAL B 34 -17.46 -23.22 10.78
CA VAL B 34 -17.59 -22.04 9.94
C VAL B 34 -18.93 -21.33 10.20
N LEU B 35 -18.86 -20.14 10.79
CA LEU B 35 -20.08 -19.39 11.07
C LEU B 35 -20.66 -18.78 9.81
N ALA B 36 -19.80 -18.20 8.98
CA ALA B 36 -20.27 -17.63 7.72
C ALA B 36 -19.13 -17.33 6.76
N LYS B 37 -19.46 -17.34 5.48
CA LYS B 37 -18.62 -16.74 4.45
C LYS B 37 -18.94 -15.26 4.49
N VAL B 38 -17.90 -14.43 4.39
CA VAL B 38 -18.07 -12.99 4.45
C VAL B 38 -17.42 -12.37 3.23
N GLN B 39 -18.11 -11.43 2.59
CA GLN B 39 -17.61 -10.80 1.37
C GLN B 39 -16.49 -9.79 1.62
N ARG B 40 -15.51 -9.76 0.71
CA ARG B 40 -14.40 -8.81 0.81
C ARG B 40 -14.67 -7.62 -0.11
N ALA B 41 -14.56 -6.42 0.45
CA ALA B 41 -14.86 -5.21 -0.33
C ALA B 41 -13.70 -4.86 -1.25
N SER B 42 -14.02 -4.41 -2.47
CA SER B 42 -13.00 -3.89 -3.36
C SER B 42 -12.84 -2.39 -3.16
N ARG B 43 -11.90 -1.80 -3.89
CA ARG B 43 -11.69 -0.36 -3.85
C ARG B 43 -12.92 0.36 -4.39
N GLU B 44 -13.62 -0.27 -5.34
CA GLU B 44 -14.83 0.31 -5.89
C GLU B 44 -15.95 0.35 -4.86
N ASP B 45 -16.01 -0.65 -4.00
CA ASP B 45 -17.01 -0.68 -2.93
C ASP B 45 -16.76 0.42 -1.90
N VAL B 46 -15.48 0.70 -1.64
CA VAL B 46 -15.09 1.83 -0.80
C VAL B 46 -15.62 3.13 -1.40
N GLU B 47 -15.42 3.31 -2.70
CA GLU B 47 -15.93 4.49 -3.39
C GLU B 47 -17.45 4.57 -3.27
N ARG B 48 -18.11 3.43 -3.51
CA ARG B 48 -19.57 3.34 -3.37
C ARG B 48 -20.02 3.74 -1.96
N ALA B 49 -19.40 3.13 -0.95
CA ALA B 49 -19.74 3.44 0.42
C ALA B 49 -19.49 4.92 0.74
N VAL B 50 -18.39 5.47 0.23
CA VAL B 50 -18.04 6.88 0.49
C VAL B 50 -19.04 7.86 -0.15
N GLN B 51 -19.46 7.58 -1.38
CA GLN B 51 -20.42 8.45 -2.04
C GLN B 51 -21.76 8.38 -1.31
N SER B 52 -22.13 7.18 -0.87
CA SER B 52 -23.32 7.00 -0.05
C SER B 52 -23.21 7.79 1.25
N ALA B 53 -22.05 7.70 1.90
CA ALA B 53 -21.81 8.42 3.16
C ALA B 53 -21.93 9.93 2.98
N VAL B 54 -21.33 10.46 1.91
CA VAL B 54 -21.37 11.89 1.62
C VAL B 54 -22.80 12.43 1.61
N GLU B 55 -23.67 11.73 0.89
CA GLU B 55 -25.08 12.13 0.78
C GLU B 55 -25.90 11.88 2.04
N GLY B 56 -25.71 10.73 2.68
CA GLY B 56 -26.42 10.45 3.92
C GLY B 56 -26.09 11.48 4.97
N GLN B 57 -24.81 11.84 5.04
CA GLN B 57 -24.31 12.82 6.01
C GLN B 57 -25.01 14.17 5.87
N LYS B 58 -25.30 14.59 4.64
CA LYS B 58 -25.97 15.86 4.43
C LYS B 58 -27.37 15.88 5.02
N VAL B 59 -28.12 14.80 4.80
CA VAL B 59 -29.44 14.62 5.42
C VAL B 59 -29.36 14.59 6.95
N TRP B 60 -28.40 13.83 7.46
CA TRP B 60 -28.19 13.70 8.90
C TRP B 60 -27.85 15.07 9.52
N ALA B 61 -26.87 15.75 8.93
CA ALA B 61 -26.40 17.05 9.41
C ALA B 61 -27.45 18.16 9.36
N ALA B 62 -28.39 18.05 8.42
CA ALA B 62 -29.44 19.06 8.27
C ALA B 62 -30.43 19.06 9.44
N MET B 63 -30.54 17.94 10.14
CA MET B 63 -31.40 17.85 11.32
C MET B 63 -30.77 18.68 12.43
N THR B 64 -31.57 19.05 13.43
CA THR B 64 -31.03 19.68 14.63
C THR B 64 -30.31 18.62 15.48
N ALA B 65 -29.53 19.06 16.45
CA ALA B 65 -28.84 18.12 17.32
C ALA B 65 -29.85 17.30 18.11
N MET B 66 -30.95 17.93 18.53
CA MET B 66 -31.96 17.25 19.33
C MET B 66 -32.70 16.18 18.52
N GLN B 67 -32.94 16.46 17.24
CA GLN B 67 -33.57 15.46 16.36
C GLN B 67 -32.65 14.26 16.18
N ARG B 68 -31.36 14.51 15.95
CA ARG B 68 -30.37 13.43 15.90
C ARG B 68 -30.39 12.63 17.20
N SER B 69 -30.41 13.35 18.32
CA SER B 69 -30.36 12.67 19.60
C SER B 69 -31.62 11.82 19.85
N ARG B 70 -32.75 12.26 19.32
CA ARG B 70 -33.98 11.49 19.48
C ARG B 70 -33.87 10.17 18.74
N ILE B 71 -33.30 10.23 17.55
CA ILE B 71 -33.11 9.05 16.72
C ILE B 71 -32.09 8.09 17.37
N LEU B 72 -30.99 8.65 17.90
CA LEU B 72 -29.98 7.80 18.52
C LEU B 72 -30.56 7.11 19.77
N ARG B 73 -31.41 7.82 20.51
CA ARG B 73 -32.08 7.23 21.67
C ARG B 73 -32.99 6.07 21.27
N ARG B 74 -33.58 6.15 20.09
CA ARG B 74 -34.36 5.03 19.59
C ARG B 74 -33.45 3.83 19.29
N ALA B 75 -32.25 4.10 18.76
CA ALA B 75 -31.28 3.02 18.57
C ALA B 75 -30.92 2.41 19.93
N VAL B 76 -30.73 3.26 20.93
CA VAL B 76 -30.45 2.77 22.29
C VAL B 76 -31.54 1.80 22.76
N ASP B 77 -32.80 2.17 22.55
CA ASP B 77 -33.94 1.35 22.96
C ASP B 77 -33.93 -0.01 22.31
N ILE B 78 -33.59 -0.03 21.04
CA ILE B 78 -33.56 -1.28 20.28
C ILE B 78 -32.43 -2.19 20.77
N LEU B 79 -31.27 -1.59 21.01
CA LEU B 79 -30.11 -2.33 21.52
C LEU B 79 -30.43 -3.02 22.85
N ARG B 80 -31.14 -2.32 23.73
CA ARG B 80 -31.60 -2.92 24.98
C ARG B 80 -32.57 -4.07 24.72
N GLU B 81 -33.49 -3.89 23.77
CA GLU B 81 -34.44 -4.95 23.42
C GLU B 81 -33.71 -6.19 22.93
N ARG B 82 -32.67 -5.99 22.12
CA ARG B 82 -31.99 -7.11 21.48
C ARG B 82 -30.71 -7.55 22.18
N ASN B 83 -30.51 -7.01 23.39
CA ASN B 83 -29.32 -7.30 24.16
C ASN B 83 -28.95 -8.78 24.13
N ASP B 84 -29.90 -9.65 24.50
CA ASP B 84 -29.59 -11.08 24.59
C ASP B 84 -29.28 -11.74 23.25
N GLU B 85 -30.02 -11.37 22.22
CA GLU B 85 -29.79 -11.86 20.87
C GLU B 85 -28.41 -11.43 20.33
N LEU B 86 -28.09 -10.14 20.48
CA LEU B 86 -26.78 -9.64 20.08
C LEU B 86 -25.65 -10.30 20.87
N ALA B 87 -25.88 -10.52 22.16
CA ALA B 87 -24.86 -11.13 23.01
C ALA B 87 -24.60 -12.57 22.57
N ALA B 88 -25.68 -13.30 22.25
CA ALA B 88 -25.54 -14.66 21.77
C ALA B 88 -24.67 -14.69 20.51
N LEU B 89 -24.93 -13.77 19.60
CA LEU B 89 -24.17 -13.70 18.36
C LEU B 89 -22.69 -13.33 18.62
N GLU B 90 -22.48 -12.36 19.49
CA GLU B 90 -21.13 -11.97 19.87
C GLU B 90 -20.35 -13.16 20.44
N THR B 91 -21.03 -13.93 21.29
CA THR B 91 -20.41 -15.11 21.87
C THR B 91 -19.97 -16.13 20.81
N LEU B 92 -20.81 -16.34 19.80
CA LEU B 92 -20.46 -17.27 18.72
C LEU B 92 -19.23 -16.78 17.97
N ASP B 93 -19.18 -15.48 17.71
CA ASP B 93 -18.13 -14.92 16.88
C ASP B 93 -16.81 -14.79 17.66
N THR B 94 -16.89 -14.48 18.94
CA THR B 94 -15.67 -14.21 19.72
C THR B 94 -15.23 -15.34 20.64
N GLY B 95 -16.15 -16.23 20.99
CA GLY B 95 -15.85 -17.25 21.98
C GLY B 95 -15.93 -16.74 23.41
N LYS B 96 -16.31 -15.48 23.60
CA LYS B 96 -16.47 -14.94 24.96
C LYS B 96 -17.74 -15.45 25.65
N PRO B 97 -17.63 -15.74 26.95
CA PRO B 97 -18.76 -16.30 27.71
C PRO B 97 -20.03 -15.45 27.61
N LEU B 98 -21.17 -16.09 27.43
CA LEU B 98 -22.43 -15.35 27.36
C LEU B 98 -22.64 -14.50 28.61
N ALA B 99 -22.16 -14.97 29.77
CA ALA B 99 -22.24 -14.20 31.01
C ALA B 99 -21.56 -12.84 30.87
N GLU B 100 -20.47 -12.79 30.11
CA GLU B 100 -19.84 -11.51 29.79
C GLU B 100 -20.62 -10.71 28.76
N THR B 101 -20.89 -11.32 27.60
CA THR B 101 -21.48 -10.56 26.48
C THR B 101 -22.86 -10.00 26.83
N ARG B 102 -23.61 -10.75 27.63
CA ARG B 102 -24.99 -10.41 27.96
C ARG B 102 -25.08 -9.26 28.97
N SER B 103 -24.01 -9.02 29.71
CA SER B 103 -24.04 -8.00 30.76
C SER B 103 -23.07 -6.84 30.54
N VAL B 104 -22.13 -7.00 29.62
CA VAL B 104 -21.12 -5.97 29.40
C VAL B 104 -21.15 -5.33 28.00
N ASP B 105 -21.01 -6.15 26.95
CA ASP B 105 -20.73 -5.63 25.62
C ASP B 105 -21.78 -4.65 25.07
N ILE B 106 -23.03 -5.09 25.01
CA ILE B 106 -24.10 -4.27 24.40
C ILE B 106 -24.63 -3.26 25.41
N VAL B 107 -24.68 -3.68 26.68
CA VAL B 107 -25.10 -2.79 27.76
C VAL B 107 -24.29 -1.49 27.83
N THR B 108 -22.95 -1.60 27.85
CA THR B 108 -22.13 -0.40 27.95
C THR B 108 -22.11 0.38 26.63
N GLY B 109 -22.14 -0.34 25.51
CA GLY B 109 -22.20 0.29 24.20
C GLY B 109 -23.45 1.17 24.06
N ALA B 110 -24.60 0.61 24.44
CA ALA B 110 -25.83 1.36 24.46
C ALA B 110 -25.73 2.52 25.45
N ASP B 111 -25.09 2.28 26.58
CA ASP B 111 -24.90 3.33 27.58
C ASP B 111 -24.18 4.52 26.96
N VAL B 112 -23.13 4.25 26.21
CA VAL B 112 -22.32 5.33 25.65
C VAL B 112 -23.06 6.06 24.53
N LEU B 113 -23.86 5.33 23.77
CA LEU B 113 -24.66 5.96 22.73
C LEU B 113 -25.67 6.91 23.40
N GLU B 114 -26.27 6.45 24.48
CA GLU B 114 -27.26 7.23 25.23
C GLU B 114 -26.62 8.51 25.82
N TYR B 115 -25.40 8.39 26.33
CA TYR B 115 -24.65 9.54 26.87
C TYR B 115 -24.39 10.63 25.83
N TYR B 116 -23.83 10.25 24.70
CA TYR B 116 -23.53 11.24 23.67
C TYR B 116 -24.78 11.85 23.06
N ALA B 117 -25.83 11.05 22.90
CA ALA B 117 -27.11 11.57 22.43
C ALA B 117 -27.58 12.71 23.33
N GLY B 118 -27.49 12.51 24.65
CA GLY B 118 -27.95 13.50 25.60
C GLY B 118 -27.04 14.73 25.70
N LEU B 119 -25.75 14.53 25.47
CA LEU B 119 -24.74 15.57 25.62
C LEU B 119 -24.65 16.57 24.45
N VAL B 120 -24.77 16.06 23.24
CA VAL B 120 -24.54 16.88 22.04
C VAL B 120 -25.39 18.17 21.89
N PRO B 121 -26.70 18.16 22.28
CA PRO B 121 -27.42 19.44 22.15
C PRO B 121 -26.90 20.56 23.06
N ALA B 122 -25.92 20.28 23.91
CA ALA B 122 -25.35 21.30 24.77
C ALA B 122 -24.34 22.17 24.03
N ILE B 123 -23.64 21.59 23.06
CA ILE B 123 -22.59 22.31 22.32
C ILE B 123 -23.07 23.65 21.74
N SER B 124 -22.44 24.73 22.18
CA SER B 124 -22.65 26.05 21.59
C SER B 124 -21.29 26.61 21.20
N GLY B 125 -21.29 27.75 20.52
CA GLY B 125 -20.04 28.37 20.12
C GLY B 125 -19.63 29.50 21.04
N GLU B 126 -18.60 30.23 20.61
CA GLU B 126 -18.12 31.37 21.37
C GLU B 126 -18.33 32.64 20.61
N GLN B 127 -18.46 33.74 21.35
N GLN B 127 -18.47 33.73 21.35
CA GLN B 127 -18.51 35.05 20.74
CA GLN B 127 -18.53 35.06 20.76
C GLN B 127 -17.46 35.91 21.43
C GLN B 127 -17.44 35.88 21.45
N ILE B 128 -16.60 36.53 20.63
CA ILE B 128 -15.45 37.25 21.15
C ILE B 128 -15.43 38.64 20.54
N PRO B 129 -15.72 39.66 21.35
CA PRO B 129 -15.62 41.03 20.82
C PRO B 129 -14.15 41.37 20.57
N LEU B 130 -13.86 42.12 19.50
CA LEU B 130 -12.48 42.49 19.19
C LEU B 130 -12.25 43.96 19.47
N ARG B 131 -13.28 44.73 19.22
CA ARG B 131 -13.30 46.16 19.47
C ARG B 131 -14.76 46.58 19.29
N GLU B 132 -15.04 47.86 19.48
CA GLU B 132 -16.41 48.34 19.51
C GLU B 132 -17.23 47.90 18.30
N THR B 133 -16.59 47.92 17.13
CA THR B 133 -17.28 47.71 15.86
C THR B 133 -17.05 46.32 15.26
N SER B 134 -16.34 45.46 15.97
CA SER B 134 -15.94 44.18 15.39
C SER B 134 -15.94 43.04 16.40
N PHE B 135 -16.35 41.86 15.93
CA PHE B 135 -16.36 40.66 16.75
C PHE B 135 -16.07 39.43 15.89
N VAL B 136 -15.74 38.34 16.55
CA VAL B 136 -15.64 37.05 15.87
C VAL B 136 -16.46 36.03 16.66
N TYR B 137 -17.16 35.16 15.95
CA TYR B 137 -17.88 34.07 16.62
C TYR B 137 -17.50 32.75 15.99
N THR B 138 -17.61 31.68 16.77
CA THR B 138 -17.26 30.37 16.28
C THR B 138 -18.46 29.44 16.29
N ARG B 139 -18.35 28.36 15.53
CA ARG B 139 -19.37 27.34 15.49
C ARG B 139 -18.67 26.00 15.31
N ARG B 140 -19.19 24.94 15.90
CA ARG B 140 -18.65 23.63 15.61
C ARG B 140 -19.47 22.95 14.51
N GLU B 141 -18.79 22.28 13.58
CA GLU B 141 -19.46 21.63 12.45
C GLU B 141 -18.96 20.21 12.33
N PRO B 142 -19.81 19.29 11.82
CA PRO B 142 -19.36 17.93 11.52
C PRO B 142 -18.14 17.98 10.60
N LEU B 143 -17.28 16.97 10.70
CA LEU B 143 -16.17 16.84 9.76
C LEU B 143 -16.69 16.40 8.39
N GLY B 144 -17.76 15.61 8.40
CA GLY B 144 -18.28 15.03 7.18
C GLY B 144 -18.36 13.52 7.30
N VAL B 145 -17.54 12.83 6.52
CA VAL B 145 -17.44 11.38 6.57
C VAL B 145 -16.13 10.97 7.24
N VAL B 146 -16.24 10.17 8.31
CA VAL B 146 -15.08 9.60 8.98
C VAL B 146 -15.12 8.08 8.88
N ALA B 147 -14.04 7.41 9.23
CA ALA B 147 -14.03 5.94 9.20
C ALA B 147 -13.67 5.40 10.56
N GLY B 148 -14.09 4.16 10.83
CA GLY B 148 -13.74 3.48 12.07
C GLY B 148 -13.26 2.06 11.81
N ILE B 149 -12.25 1.65 12.57
CA ILE B 149 -11.66 0.33 12.43
C ILE B 149 -12.00 -0.42 13.72
N GLY B 150 -12.56 -1.62 13.61
CA GLY B 150 -12.97 -2.36 14.79
C GLY B 150 -11.89 -3.21 15.43
N ALA B 151 -12.16 -3.71 16.63
CA ALA B 151 -11.24 -4.59 17.35
C ALA B 151 -11.91 -5.97 17.41
N TRP B 152 -11.12 -7.03 17.54
CA TRP B 152 -11.73 -8.35 17.64
C TRP B 152 -12.14 -8.76 19.06
N ASN B 153 -11.64 -8.08 20.07
CA ASN B 153 -11.95 -8.52 21.44
C ASN B 153 -13.27 -7.99 21.97
N TYR B 154 -13.67 -6.78 21.55
CA TYR B 154 -15.00 -6.25 21.88
C TYR B 154 -15.65 -5.64 20.66
N PRO B 155 -16.10 -6.49 19.72
CA PRO B 155 -16.49 -6.01 18.38
C PRO B 155 -17.64 -5.01 18.43
N VAL B 156 -18.77 -5.40 19.02
CA VAL B 156 -19.93 -4.48 18.98
C VAL B 156 -19.74 -3.31 19.95
N GLN B 157 -19.11 -3.55 21.09
CA GLN B 157 -18.89 -2.50 22.05
C GLN B 157 -18.02 -1.40 21.43
N ILE B 158 -16.95 -1.80 20.73
CA ILE B 158 -16.07 -0.82 20.09
C ILE B 158 -16.74 -0.14 18.89
N ALA B 159 -17.58 -0.89 18.17
CA ALA B 159 -18.34 -0.31 17.04
C ALA B 159 -19.26 0.80 17.56
N LEU B 160 -19.85 0.56 18.72
CA LEU B 160 -20.69 1.56 19.34
C LEU B 160 -19.85 2.71 19.88
N TRP B 161 -18.70 2.38 20.46
CA TRP B 161 -17.82 3.39 21.03
C TRP B 161 -17.35 4.40 19.99
N LYS B 162 -17.02 3.92 18.80
CA LYS B 162 -16.52 4.84 17.80
C LYS B 162 -17.64 5.56 17.06
N SER B 163 -18.76 4.87 16.82
CA SER B 163 -19.82 5.48 16.03
C SER B 163 -20.69 6.42 16.83
N ALA B 164 -20.77 6.24 18.14
CA ALA B 164 -21.65 7.09 18.94
C ALA B 164 -21.29 8.58 18.88
N PRO B 165 -20.04 8.96 19.26
CA PRO B 165 -19.78 10.39 19.20
C PRO B 165 -19.67 10.92 17.76
N ALA B 166 -19.22 10.08 16.83
CA ALA B 166 -19.13 10.48 15.42
C ALA B 166 -20.50 10.85 14.86
N LEU B 167 -21.47 9.99 15.12
CA LEU B 167 -22.84 10.21 14.66
C LEU B 167 -23.54 11.33 15.41
N ALA B 168 -23.40 11.36 16.74
CA ALA B 168 -24.02 12.42 17.54
C ALA B 168 -23.59 13.80 17.04
N ALA B 169 -22.34 13.90 16.61
CA ALA B 169 -21.74 15.15 16.19
C ALA B 169 -22.16 15.55 14.78
N GLY B 170 -22.93 14.70 14.11
CA GLY B 170 -23.41 15.01 12.78
C GLY B 170 -22.62 14.42 11.61
N ASN B 171 -21.70 13.50 11.88
CA ASN B 171 -20.93 12.87 10.79
C ASN B 171 -21.55 11.56 10.31
N ALA B 172 -21.09 11.09 9.14
CA ALA B 172 -21.32 9.70 8.74
C ALA B 172 -20.04 8.91 9.03
N MET B 173 -20.19 7.61 9.28
CA MET B 173 -19.05 6.75 9.53
C MET B 173 -19.08 5.51 8.65
N ILE B 174 -17.96 5.19 8.02
CA ILE B 174 -17.80 3.91 7.36
C ILE B 174 -16.98 3.04 8.33
N PHE B 175 -17.52 1.87 8.72
CA PHE B 175 -16.87 1.03 9.73
C PHE B 175 -16.38 -0.28 9.12
N LYS B 176 -15.14 -0.63 9.41
CA LYS B 176 -14.58 -1.93 9.01
C LYS B 176 -14.27 -2.75 10.25
N PRO B 177 -15.12 -3.75 10.53
CA PRO B 177 -14.86 -4.56 11.73
C PRO B 177 -13.65 -5.45 11.51
N SER B 178 -13.15 -6.07 12.57
CA SER B 178 -12.06 -7.03 12.42
C SER B 178 -12.54 -8.20 11.56
N GLU B 179 -11.71 -8.65 10.62
CA GLU B 179 -12.00 -9.83 9.83
C GLU B 179 -12.22 -11.06 10.73
N VAL B 180 -11.65 -11.02 11.93
CA VAL B 180 -11.85 -12.11 12.88
C VAL B 180 -13.28 -12.16 13.40
N THR B 181 -13.91 -11.00 13.56
CA THR B 181 -15.21 -10.91 14.21
C THR B 181 -16.15 -9.89 13.55
N PRO B 182 -16.62 -10.20 12.32
CA PRO B 182 -17.37 -9.20 11.55
C PRO B 182 -18.89 -9.23 11.75
N LEU B 183 -19.43 -10.21 12.47
CA LEU B 183 -20.88 -10.44 12.45
C LEU B 183 -21.75 -9.37 13.13
N THR B 184 -21.39 -8.94 14.33
CA THR B 184 -22.26 -8.01 15.06
C THR B 184 -22.27 -6.59 14.50
N ALA B 185 -21.22 -6.19 13.78
CA ALA B 185 -21.16 -4.84 13.23
C ALA B 185 -22.25 -4.66 12.19
N LEU B 186 -22.50 -5.71 11.43
CA LEU B 186 -23.54 -5.66 10.42
C LEU B 186 -24.89 -5.58 11.13
N LYS B 187 -25.03 -6.25 12.27
CA LYS B 187 -26.29 -6.19 13.02
C LYS B 187 -26.54 -4.80 13.57
N LEU B 188 -25.46 -4.14 14.01
CA LEU B 188 -25.54 -2.75 14.45
C LEU B 188 -26.06 -1.83 13.34
N ALA B 189 -25.54 -2.02 12.13
CA ALA B 189 -25.95 -1.23 10.97
C ALA B 189 -27.46 -1.34 10.70
N GLU B 190 -27.98 -2.57 10.76
CA GLU B 190 -29.42 -2.79 10.65
C GLU B 190 -30.16 -1.99 11.71
N ILE B 191 -29.64 -2.00 12.94
CA ILE B 191 -30.31 -1.35 14.08
C ILE B 191 -30.35 0.17 13.95
N TYR B 192 -29.25 0.77 13.49
CA TYR B 192 -29.24 2.19 13.20
C TYR B 192 -30.31 2.54 12.17
N THR B 193 -30.44 1.70 11.15
CA THR B 193 -31.42 1.93 10.08
C THR B 193 -32.86 1.83 10.61
N GLU B 194 -33.13 0.80 11.42
CA GLU B 194 -34.46 0.64 12.00
C GLU B 194 -34.82 1.83 12.86
N ALA B 195 -33.82 2.35 13.56
CA ALA B 195 -33.99 3.48 14.47
C ALA B 195 -34.28 4.81 13.77
N GLY B 196 -34.04 4.88 12.47
CA GLY B 196 -34.25 6.11 11.73
C GLY B 196 -32.99 6.86 11.31
N VAL B 197 -31.83 6.27 11.51
CA VAL B 197 -30.61 6.85 10.98
C VAL B 197 -30.68 6.75 9.47
N PRO B 198 -30.57 7.90 8.76
CA PRO B 198 -30.71 7.94 7.30
C PRO B 198 -29.68 7.06 6.61
N ASP B 199 -30.02 6.59 5.41
CA ASP B 199 -29.15 5.72 4.62
C ASP B 199 -27.79 6.36 4.34
N GLY B 200 -26.72 5.60 4.51
CA GLY B 200 -25.38 6.09 4.22
C GLY B 200 -24.64 6.66 5.42
N VAL B 201 -25.36 6.95 6.49
CA VAL B 201 -24.75 7.53 7.68
C VAL B 201 -23.86 6.53 8.43
N PHE B 202 -24.26 5.26 8.42
CA PHE B 202 -23.41 4.20 8.98
C PHE B 202 -23.34 3.04 8.00
N ASN B 203 -22.21 2.94 7.30
CA ASN B 203 -21.99 1.88 6.33
C ASN B 203 -20.92 0.93 6.86
N VAL B 204 -21.07 -0.36 6.59
CA VAL B 204 -20.09 -1.34 7.04
C VAL B 204 -19.42 -2.01 5.85
N LEU B 205 -18.10 -2.08 5.87
CA LEU B 205 -17.35 -2.76 4.83
C LEU B 205 -16.51 -3.85 5.48
N THR B 206 -16.73 -5.09 5.07
CA THR B 206 -15.92 -6.19 5.58
C THR B 206 -14.74 -6.44 4.64
N GLY B 207 -13.61 -6.88 5.19
CA GLY B 207 -12.46 -7.13 4.36
C GLY B 207 -11.36 -7.89 5.08
N SER B 208 -10.50 -8.53 4.28
CA SER B 208 -9.34 -9.25 4.80
C SER B 208 -8.11 -8.36 4.73
N GLY B 209 -7.19 -8.57 5.66
CA GLY B 209 -5.94 -7.83 5.66
C GLY B 209 -6.10 -6.34 5.85
N ARG B 210 -5.14 -5.60 5.34
CA ARG B 210 -5.02 -4.17 5.62
C ARG B 210 -5.51 -3.31 4.46
N GLU B 211 -6.03 -3.93 3.41
CA GLU B 211 -6.37 -3.16 2.21
C GLU B 211 -7.56 -2.20 2.38
N VAL B 212 -8.67 -2.68 2.92
CA VAL B 212 -9.84 -1.83 3.14
C VAL B 212 -9.44 -0.63 4.00
N GLY B 213 -8.65 -0.90 5.00
CA GLY B 213 -8.15 0.15 5.87
C GLY B 213 -7.33 1.14 5.14
N GLN B 214 -6.48 0.67 4.25
CA GLN B 214 -5.68 1.54 3.41
C GLN B 214 -6.49 2.39 2.43
N TRP B 215 -7.47 1.80 1.78
CA TRP B 215 -8.31 2.55 0.88
C TRP B 215 -9.08 3.65 1.62
N LEU B 216 -9.55 3.36 2.81
CA LEU B 216 -10.26 4.36 3.61
C LEU B 216 -9.34 5.54 3.91
N THR B 217 -8.14 5.25 4.40
CA THR B 217 -7.14 6.28 4.68
C THR B 217 -6.81 7.13 3.43
N GLU B 218 -6.69 6.46 2.29
CA GLU B 218 -6.30 7.10 1.04
C GLU B 218 -7.37 8.01 0.46
N HIS B 219 -8.63 7.72 0.77
CA HIS B 219 -9.72 8.48 0.17
C HIS B 219 -9.69 9.93 0.65
N PRO B 220 -9.75 10.86 -0.30
CA PRO B 220 -9.71 12.30 0.02
C PRO B 220 -10.96 12.83 0.70
N LEU B 221 -12.08 12.11 0.59
CA LEU B 221 -13.33 12.56 1.20
C LEU B 221 -13.56 11.99 2.62
N ILE B 222 -12.63 11.16 3.06
CA ILE B 222 -12.67 10.67 4.44
C ILE B 222 -11.76 11.55 5.29
N GLU B 223 -12.39 12.32 6.17
CA GLU B 223 -11.72 13.40 6.90
C GLU B 223 -10.80 12.89 7.99
N LYS B 224 -11.22 11.81 8.64
CA LYS B 224 -10.48 11.26 9.76
C LYS B 224 -10.70 9.75 9.80
N ILE B 225 -9.66 9.03 10.18
CA ILE B 225 -9.79 7.59 10.35
C ILE B 225 -9.35 7.21 11.75
N SER B 226 -10.19 6.41 12.42
CA SER B 226 -9.94 6.01 13.80
C SER B 226 -9.46 4.56 13.90
N PHE B 227 -8.13 4.38 13.86
CA PHE B 227 -7.50 3.06 14.05
C PHE B 227 -7.40 2.69 15.53
N THR B 228 -7.76 1.45 15.87
CA THR B 228 -7.58 0.87 17.22
C THR B 228 -7.95 -0.63 17.24
N GLY B 229 -7.62 -1.35 16.17
CA GLY B 229 -8.06 -2.72 16.03
C GLY B 229 -7.02 -3.74 15.61
N LEU B 253 -2.42 1.40 21.53
CA LEU B 253 -2.99 0.94 22.78
C LEU B 253 -2.38 -0.38 23.30
N GLY B 254 -1.11 -0.61 23.05
CA GLY B 254 -0.46 -1.75 23.67
C GLY B 254 -0.28 -1.54 25.17
N GLY B 255 -0.17 -2.64 25.92
CA GLY B 255 0.06 -2.54 27.35
C GLY B 255 0.76 -3.73 27.96
N LYS B 256 1.57 -3.47 28.99
CA LYS B 256 2.02 -4.49 29.92
C LYS B 256 1.85 -3.90 31.32
N SER B 257 0.60 -3.60 31.66
CA SER B 257 0.28 -2.79 32.84
C SER B 257 0.63 -3.49 34.15
N PRO B 258 1.19 -2.73 35.10
CA PRO B 258 1.58 -3.32 36.38
C PRO B 258 0.47 -3.18 37.43
N LEU B 259 0.41 -4.16 38.32
CA LEU B 259 -0.45 -4.07 39.47
C LEU B 259 0.50 -4.24 40.65
N ILE B 260 0.58 -3.22 41.50
CA ILE B 260 1.44 -3.36 42.67
C ILE B 260 0.61 -3.65 43.91
N ILE B 261 0.88 -4.82 44.50
N ILE B 261 0.86 -4.80 44.51
CA ILE B 261 0.29 -5.19 45.78
CA ILE B 261 0.22 -5.15 45.77
C ILE B 261 1.22 -4.76 46.89
C ILE B 261 1.18 -4.79 46.90
N PHE B 262 0.80 -3.78 47.69
CA PHE B 262 1.65 -3.32 48.79
C PHE B 262 1.44 -4.23 50.01
N PRO B 263 2.44 -4.28 50.92
CA PRO B 263 2.39 -5.23 52.05
C PRO B 263 1.20 -5.02 52.97
N ASP B 264 0.62 -3.82 53.00
CA ASP B 264 -0.55 -3.61 53.86
C ASP B 264 -1.86 -3.89 53.13
N ALA B 265 -1.78 -4.42 51.90
CA ALA B 265 -3.00 -4.76 51.17
C ALA B 265 -3.80 -5.86 51.86
N ASP B 266 -5.11 -5.82 51.70
CA ASP B 266 -5.94 -7.00 51.98
C ASP B 266 -5.60 -8.04 50.89
N LEU B 267 -4.99 -9.16 51.28
CA LEU B 267 -4.47 -10.12 50.30
C LEU B 267 -5.55 -10.84 49.53
N ASP B 268 -6.72 -11.02 50.14
CA ASP B 268 -7.85 -11.59 49.43
C ASP B 268 -8.34 -10.64 48.33
N ARG B 269 -8.47 -9.35 48.67
CA ARG B 269 -8.87 -8.37 47.65
C ARG B 269 -7.84 -8.35 46.53
N ALA B 270 -6.56 -8.37 46.90
CA ALA B 270 -5.49 -8.37 45.91
C ALA B 270 -5.54 -9.57 44.97
N ALA B 271 -5.82 -10.75 45.51
CA ALA B 271 -5.89 -11.94 44.69
C ALA B 271 -7.06 -11.86 43.72
N ASP B 272 -8.19 -11.37 44.22
CA ASP B 272 -9.38 -11.15 43.39
C ASP B 272 -9.10 -10.19 42.24
N ILE B 273 -8.43 -9.08 42.55
CA ILE B 273 -8.09 -8.09 41.55
C ILE B 273 -7.13 -8.66 40.52
N ALA B 274 -6.09 -9.33 41.00
CA ALA B 274 -5.11 -9.93 40.09
C ALA B 274 -5.73 -10.92 39.11
N VAL B 275 -6.62 -11.78 39.61
CA VAL B 275 -7.25 -12.76 38.71
C VAL B 275 -8.23 -12.10 37.74
N MET B 276 -9.03 -11.16 38.22
CA MET B 276 -9.87 -10.38 37.30
C MET B 276 -9.00 -9.62 36.29
N ALA B 277 -7.89 -9.07 36.75
CA ALA B 277 -7.03 -8.28 35.87
C ALA B 277 -6.32 -9.13 34.83
N ASN B 278 -6.38 -10.45 34.97
CA ASN B 278 -5.66 -11.30 34.02
C ASN B 278 -6.47 -12.29 33.20
N PHE B 279 -7.66 -12.65 33.69
CA PHE B 279 -8.38 -13.74 33.06
C PHE B 279 -9.79 -13.40 32.60
N PHE B 280 -10.21 -12.15 32.77
CA PHE B 280 -11.50 -11.74 32.22
C PHE B 280 -11.37 -11.74 30.69
N SER B 281 -12.46 -12.08 29.99
CA SER B 281 -12.40 -12.29 28.53
C SER B 281 -11.21 -13.15 28.12
N SER B 282 -10.90 -14.14 28.95
CA SER B 282 -9.79 -15.05 28.71
C SER B 282 -8.46 -14.32 28.48
N GLY B 283 -8.27 -13.21 29.17
CA GLY B 283 -7.02 -12.45 29.10
C GLY B 283 -6.81 -11.62 27.85
N GLN B 284 -7.88 -11.40 27.08
CA GLN B 284 -7.74 -10.68 25.83
C GLN B 284 -8.21 -9.21 25.95
N VAL B 285 -7.54 -8.46 26.82
CA VAL B 285 -7.96 -7.10 27.17
C VAL B 285 -6.71 -6.24 27.23
N CSO B 286 -6.77 -5.11 26.52
CA CSO B 286 -5.65 -4.18 26.41
CB CSO B 286 -6.10 -2.98 25.54
SG CSO B 286 -7.41 -3.53 24.38
C CSO B 286 -5.08 -3.73 27.78
O CSO B 286 -3.86 -3.68 27.97
OD CSO B 286 -8.96 -3.95 25.18
N CYS B 286 -6.69 -5.10 26.54
CA CYS B 286 -5.45 -4.31 26.48
C CYS B 286 -5.01 -3.77 27.85
N THR B 287 -5.97 -3.48 28.73
CA THR B 287 -5.60 -2.92 30.03
C THR B 287 -5.24 -3.95 31.12
N ASN B 288 -5.15 -5.22 30.76
CA ASN B 288 -4.85 -6.24 31.78
C ASN B 288 -3.58 -6.00 32.61
N GLY B 289 -3.63 -6.35 33.89
CA GLY B 289 -2.50 -6.20 34.80
C GLY B 289 -1.63 -7.43 34.79
N THR B 290 -0.80 -7.54 33.76
CA THR B 290 -0.12 -8.78 33.46
C THR B 290 1.24 -8.86 34.15
N ARG B 291 1.67 -7.77 34.75
CA ARG B 291 2.80 -7.84 35.69
C ARG B 291 2.29 -7.51 37.08
N VAL B 292 2.30 -8.51 37.94
CA VAL B 292 1.77 -8.39 39.29
C VAL B 292 2.95 -8.39 40.24
N PHE B 293 3.14 -7.25 40.93
CA PHE B 293 4.24 -7.10 41.88
C PHE B 293 3.77 -7.43 43.30
N ILE B 294 4.48 -8.35 43.96
CA ILE B 294 4.12 -8.76 45.32
C ILE B 294 5.36 -8.61 46.20
N HIS B 295 5.20 -8.19 47.46
CA HIS B 295 6.39 -8.07 48.29
C HIS B 295 6.97 -9.45 48.58
N ARG B 296 8.30 -9.55 48.60
CA ARG B 296 8.97 -10.83 48.81
C ARG B 296 8.44 -11.60 50.01
N SER B 297 8.14 -10.88 51.08
CA SER B 297 7.67 -11.50 52.32
C SER B 297 6.31 -12.17 52.17
N GLN B 298 5.58 -11.79 51.12
CA GLN B 298 4.21 -12.29 50.95
C GLN B 298 4.00 -13.16 49.70
N GLN B 299 5.08 -13.41 48.96
CA GLN B 299 4.96 -14.15 47.70
C GLN B 299 4.21 -15.48 47.86
N ALA B 300 4.69 -16.31 48.77
CA ALA B 300 4.07 -17.63 48.95
C ALA B 300 2.58 -17.56 49.35
N ARG B 301 2.23 -16.65 50.25
CA ARG B 301 0.84 -16.55 50.69
C ARG B 301 -0.07 -16.06 49.57
N PHE B 302 0.45 -15.13 48.79
CA PHE B 302 -0.30 -14.57 47.69
C PHE B 302 -0.51 -15.61 46.59
N GLU B 303 0.57 -16.31 46.23
CA GLU B 303 0.48 -17.37 45.22
C GLU B 303 -0.63 -18.37 45.56
N ALA B 304 -0.73 -18.72 46.84
CA ALA B 304 -1.69 -19.73 47.29
C ALA B 304 -3.11 -19.22 47.05
N LYS B 305 -3.29 -17.92 47.25
CA LYS B 305 -4.60 -17.30 47.08
C LYS B 305 -4.98 -17.17 45.60
N VAL B 306 -3.99 -16.87 44.76
CA VAL B 306 -4.23 -16.84 43.33
C VAL B 306 -4.58 -18.23 42.83
N LEU B 307 -3.79 -19.20 43.26
CA LEU B 307 -3.98 -20.59 42.84
C LEU B 307 -5.38 -21.09 43.23
N GLU B 308 -5.82 -20.80 44.45
CA GLU B 308 -7.16 -21.19 44.88
C GLU B 308 -8.22 -20.62 43.94
N ARG B 309 -8.11 -19.35 43.63
CA ARG B 309 -9.06 -18.72 42.71
C ARG B 309 -8.93 -19.26 41.29
N VAL B 310 -7.71 -19.47 40.82
CA VAL B 310 -7.55 -19.98 39.47
C VAL B 310 -8.18 -21.36 39.34
N GLN B 311 -8.03 -22.20 40.36
CA GLN B 311 -8.52 -23.57 40.34
C GLN B 311 -10.04 -23.68 40.25
N ARG B 312 -10.76 -22.64 40.64
CA ARG B 312 -12.23 -22.67 40.52
C ARG B 312 -12.78 -21.88 39.32
N ILE B 313 -11.90 -21.38 38.46
CA ILE B 313 -12.36 -20.74 37.23
C ILE B 313 -13.16 -21.76 36.42
N ARG B 314 -14.32 -21.34 35.90
CA ARG B 314 -15.16 -22.28 35.15
C ARG B 314 -14.91 -22.15 33.65
N LEU B 315 -13.85 -22.80 33.17
CA LEU B 315 -13.54 -22.87 31.74
C LEU B 315 -14.55 -23.76 31.05
N GLY B 316 -15.14 -23.30 29.95
CA GLY B 316 -16.03 -24.17 29.22
C GLY B 316 -16.68 -23.56 28.01
N ASP B 317 -17.73 -24.23 27.53
CA ASP B 317 -18.54 -23.78 26.40
C ASP B 317 -19.09 -22.39 26.72
N PRO B 318 -18.77 -21.41 25.87
CA PRO B 318 -19.16 -20.02 26.14
C PRO B 318 -20.67 -19.79 26.04
N GLN B 319 -21.38 -20.61 25.26
CA GLN B 319 -22.85 -20.57 25.21
C GLN B 319 -23.54 -20.94 26.54
N ASP B 320 -22.84 -21.66 27.40
CA ASP B 320 -23.39 -22.00 28.71
C ASP B 320 -23.20 -20.78 29.62
N GLU B 321 -24.29 -20.25 30.19
CA GLU B 321 -24.22 -19.03 31.00
C GLU B 321 -23.42 -19.23 32.29
N ASN B 322 -23.22 -20.49 32.67
CA ASN B 322 -22.39 -20.82 33.83
C ASN B 322 -20.89 -20.68 33.57
N THR B 323 -20.48 -20.70 32.31
CA THR B 323 -19.07 -20.57 31.96
C THR B 323 -18.60 -19.14 32.28
N ASN B 324 -17.40 -19.01 32.87
CA ASN B 324 -16.84 -17.67 33.04
C ASN B 324 -15.47 -17.47 32.39
N PHE B 325 -15.07 -18.42 31.56
CA PHE B 325 -13.76 -18.34 30.90
C PHE B 325 -13.87 -19.17 29.63
N GLY B 326 -13.75 -18.49 28.49
CA GLY B 326 -13.93 -19.14 27.21
C GLY B 326 -12.65 -19.50 26.51
N PRO B 327 -12.78 -20.02 25.26
CA PRO B 327 -11.60 -20.23 24.42
C PRO B 327 -11.10 -18.87 23.95
N LEU B 328 -9.91 -18.84 23.34
CA LEU B 328 -9.39 -17.60 22.77
C LEU B 328 -10.15 -17.26 21.49
N VAL B 329 -9.87 -16.09 20.89
CA VAL B 329 -10.68 -15.64 19.76
C VAL B 329 -10.46 -16.42 18.45
N SER B 330 -9.30 -17.04 18.30
CA SER B 330 -8.97 -17.78 17.08
C SER B 330 -7.89 -18.80 17.36
N PHE B 331 -7.76 -19.78 16.47
CA PHE B 331 -6.70 -20.75 16.58
C PHE B 331 -5.29 -20.13 16.44
N PRO B 332 -5.10 -19.22 15.45
CA PRO B 332 -3.80 -18.54 15.36
C PRO B 332 -3.45 -17.76 16.63
N HIS B 333 -4.42 -17.05 17.21
CA HIS B 333 -4.11 -16.31 18.42
C HIS B 333 -3.73 -17.30 19.52
N MET B 334 -4.45 -18.42 19.60
CA MET B 334 -4.07 -19.44 20.57
C MET B 334 -2.62 -19.93 20.38
N GLU B 335 -2.23 -20.18 19.14
CA GLU B 335 -0.85 -20.63 18.87
C GLU B 335 0.17 -19.58 19.31
N SER B 336 -0.15 -18.31 19.07
CA SER B 336 0.71 -17.24 19.53
C SER B 336 0.84 -17.23 21.06
N VAL B 337 -0.27 -17.43 21.77
CA VAL B 337 -0.23 -17.49 23.23
C VAL B 337 0.57 -18.69 23.74
N LEU B 338 0.35 -19.85 23.14
CA LEU B 338 1.08 -21.05 23.54
C LEU B 338 2.57 -20.84 23.32
N GLY B 339 2.93 -20.09 22.27
CA GLY B 339 4.31 -19.73 22.02
C GLY B 339 4.93 -18.98 23.19
N TYR B 340 4.19 -17.99 23.71
CA TYR B 340 4.66 -17.26 24.89
C TYR B 340 4.79 -18.16 26.11
N ILE B 341 3.83 -19.06 26.30
CA ILE B 341 3.92 -20.01 27.40
C ILE B 341 5.17 -20.88 27.26
N GLU B 342 5.48 -21.34 26.04
CA GLU B 342 6.71 -22.08 25.82
C GLU B 342 7.92 -21.23 26.22
N SER B 343 7.89 -19.94 25.88
CA SER B 343 9.00 -19.04 26.22
C SER B 343 9.19 -18.91 27.74
N GLY B 344 8.09 -18.74 28.45
CA GLY B 344 8.16 -18.64 29.91
C GLY B 344 8.83 -19.86 30.53
N LYS B 345 8.40 -21.05 30.14
CA LYS B 345 9.04 -22.27 30.62
C LYS B 345 10.52 -22.35 30.25
N ALA B 346 10.88 -21.97 29.03
CA ALA B 346 12.25 -22.11 28.58
C ALA B 346 13.16 -21.15 29.34
N GLN B 347 12.60 -20.03 29.77
CA GLN B 347 13.39 -19.04 30.49
C GLN B 347 13.30 -19.27 32.00
N LYS B 348 12.80 -20.45 32.36
CA LYS B 348 12.85 -20.93 33.75
C LYS B 348 11.99 -20.14 34.74
N ALA B 349 10.93 -19.49 34.25
CA ALA B 349 9.90 -19.00 35.16
C ALA B 349 9.25 -20.21 35.84
N ARG B 350 8.81 -20.04 37.09
CA ARG B 350 8.16 -21.14 37.83
C ARG B 350 6.69 -21.14 37.47
N LEU B 351 6.22 -22.28 36.96
CA LEU B 351 4.81 -22.40 36.57
C LEU B 351 3.98 -22.71 37.80
N LEU B 352 3.05 -21.82 38.14
CA LEU B 352 2.15 -22.04 39.28
C LEU B 352 0.90 -22.82 38.88
N CYS B 353 0.38 -22.55 37.69
CA CYS B 353 -0.77 -23.32 37.16
C CYS B 353 -1.01 -23.06 35.68
N GLY B 354 -1.79 -23.96 35.06
CA GLY B 354 -2.09 -23.89 33.64
C GLY B 354 -0.87 -24.25 32.80
N GLY B 355 -0.68 -23.54 31.69
CA GLY B 355 0.53 -23.70 30.91
C GLY B 355 0.36 -24.65 29.74
N GLU B 356 -0.88 -24.90 29.34
CA GLU B 356 -1.10 -25.82 28.23
C GLU B 356 -2.45 -25.57 27.62
N ARG B 357 -2.61 -26.06 26.40
CA ARG B 357 -3.90 -26.12 25.73
C ARG B 357 -4.80 -27.13 26.46
N VAL B 358 -6.09 -26.80 26.56
CA VAL B 358 -7.04 -27.73 27.15
C VAL B 358 -7.75 -28.50 26.04
N THR B 359 -7.60 -29.81 26.03
CA THR B 359 -8.09 -30.63 24.93
C THR B 359 -9.08 -31.73 25.33
N ASP B 360 -9.37 -31.84 26.62
CA ASP B 360 -10.31 -32.86 27.11
C ASP B 360 -11.71 -32.67 26.53
N GLY B 361 -12.37 -33.77 26.18
CA GLY B 361 -13.73 -33.73 25.65
C GLY B 361 -13.86 -32.91 24.39
N ALA B 362 -14.91 -32.10 24.32
CA ALA B 362 -15.16 -31.24 23.15
C ALA B 362 -14.19 -30.06 23.07
N PHE B 363 -13.49 -29.76 24.17
CA PHE B 363 -12.54 -28.63 24.19
C PHE B 363 -11.44 -28.78 23.16
N GLY B 364 -11.15 -30.03 22.77
CA GLY B 364 -10.17 -30.30 21.73
C GLY B 364 -10.52 -29.68 20.39
N LYS B 365 -11.82 -29.48 20.14
CA LYS B 365 -12.28 -28.84 18.90
C LYS B 365 -12.23 -27.31 18.96
N GLY B 366 -11.90 -26.75 20.14
CA GLY B 366 -11.86 -25.31 20.30
C GLY B 366 -10.47 -24.76 20.58
N ALA B 367 -10.37 -23.43 20.65
CA ALA B 367 -9.09 -22.76 20.90
C ALA B 367 -8.92 -22.42 22.38
N TYR B 368 -8.84 -23.44 23.23
CA TYR B 368 -8.80 -23.25 24.68
C TYR B 368 -7.39 -23.30 25.28
N VAL B 369 -7.03 -22.23 25.99
CA VAL B 369 -5.81 -22.17 26.77
C VAL B 369 -6.16 -22.00 28.24
N ALA B 370 -5.62 -22.89 29.07
CA ALA B 370 -5.85 -22.86 30.51
C ALA B 370 -5.34 -21.54 31.10
N PRO B 371 -6.06 -20.99 32.09
CA PRO B 371 -5.58 -19.84 32.86
C PRO B 371 -4.19 -20.17 33.39
N THR B 372 -3.22 -19.32 33.08
CA THR B 372 -1.83 -19.66 33.36
C THR B 372 -1.15 -18.60 34.22
N VAL B 373 -0.42 -19.06 35.24
CA VAL B 373 0.32 -18.15 36.09
C VAL B 373 1.78 -18.58 36.18
N PHE B 374 2.69 -17.66 35.85
CA PHE B 374 4.11 -17.87 36.10
C PHE B 374 4.51 -17.01 37.30
N THR B 375 5.48 -17.49 38.07
CA THR B 375 6.01 -16.71 39.18
C THR B 375 7.52 -16.86 39.20
N ASP B 376 8.16 -16.25 40.20
CA ASP B 376 9.63 -16.09 40.18
C ASP B 376 10.05 -15.44 38.86
N CYS B 377 9.24 -14.52 38.35
CA CYS B 377 9.56 -13.92 37.06
C CYS B 377 10.62 -12.85 37.23
N ARG B 378 11.31 -12.51 36.14
CA ARG B 378 12.38 -11.53 36.16
C ARG B 378 12.08 -10.49 35.10
N ASP B 379 12.51 -9.26 35.32
CA ASP B 379 12.20 -8.18 34.40
C ASP B 379 12.67 -8.44 32.96
N ASP B 380 13.70 -9.26 32.78
CA ASP B 380 14.27 -9.45 31.44
C ASP B 380 13.64 -10.60 30.66
N MET B 381 12.70 -11.31 31.28
CA MET B 381 12.01 -12.39 30.59
C MET B 381 11.09 -11.86 29.51
N THR B 382 10.97 -12.63 28.43
CA THR B 382 10.14 -12.26 27.30
C THR B 382 8.66 -12.15 27.71
N ILE B 383 8.20 -13.05 28.56
CA ILE B 383 6.79 -13.01 28.98
C ILE B 383 6.54 -11.80 29.87
N VAL B 384 7.60 -11.24 30.45
CA VAL B 384 7.45 -10.03 31.25
C VAL B 384 7.50 -8.77 30.38
N ARG B 385 8.33 -8.82 29.33
CA ARG B 385 8.57 -7.62 28.50
C ARG B 385 7.49 -7.45 27.44
N GLU B 386 6.91 -8.56 26.98
CA GLU B 386 6.04 -8.48 25.81
C GLU B 386 4.57 -8.69 26.15
N GLU B 387 3.70 -7.98 25.43
CA GLU B 387 2.26 -8.17 25.57
C GLU B 387 1.85 -9.53 24.98
N ILE B 388 1.05 -10.29 25.71
CA ILE B 388 0.66 -11.62 25.25
C ILE B 388 -0.78 -11.63 24.74
N PHE B 389 -1.67 -10.86 25.35
CA PHE B 389 -3.10 -10.83 24.97
C PHE B 389 -3.75 -12.20 25.14
N GLY B 390 -3.35 -12.89 26.19
CA GLY B 390 -3.88 -14.18 26.53
C GLY B 390 -3.84 -14.29 28.02
N PRO B 391 -4.33 -15.40 28.57
CA PRO B 391 -4.46 -15.60 30.02
C PRO B 391 -3.15 -16.09 30.65
N VAL B 392 -2.20 -15.17 30.77
CA VAL B 392 -0.89 -15.48 31.32
C VAL B 392 -0.50 -14.34 32.27
N MET B 393 -0.58 -14.62 33.57
CA MET B 393 -0.18 -13.66 34.60
C MET B 393 1.30 -13.86 34.94
N SER B 394 2.06 -12.77 35.06
CA SER B 394 3.44 -12.84 35.53
C SER B 394 3.55 -12.21 36.92
N ILE B 395 3.97 -13.00 37.89
CA ILE B 395 4.16 -12.51 39.26
C ILE B 395 5.64 -12.22 39.55
N LEU B 396 5.90 -11.03 40.08
CA LEU B 396 7.26 -10.55 40.30
C LEU B 396 7.38 -10.09 41.74
N VAL B 397 8.50 -10.44 42.36
N VAL B 397 8.44 -10.49 42.43
CA VAL B 397 8.78 -10.09 43.75
CA VAL B 397 8.64 -10.04 43.80
C VAL B 397 9.59 -8.79 43.84
C VAL B 397 9.49 -8.78 43.81
N TYR B 398 9.23 -7.92 44.79
CA TYR B 398 10.02 -6.70 45.03
C TYR B 398 10.37 -6.61 46.51
N ASP B 399 11.29 -5.71 46.87
CA ASP B 399 11.73 -5.61 48.27
C ASP B 399 11.34 -4.29 48.93
N ASP B 400 11.20 -3.22 48.15
CA ASP B 400 10.66 -1.96 48.68
C ASP B 400 9.82 -1.18 47.69
N GLU B 401 9.08 -0.20 48.22
CA GLU B 401 8.12 0.58 47.47
C GLU B 401 8.74 1.34 46.30
N ASP B 402 9.91 1.97 46.51
CA ASP B 402 10.54 2.71 45.41
C ASP B 402 10.94 1.79 44.24
N GLU B 403 11.47 0.62 44.57
CA GLU B 403 11.84 -0.39 43.57
C GLU B 403 10.61 -0.86 42.76
N ALA B 404 9.51 -1.13 43.46
CA ALA B 404 8.28 -1.58 42.80
C ALA B 404 7.81 -0.55 41.77
N ILE B 405 7.81 0.72 42.18
CA ILE B 405 7.32 1.77 41.31
C ILE B 405 8.24 1.97 40.09
N ARG B 406 9.55 1.98 40.34
N ARG B 406 9.55 1.99 40.35
CA ARG B 406 10.55 2.09 39.28
CA ARG B 406 10.56 2.09 39.29
C ARG B 406 10.41 0.98 38.24
C ARG B 406 10.42 0.98 38.25
N ARG B 407 10.25 -0.27 38.72
CA ARG B 407 10.14 -1.41 37.82
C ARG B 407 8.79 -1.43 37.08
N ALA B 408 7.73 -1.01 37.77
CA ALA B 408 6.41 -0.88 37.14
C ALA B 408 6.47 0.12 35.99
N ASN B 409 7.20 1.21 36.21
CA ASN B 409 7.35 2.28 35.19
C ASN B 409 8.34 1.94 34.08
N ASP B 410 9.16 0.92 34.28
CA ASP B 410 10.23 0.63 33.32
C ASP B 410 9.72 -0.28 32.21
N THR B 411 9.08 0.35 31.22
CA THR B 411 8.40 -0.33 30.13
C THR B 411 8.04 0.74 29.09
N GLU B 412 7.92 0.35 27.82
CA GLU B 412 7.59 1.32 26.76
C GLU B 412 6.13 1.66 26.86
N TYR B 413 5.36 0.67 27.33
CA TYR B 413 3.93 0.82 27.52
C TYR B 413 3.61 1.78 28.66
N GLY B 414 2.44 2.37 28.63
CA GLY B 414 2.02 3.26 29.70
C GLY B 414 0.51 3.38 29.70
N LEU B 415 -0.15 2.24 29.53
CA LEU B 415 -1.59 2.24 29.35
C LEU B 415 -2.33 2.30 30.69
N ALA B 416 -2.14 1.31 31.54
CA ALA B 416 -2.86 1.32 32.82
C ALA B 416 -1.94 0.92 33.95
N ALA B 417 -2.40 1.12 35.18
CA ALA B 417 -1.66 0.72 36.37
C ALA B 417 -2.61 0.69 37.56
N GLY B 418 -2.25 -0.09 38.58
CA GLY B 418 -3.09 -0.23 39.76
C GLY B 418 -2.30 -0.55 41.00
N VAL B 419 -2.82 -0.14 42.16
CA VAL B 419 -2.18 -0.43 43.43
C VAL B 419 -3.22 -0.98 44.39
N VAL B 420 -2.79 -1.83 45.31
CA VAL B 420 -3.68 -2.34 46.34
C VAL B 420 -3.03 -2.02 47.66
N THR B 421 -3.74 -1.25 48.49
CA THR B 421 -3.21 -0.84 49.79
C THR B 421 -4.37 -0.31 50.63
N GLN B 422 -4.23 -0.35 51.95
CA GLN B 422 -5.28 0.21 52.81
C GLN B 422 -4.92 1.59 53.34
N ASP B 423 -3.70 2.03 53.07
CA ASP B 423 -3.20 3.30 53.62
C ASP B 423 -3.56 4.48 52.72
N LEU B 424 -4.14 5.53 53.32
CA LEU B 424 -4.56 6.69 52.52
C LEU B 424 -3.40 7.36 51.75
N ALA B 425 -2.33 7.69 52.45
CA ALA B 425 -1.20 8.38 51.81
C ALA B 425 -0.56 7.53 50.69
N ARG B 426 -0.32 6.25 50.96
CA ARG B 426 0.36 5.38 49.99
C ARG B 426 -0.45 5.21 48.71
N ALA B 427 -1.76 5.05 48.86
CA ALA B 427 -2.63 4.87 47.70
C ALA B 427 -2.45 5.97 46.66
N HIS B 428 -2.67 7.22 47.08
CA HIS B 428 -2.55 8.35 46.17
C HIS B 428 -1.09 8.65 45.79
N ARG B 429 -0.16 8.47 46.73
CA ARG B 429 1.25 8.74 46.42
C ARG B 429 1.79 7.77 45.36
N ALA B 430 1.55 6.47 45.53
CA ALA B 430 2.02 5.50 44.54
C ALA B 430 1.42 5.78 43.16
N ILE B 431 0.12 6.04 43.12
CA ILE B 431 -0.56 6.30 41.85
C ILE B 431 0.02 7.53 41.13
N HIS B 432 0.26 8.60 41.89
CA HIS B 432 0.84 9.82 41.36
C HIS B 432 2.20 9.51 40.70
N ARG B 433 2.95 8.56 41.26
N ARG B 433 2.93 8.55 41.24
CA ARG B 433 4.27 8.20 40.75
CA ARG B 433 4.26 8.21 40.72
C ARG B 433 4.24 7.22 39.56
C ARG B 433 4.25 7.21 39.57
N LEU B 434 3.10 6.58 39.33
CA LEU B 434 2.99 5.61 38.24
C LEU B 434 2.68 6.31 36.92
N GLU B 435 3.43 5.94 35.88
CA GLU B 435 3.27 6.61 34.59
C GLU B 435 2.27 5.86 33.70
N ALA B 436 0.98 6.02 33.98
CA ALA B 436 -0.04 5.42 33.14
C ALA B 436 -1.22 6.37 33.09
N GLY B 437 -2.03 6.28 32.03
CA GLY B 437 -3.17 7.16 31.86
C GLY B 437 -4.41 6.64 32.58
N ILE B 438 -4.52 5.31 32.71
CA ILE B 438 -5.68 4.73 33.40
C ILE B 438 -5.20 4.11 34.72
N CYS B 439 -5.69 4.62 35.84
CA CYS B 439 -5.17 4.18 37.14
C CYS B 439 -6.25 3.73 38.08
N TRP B 440 -5.96 2.66 38.83
CA TRP B 440 -6.93 2.04 39.73
C TRP B 440 -6.37 1.83 41.14
N ILE B 441 -7.15 2.24 42.14
CA ILE B 441 -6.78 2.03 43.53
C ILE B 441 -7.76 1.01 44.13
N ASN B 442 -7.25 -0.16 44.52
CA ASN B 442 -8.06 -1.21 45.15
C ASN B 442 -9.19 -1.69 44.27
N THR B 443 -8.96 -1.65 42.96
CA THR B 443 -9.90 -2.16 41.99
C THR B 443 -9.12 -2.39 40.71
N TRP B 444 -9.82 -2.89 39.68
CA TRP B 444 -9.23 -3.04 38.36
C TRP B 444 -10.33 -3.14 37.33
N GLY B 445 -10.08 -2.60 36.14
CA GLY B 445 -10.89 -3.00 34.99
C GLY B 445 -12.01 -2.08 34.53
N GLU B 446 -12.53 -1.23 35.40
CA GLU B 446 -13.57 -0.28 34.97
C GLU B 446 -12.86 0.90 34.32
N SER B 447 -12.89 0.98 32.99
CA SER B 447 -12.09 1.99 32.30
C SER B 447 -12.91 3.26 32.00
N PRO B 448 -12.22 4.40 31.86
CA PRO B 448 -12.86 5.69 31.50
C PRO B 448 -13.61 5.61 30.18
N ALA B 449 -14.76 6.28 30.10
CA ALA B 449 -15.57 6.27 28.88
C ALA B 449 -14.83 6.83 27.66
N GLU B 450 -14.02 7.87 27.87
CA GLU B 450 -13.31 8.53 26.78
C GLU B 450 -12.23 7.67 26.13
N MET B 451 -11.97 6.50 26.71
CA MET B 451 -10.98 5.58 26.17
C MET B 451 -11.67 4.44 25.40
N PRO B 452 -11.31 4.25 24.11
CA PRO B 452 -11.92 3.23 23.24
C PRO B 452 -11.29 1.86 23.52
N VAL B 453 -11.35 1.45 24.79
CA VAL B 453 -10.98 0.10 25.18
C VAL B 453 -12.27 -0.60 25.59
N GLY B 454 -12.35 -1.90 25.30
CA GLY B 454 -13.50 -2.69 25.68
C GLY B 454 -13.48 -3.11 27.13
N GLY B 455 -14.50 -3.87 27.54
CA GLY B 455 -14.60 -4.34 28.90
C GLY B 455 -15.50 -3.47 29.74
N TYR B 456 -15.36 -3.61 31.06
CA TYR B 456 -16.11 -2.82 32.03
C TYR B 456 -15.83 -1.34 31.79
N LYS B 457 -16.87 -0.52 31.92
CA LYS B 457 -16.68 0.93 31.78
C LYS B 457 -17.14 1.62 33.04
N GLN B 458 -16.46 2.70 33.41
CA GLN B 458 -16.88 3.52 34.55
C GLN B 458 -18.29 4.05 34.31
N SER B 459 -19.10 4.03 35.37
CA SER B 459 -20.49 4.49 35.30
C SER B 459 -20.57 5.98 35.62
N GLY B 460 -19.93 6.78 34.78
CA GLY B 460 -19.88 8.21 34.98
C GLY B 460 -18.83 8.74 34.05
N VAL B 461 -19.08 9.92 33.47
CA VAL B 461 -18.18 10.53 32.50
C VAL B 461 -17.89 11.96 32.94
N GLY B 462 -16.62 12.37 32.89
CA GLY B 462 -16.33 13.76 33.17
C GLY B 462 -16.97 14.62 32.09
N ARG B 463 -17.57 15.74 32.49
CA ARG B 463 -18.15 16.68 31.52
C ARG B 463 -17.12 17.07 30.45
N GLU B 464 -15.90 17.40 30.87
CA GLU B 464 -14.89 17.84 29.93
C GLU B 464 -14.43 16.71 29.02
N ASN B 465 -14.27 15.51 29.56
CA ASN B 465 -13.88 14.35 28.76
C ASN B 465 -14.91 14.13 27.63
N GLY B 466 -16.18 14.26 27.96
CA GLY B 466 -17.26 14.03 26.99
C GLY B 466 -17.24 15.01 25.84
N LEU B 467 -17.23 16.31 26.15
CA LEU B 467 -17.16 17.39 25.17
C LEU B 467 -15.89 17.32 24.35
N THR B 468 -14.77 16.99 24.99
CA THR B 468 -13.51 16.84 24.29
C THR B 468 -13.62 15.76 23.21
N THR B 469 -14.25 14.64 23.57
CA THR B 469 -14.44 13.56 22.61
C THR B 469 -15.32 14.01 21.44
N LEU B 470 -16.43 14.66 21.75
CA LEU B 470 -17.33 15.19 20.72
C LEU B 470 -16.58 16.12 19.76
N ALA B 471 -15.67 16.91 20.32
CA ALA B 471 -14.90 17.90 19.56
C ALA B 471 -13.94 17.25 18.57
N HIS B 472 -13.47 16.04 18.89
CA HIS B 472 -12.62 15.29 17.96
C HIS B 472 -13.34 15.03 16.64
N TYR B 473 -14.66 15.05 16.68
CA TYR B 473 -15.44 14.71 15.52
C TYR B 473 -16.08 15.95 14.88
N THR B 474 -15.52 17.13 15.21
CA THR B 474 -16.02 18.38 14.65
C THR B 474 -14.87 19.29 14.27
N ARG B 475 -15.17 20.34 13.52
CA ARG B 475 -14.19 21.38 13.25
C ARG B 475 -14.78 22.74 13.61
N ILE B 476 -13.92 23.69 13.98
CA ILE B 476 -14.36 25.04 14.27
C ILE B 476 -14.44 25.85 12.99
N LYS B 477 -15.58 26.50 12.79
CA LYS B 477 -15.71 27.54 11.78
C LYS B 477 -15.69 28.86 12.51
N SER B 478 -14.85 29.78 12.05
CA SER B 478 -14.67 31.06 12.70
C SER B 478 -15.10 32.18 11.77
N VAL B 479 -16.02 33.03 12.23
CA VAL B 479 -16.52 34.11 11.39
C VAL B 479 -16.24 35.48 12.03
N GLN B 480 -15.43 36.29 11.37
CA GLN B 480 -15.19 37.63 11.87
C GLN B 480 -15.96 38.68 11.07
N VAL B 481 -16.70 39.54 11.79
CA VAL B 481 -17.51 40.57 11.18
C VAL B 481 -16.97 41.96 11.51
N GLU B 482 -16.82 42.79 10.49
CA GLU B 482 -16.44 44.18 10.68
C GLU B 482 -17.61 45.12 10.37
N LEU B 483 -18.18 45.72 11.41
CA LEU B 483 -19.30 46.66 11.23
C LEU B 483 -18.84 48.09 10.91
N GLY B 484 -17.58 48.40 11.21
CA GLY B 484 -17.09 49.75 11.02
C GLY B 484 -16.21 49.90 9.79
N ASP B 485 -15.27 50.84 9.85
CA ASP B 485 -14.41 51.12 8.70
C ASP B 485 -13.25 50.13 8.59
N TYR B 486 -12.88 49.81 7.37
CA TYR B 486 -11.77 48.90 7.15
C TYR B 486 -10.49 49.70 6.88
N ALA B 487 -9.39 49.29 7.50
CA ALA B 487 -8.12 50.02 7.37
C ALA B 487 -7.12 49.27 6.49
N SER B 488 -6.55 50.00 5.53
CA SER B 488 -5.53 49.47 4.63
C SER B 488 -4.27 50.30 4.81
N VAL B 489 -3.12 49.63 4.81
CA VAL B 489 -1.84 50.34 4.89
C VAL B 489 -1.40 50.87 3.52
N PHE B 490 -2.13 50.47 2.46
CA PHE B 490 -1.81 50.94 1.11
C PHE B 490 -2.74 52.09 0.70
N ALA C 2 28.34 35.69 6.43
CA ALA C 2 29.48 36.60 6.46
C ALA C 2 29.16 37.91 7.17
N ARG C 3 27.89 38.29 7.22
CA ARG C 3 27.50 39.41 8.08
C ARG C 3 27.65 39.02 9.55
N PHE C 4 27.21 37.81 9.90
CA PHE C 4 27.30 37.34 11.28
C PHE C 4 28.17 36.09 11.31
N GLU C 5 28.64 35.70 12.49
CA GLU C 5 29.38 34.45 12.65
C GLU C 5 28.45 33.25 12.40
N GLU C 6 29.05 32.07 12.22
CA GLU C 6 28.31 30.85 11.93
C GLU C 6 27.33 30.55 13.07
N GLN C 7 26.07 30.32 12.72
CA GLN C 7 25.05 30.05 13.74
C GLN C 7 25.10 28.59 14.16
N LYS C 8 25.10 28.34 15.46
CA LYS C 8 25.18 26.99 16.01
C LYS C 8 23.81 26.55 16.53
N LEU C 9 23.70 25.31 16.99
CA LEU C 9 22.44 24.79 17.51
C LEU C 9 22.23 25.34 18.91
N TYR C 10 20.98 25.41 19.37
CA TYR C 10 20.71 25.86 20.74
C TYR C 10 20.09 24.71 21.51
N ILE C 11 20.89 24.10 22.39
CA ILE C 11 20.44 22.94 23.15
C ILE C 11 20.86 23.11 24.60
N GLY C 12 19.90 22.96 25.51
CA GLY C 12 20.20 23.02 26.93
C GLY C 12 20.61 24.40 27.42
N GLY C 13 20.00 25.43 26.85
CA GLY C 13 20.31 26.81 27.27
C GLY C 13 21.60 27.38 26.72
N ARG C 14 22.19 26.70 25.76
CA ARG C 14 23.46 27.21 25.23
C ARG C 14 23.67 26.81 23.79
N TYR C 15 24.55 27.55 23.12
CA TYR C 15 24.90 27.23 21.75
C TYR C 15 25.89 26.09 21.73
N VAL C 16 25.63 25.08 20.91
CA VAL C 16 26.55 23.95 20.78
C VAL C 16 26.75 23.64 19.30
N GLU C 17 27.89 23.03 19.00
CA GLU C 17 28.24 22.72 17.62
C GLU C 17 27.45 21.52 17.13
N ALA C 18 26.98 21.59 15.89
CA ALA C 18 26.36 20.45 15.24
C ALA C 18 27.42 19.40 14.95
N SER C 19 26.98 18.16 14.72
CA SER C 19 27.90 17.08 14.41
C SER C 19 27.65 16.54 13.01
N SER C 20 27.28 17.42 12.08
CA SER C 20 26.96 17.01 10.71
C SER C 20 28.06 17.38 9.75
N GLY C 21 28.95 18.28 10.19
CA GLY C 21 29.98 18.83 9.32
C GLY C 21 29.43 19.69 8.19
N ALA C 22 28.14 20.00 8.23
CA ALA C 22 27.48 20.69 7.12
C ALA C 22 26.80 21.99 7.54
N THR C 23 26.72 22.94 6.61
CA THR C 23 26.00 24.19 6.82
C THR C 23 25.20 24.62 5.58
N PHE C 24 24.26 25.54 5.77
CA PHE C 24 23.61 26.22 4.64
C PHE C 24 23.70 27.73 4.89
N GLU C 25 23.32 28.53 3.90
CA GLU C 25 23.41 29.98 4.03
C GLU C 25 22.03 30.60 4.19
N THR C 26 21.94 31.68 4.97
CA THR C 26 20.71 32.47 4.92
C THR C 26 21.04 33.81 4.29
N ILE C 27 20.19 34.21 3.33
CA ILE C 27 20.46 35.32 2.44
C ILE C 27 19.49 36.45 2.72
N ASN C 28 19.99 37.67 2.77
CA ASN C 28 19.12 38.84 2.83
C ASN C 28 18.52 39.07 1.43
N PRO C 29 17.19 38.91 1.30
CA PRO C 29 16.61 39.01 -0.05
C PRO C 29 16.59 40.44 -0.60
N ALA C 30 16.93 41.42 0.23
CA ALA C 30 16.90 42.81 -0.21
C ALA C 30 18.13 43.18 -1.05
N ASN C 31 19.22 42.43 -0.88
CA ASN C 31 20.49 42.79 -1.51
C ASN C 31 21.37 41.60 -1.90
N GLY C 32 20.91 40.39 -1.59
CA GLY C 32 21.68 39.20 -1.93
C GLY C 32 22.86 38.92 -1.01
N GLU C 33 23.03 39.71 0.05
CA GLU C 33 24.12 39.52 1.01
C GLU C 33 23.95 38.23 1.85
N VAL C 34 25.03 37.47 2.05
CA VAL C 34 24.99 36.36 2.99
C VAL C 34 24.89 36.88 4.43
N LEU C 35 23.81 36.55 5.14
CA LEU C 35 23.68 36.95 6.53
C LEU C 35 24.53 36.08 7.45
N ALA C 36 24.47 34.78 7.23
CA ALA C 36 25.16 33.83 8.08
C ALA C 36 25.22 32.46 7.44
N LYS C 37 26.27 31.72 7.75
CA LYS C 37 26.27 30.28 7.57
C LYS C 37 25.53 29.72 8.79
N VAL C 38 24.75 28.67 8.58
CA VAL C 38 23.93 28.07 9.63
C VAL C 38 24.16 26.57 9.67
N GLN C 39 24.47 26.04 10.84
CA GLN C 39 24.80 24.62 10.98
C GLN C 39 23.58 23.74 10.77
N ARG C 40 23.81 22.57 10.18
CA ARG C 40 22.75 21.59 9.98
C ARG C 40 22.83 20.55 11.09
N ALA C 41 21.72 20.32 11.77
CA ALA C 41 21.68 19.33 12.84
C ALA C 41 21.70 17.93 12.23
N SER C 42 22.38 17.00 12.89
CA SER C 42 22.40 15.60 12.47
C SER C 42 21.37 14.80 13.28
N ARG C 43 21.22 13.52 12.93
N ARG C 43 21.23 13.52 12.96
CA ARG C 43 20.36 12.60 13.67
CA ARG C 43 20.30 12.66 13.70
C ARG C 43 20.81 12.57 15.11
C ARG C 43 20.80 12.54 15.12
N GLU C 44 22.12 12.62 15.28
CA GLU C 44 22.74 12.55 16.59
C GLU C 44 22.40 13.79 17.42
N ASP C 45 22.35 14.95 16.76
CA ASP C 45 21.99 16.20 17.44
C ASP C 45 20.52 16.22 17.87
N VAL C 46 19.65 15.68 17.02
CA VAL C 46 18.24 15.51 17.40
C VAL C 46 18.15 14.71 18.70
N GLU C 47 18.85 13.58 18.75
CA GLU C 47 18.88 12.77 19.97
C GLU C 47 19.37 13.56 21.19
N ARG C 48 20.46 14.30 20.99
CA ARG C 48 21.00 15.16 22.03
C ARG C 48 19.98 16.18 22.49
N ALA C 49 19.27 16.78 21.54
CA ALA C 49 18.26 17.79 21.89
C ALA C 49 17.12 17.15 22.67
N VAL C 50 16.72 15.95 22.27
CA VAL C 50 15.65 15.24 22.97
C VAL C 50 16.01 14.94 24.43
N GLN C 51 17.21 14.42 24.68
CA GLN C 51 17.59 14.09 26.05
C GLN C 51 17.70 15.35 26.90
N SER C 52 18.18 16.44 26.31
CA SER C 52 18.20 17.71 27.02
C SER C 52 16.77 18.16 27.32
N ALA C 53 15.88 18.02 26.36
CA ALA C 53 14.47 18.40 26.56
C ALA C 53 13.77 17.56 27.64
N VAL C 54 14.04 16.25 27.64
CA VAL C 54 13.46 15.35 28.65
C VAL C 54 13.80 15.79 30.07
N GLU C 55 15.07 16.12 30.29
CA GLU C 55 15.52 16.52 31.63
C GLU C 55 15.03 17.91 32.01
N GLY C 56 15.04 18.84 31.05
CA GLY C 56 14.62 20.20 31.29
C GLY C 56 13.13 20.25 31.59
N GLN C 57 12.36 19.43 30.88
CA GLN C 57 10.91 19.42 31.09
C GLN C 57 10.57 19.02 32.51
N LYS C 58 11.38 18.15 33.11
CA LYS C 58 11.11 17.71 34.48
C LYS C 58 11.29 18.84 35.47
N VAL C 59 12.33 19.65 35.26
CA VAL C 59 12.57 20.83 36.10
C VAL C 59 11.44 21.87 35.97
N TRP C 60 10.98 22.08 34.74
CA TRP C 60 9.94 23.05 34.42
C TRP C 60 8.62 22.66 35.09
N ALA C 61 8.25 21.39 34.93
CA ALA C 61 6.99 20.85 35.46
C ALA C 61 6.97 20.73 36.99
N ALA C 62 8.15 20.64 37.60
CA ALA C 62 8.24 20.55 39.05
C ALA C 62 7.94 21.89 39.71
N MET C 63 8.10 22.98 38.97
CA MET C 63 7.80 24.32 39.51
C MET C 63 6.31 24.46 39.77
N THR C 64 5.93 25.47 40.55
CA THR C 64 4.50 25.74 40.75
C THR C 64 3.92 26.37 39.49
N ALA C 65 2.60 26.36 39.35
CA ALA C 65 1.97 26.94 38.16
C ALA C 65 2.26 28.44 38.06
N MET C 66 2.22 29.13 39.19
CA MET C 66 2.47 30.57 39.17
C MET C 66 3.93 30.91 38.91
N GLN C 67 4.85 30.04 39.35
CA GLN C 67 6.25 30.17 38.99
C GLN C 67 6.47 30.12 37.47
N ARG C 68 5.85 29.14 36.82
CA ARG C 68 5.89 29.08 35.35
C ARG C 68 5.26 30.33 34.75
N SER C 69 4.11 30.74 35.30
CA SER C 69 3.43 31.93 34.80
C SER C 69 4.34 33.17 34.83
N ARG C 70 5.02 33.38 35.95
CA ARG C 70 5.91 34.54 36.12
C ARG C 70 7.13 34.57 35.20
N ILE C 71 7.70 33.39 34.95
CA ILE C 71 8.84 33.25 34.06
C ILE C 71 8.43 33.59 32.63
N LEU C 72 7.30 33.03 32.19
CA LEU C 72 6.80 33.34 30.85
C LEU C 72 6.47 34.84 30.70
N ARG C 73 5.93 35.46 31.77
CA ARG C 73 5.65 36.90 31.76
C ARG C 73 6.94 37.71 31.70
N ARG C 74 8.00 37.22 32.35
CA ARG C 74 9.29 37.89 32.28
C ARG C 74 9.80 37.87 30.85
N ALA C 75 9.57 36.75 30.15
CA ALA C 75 9.94 36.63 28.73
C ALA C 75 9.18 37.68 27.92
N VAL C 76 7.91 37.88 28.26
CA VAL C 76 7.10 38.88 27.57
C VAL C 76 7.71 40.30 27.71
N ASP C 77 8.07 40.68 28.93
CA ASP C 77 8.71 42.00 29.16
C ASP C 77 10.00 42.18 28.35
N ILE C 78 10.81 41.12 28.26
CA ILE C 78 12.06 41.18 27.50
C ILE C 78 11.76 41.32 26.02
N LEU C 79 10.75 40.58 25.56
CA LEU C 79 10.29 40.75 24.18
C LEU C 79 9.82 42.17 23.87
N ARG C 80 9.15 42.83 24.82
CA ARG C 80 8.72 44.23 24.60
C ARG C 80 9.94 45.14 24.56
N GLU C 81 10.89 44.92 25.47
CA GLU C 81 12.11 45.72 25.50
C GLU C 81 12.88 45.59 24.19
N ARG C 82 12.99 44.36 23.71
CA ARG C 82 13.86 44.06 22.55
C ARG C 82 13.11 44.07 21.21
N ASN C 83 11.89 44.61 21.22
CA ASN C 83 11.03 44.60 20.03
C ASN C 83 11.72 45.10 18.76
N ASP C 84 12.32 46.28 18.83
CA ASP C 84 12.89 46.94 17.66
C ASP C 84 14.08 46.16 17.11
N GLU C 85 14.95 45.73 18.02
CA GLU C 85 16.10 44.91 17.69
C GLU C 85 15.66 43.60 17.00
N LEU C 86 14.65 42.95 17.56
CA LEU C 86 14.14 41.70 16.98
C LEU C 86 13.51 41.98 15.63
N ALA C 87 12.78 43.09 15.52
CA ALA C 87 12.17 43.47 14.26
C ALA C 87 13.19 43.75 13.15
N ALA C 88 14.28 44.44 13.50
CA ALA C 88 15.31 44.74 12.51
C ALA C 88 15.92 43.45 11.97
N LEU C 89 16.16 42.51 12.88
CA LEU C 89 16.71 41.22 12.51
C LEU C 89 15.74 40.44 11.64
N GLU C 90 14.47 40.39 12.04
CA GLU C 90 13.45 39.71 11.21
C GLU C 90 13.40 40.32 9.79
N THR C 91 13.49 41.64 9.72
CA THR C 91 13.53 42.33 8.42
C THR C 91 14.73 41.89 7.58
N LEU C 92 15.92 41.80 8.19
CA LEU C 92 17.12 41.34 7.49
C LEU C 92 16.89 39.96 6.86
N ASP C 93 16.31 39.08 7.66
CA ASP C 93 16.18 37.67 7.32
C ASP C 93 15.01 37.40 6.35
N THR C 94 13.95 38.21 6.40
CA THR C 94 12.73 37.94 5.61
C THR C 94 12.44 38.91 4.46
N GLY C 95 13.01 40.12 4.55
CA GLY C 95 12.71 41.16 3.57
C GLY C 95 11.42 41.91 3.89
N LYS C 96 10.73 41.51 4.95
CA LYS C 96 9.51 42.21 5.33
C LYS C 96 9.82 43.61 5.82
N PRO C 97 9.00 44.59 5.39
CA PRO C 97 9.29 45.98 5.75
C PRO C 97 9.32 46.18 7.28
N LEU C 98 10.21 47.05 7.74
CA LEU C 98 10.35 47.34 9.16
C LEU C 98 9.03 47.85 9.74
N ALA C 99 8.22 48.49 8.90
CA ALA C 99 6.91 48.98 9.32
C ALA C 99 6.00 47.83 9.75
N GLU C 100 6.09 46.70 9.06
CA GLU C 100 5.37 45.52 9.50
C GLU C 100 6.03 44.87 10.73
N THR C 101 7.33 44.59 10.63
CA THR C 101 7.96 43.74 11.65
C THR C 101 7.99 44.44 13.01
N ARG C 102 8.13 45.75 13.00
CA ARG C 102 8.22 46.51 14.25
C ARG C 102 6.87 46.60 15.01
N SER C 103 5.76 46.51 14.28
CA SER C 103 4.44 46.71 14.89
C SER C 103 3.54 45.47 14.87
N VAL C 104 3.93 44.43 14.14
CA VAL C 104 3.10 43.23 14.06
C VAL C 104 3.76 41.99 14.64
N ASP C 105 4.89 41.58 14.05
CA ASP C 105 5.46 40.26 14.34
C ASP C 105 5.78 39.99 15.80
N ILE C 106 6.56 40.86 16.43
CA ILE C 106 6.95 40.58 17.81
C ILE C 106 5.84 41.00 18.76
N VAL C 107 5.17 42.10 18.44
CA VAL C 107 4.05 42.59 19.24
C VAL C 107 2.97 41.51 19.47
N THR C 108 2.54 40.86 18.39
CA THR C 108 1.47 39.88 18.49
C THR C 108 1.96 38.56 19.08
N GLY C 109 3.21 38.21 18.77
CA GLY C 109 3.83 37.05 19.39
C GLY C 109 3.88 37.18 20.90
N ALA C 110 4.38 38.31 21.38
CA ALA C 110 4.44 38.58 22.80
C ALA C 110 3.03 38.63 23.42
N ASP C 111 2.07 39.19 22.68
CA ASP C 111 0.68 39.23 23.16
C ASP C 111 0.14 37.84 23.48
N VAL C 112 0.42 36.90 22.59
CA VAL C 112 -0.03 35.53 22.75
C VAL C 112 0.66 34.81 23.91
N LEU C 113 1.96 35.02 24.05
CA LEU C 113 2.68 34.44 25.20
C LEU C 113 2.12 35.02 26.50
N GLU C 114 1.93 36.34 26.54
CA GLU C 114 1.34 37.01 27.71
C GLU C 114 -0.02 36.43 28.08
N TYR C 115 -0.87 36.21 27.08
CA TYR C 115 -2.17 35.57 27.26
C TYR C 115 -2.04 34.18 27.90
N TYR C 116 -1.20 33.32 27.30
CA TYR C 116 -1.08 31.96 27.84
C TYR C 116 -0.41 31.93 29.21
N ALA C 117 0.51 32.85 29.45
CA ALA C 117 1.18 32.92 30.75
C ALA C 117 0.15 33.11 31.87
N GLY C 118 -0.89 33.88 31.60
CA GLY C 118 -1.96 34.12 32.55
C GLY C 118 -2.84 32.91 32.82
N LEU C 119 -2.85 31.97 31.89
CA LEU C 119 -3.69 30.79 32.04
C LEU C 119 -2.98 29.59 32.64
N VAL C 120 -1.67 29.68 32.83
CA VAL C 120 -0.93 28.57 33.44
C VAL C 120 -1.63 28.07 34.73
N PRO C 121 -2.06 28.99 35.63
CA PRO C 121 -2.70 28.48 36.86
C PRO C 121 -4.16 28.05 36.69
N ALA C 122 -4.68 28.11 35.47
CA ALA C 122 -6.07 27.76 35.22
C ALA C 122 -6.20 26.34 34.61
N ILE C 123 -5.15 25.55 34.72
CA ILE C 123 -5.17 24.16 34.29
C ILE C 123 -5.57 23.24 35.46
N SER C 124 -6.67 22.51 35.32
CA SER C 124 -7.15 21.62 36.37
C SER C 124 -7.92 20.44 35.79
N GLY C 125 -8.18 19.41 36.60
CA GLY C 125 -8.85 18.22 36.11
C GLY C 125 -10.27 18.14 36.64
N GLU C 126 -10.82 16.93 36.68
CA GLU C 126 -12.22 16.73 37.06
C GLU C 126 -12.33 15.71 38.16
N GLN C 127 -13.50 15.69 38.77
CA GLN C 127 -13.88 14.64 39.69
C GLN C 127 -15.19 14.07 39.19
N ILE C 128 -15.28 12.75 39.11
CA ILE C 128 -16.43 12.10 38.51
C ILE C 128 -16.98 11.06 39.48
N PRO C 129 -18.17 11.32 40.02
CA PRO C 129 -18.74 10.33 40.95
C PRO C 129 -19.25 9.13 40.17
N LEU C 130 -19.05 7.92 40.69
CA LEU C 130 -19.48 6.73 39.95
C LEU C 130 -20.62 6.11 40.72
N ARG C 131 -20.48 6.11 42.03
CA ARG C 131 -21.46 5.55 42.96
C ARG C 131 -20.97 5.98 44.34
N GLU C 132 -21.79 5.77 45.37
CA GLU C 132 -21.45 6.21 46.72
C GLU C 132 -20.03 5.78 47.13
N THR C 133 -19.63 4.58 46.71
CA THR C 133 -18.39 3.97 47.19
C THR C 133 -17.22 4.02 46.17
N SER C 134 -17.37 4.81 45.12
CA SER C 134 -16.25 4.98 44.19
C SER C 134 -16.37 6.29 43.42
N PHE C 135 -15.23 6.93 43.20
CA PHE C 135 -15.18 8.12 42.37
C PHE C 135 -13.87 8.15 41.61
N VAL C 136 -13.82 9.01 40.60
CA VAL C 136 -12.65 9.16 39.76
C VAL C 136 -12.19 10.60 39.88
N TYR C 137 -10.88 10.80 39.90
CA TYR C 137 -10.36 12.14 39.70
C TYR C 137 -9.33 12.09 38.58
N THR C 138 -9.26 13.16 37.80
CA THR C 138 -8.36 13.18 36.64
C THR C 138 -7.33 14.26 36.85
N ARG C 139 -6.11 13.99 36.38
CA ARG C 139 -5.05 14.99 36.46
C ARG C 139 -4.63 15.36 35.05
N ARG C 140 -4.44 16.65 34.79
CA ARG C 140 -3.88 17.05 33.51
C ARG C 140 -2.37 17.17 33.65
N GLU C 141 -1.65 16.33 32.93
CA GLU C 141 -0.20 16.32 32.96
C GLU C 141 0.36 16.76 31.61
N PRO C 142 1.54 17.38 31.61
CA PRO C 142 2.24 17.71 30.36
C PRO C 142 2.44 16.48 29.49
N LEU C 143 2.47 16.64 28.17
CA LEU C 143 2.78 15.52 27.29
C LEU C 143 4.22 15.06 27.50
N GLY C 144 5.11 16.02 27.71
CA GLY C 144 6.55 15.76 27.78
C GLY C 144 7.32 16.66 26.84
N VAL C 145 7.91 16.07 25.80
CA VAL C 145 8.61 16.84 24.77
C VAL C 145 7.75 16.91 23.50
N VAL C 146 7.56 18.11 22.97
CA VAL C 146 6.86 18.27 21.70
C VAL C 146 7.76 19.01 20.70
N ALA C 147 7.42 18.97 19.42
CA ALA C 147 8.25 19.58 18.40
C ALA C 147 7.45 20.67 17.72
N GLY C 148 8.12 21.72 17.26
CA GLY C 148 7.45 22.73 16.48
C GLY C 148 8.22 22.97 15.20
N ILE C 149 7.49 23.12 14.10
CA ILE C 149 8.12 23.34 12.81
C ILE C 149 7.80 24.77 12.38
N GLY C 150 8.82 25.56 12.05
CA GLY C 150 8.61 26.97 11.73
C GLY C 150 8.16 27.23 10.30
N ALA C 151 7.67 28.44 10.06
CA ALA C 151 7.30 28.86 8.72
C ALA C 151 8.20 30.02 8.32
N TRP C 152 8.39 30.21 7.02
CA TRP C 152 9.31 31.27 6.56
C TRP C 152 8.70 32.65 6.48
N ASN C 153 7.37 32.78 6.50
CA ASN C 153 6.77 34.09 6.31
C ASN C 153 6.54 34.89 7.59
N TYR C 154 6.41 34.18 8.70
CA TYR C 154 6.29 34.82 10.02
C TYR C 154 7.12 34.08 11.06
N PRO C 155 8.45 34.13 10.92
CA PRO C 155 9.35 33.28 11.71
C PRO C 155 9.20 33.44 13.22
N VAL C 156 9.38 34.63 13.74
CA VAL C 156 9.38 34.78 15.19
C VAL C 156 7.96 34.67 15.78
N GLN C 157 6.97 35.12 15.02
CA GLN C 157 5.59 35.08 15.47
C GLN C 157 5.11 33.65 15.61
N ILE C 158 5.43 32.83 14.60
CA ILE C 158 5.07 31.42 14.61
C ILE C 158 5.84 30.67 15.68
N ALA C 159 7.12 31.01 15.88
CA ALA C 159 7.89 30.40 16.98
C ALA C 159 7.18 30.64 18.32
N LEU C 160 6.72 31.87 18.50
CA LEU C 160 6.00 32.25 19.71
C LEU C 160 4.62 31.58 19.83
N TRP C 161 3.92 31.51 18.73
CA TRP C 161 2.62 30.94 18.66
C TRP C 161 2.61 29.47 19.03
N LYS C 162 3.60 28.76 18.58
CA LYS C 162 3.74 27.34 18.87
C LYS C 162 4.30 27.09 20.26
N SER C 163 5.32 27.87 20.66
CA SER C 163 6.00 27.56 21.91
C SER C 163 5.20 28.00 23.12
N ALA C 164 4.42 29.08 22.99
CA ALA C 164 3.69 29.61 24.15
C ALA C 164 2.71 28.62 24.81
N PRO C 165 1.77 28.03 24.05
CA PRO C 165 0.89 27.10 24.78
C PRO C 165 1.64 25.85 25.21
N ALA C 166 2.61 25.42 24.40
CA ALA C 166 3.39 24.23 24.71
C ALA C 166 4.09 24.42 26.05
N LEU C 167 4.76 25.56 26.22
CA LEU C 167 5.49 25.79 27.46
C LEU C 167 4.54 26.06 28.62
N ALA C 168 3.48 26.83 28.37
CA ALA C 168 2.51 27.18 29.42
C ALA C 168 1.89 25.92 30.01
N ALA C 169 1.77 24.89 29.17
CA ALA C 169 1.16 23.65 29.60
C ALA C 169 2.18 22.75 30.30
N GLY C 170 3.42 23.21 30.45
CA GLY C 170 4.42 22.44 31.18
C GLY C 170 5.27 21.50 30.35
N ASN C 171 5.24 21.64 29.02
CA ASN C 171 6.08 20.80 28.16
C ASN C 171 7.40 21.47 27.82
N ALA C 172 8.33 20.68 27.27
CA ALA C 172 9.52 21.20 26.63
C ALA C 172 9.24 21.18 25.13
N MET C 173 9.86 22.09 24.37
CA MET C 173 9.67 22.09 22.92
C MET C 173 11.01 22.11 22.16
N ILE C 174 11.13 21.26 21.15
CA ILE C 174 12.25 21.39 20.23
C ILE C 174 11.74 22.07 18.98
N PHE C 175 12.32 23.22 18.64
CA PHE C 175 11.79 24.01 17.54
C PHE C 175 12.76 24.01 16.36
N LYS C 176 12.21 23.82 15.17
CA LYS C 176 13.00 23.85 13.95
C LYS C 176 12.49 24.96 13.02
N PRO C 177 13.24 26.07 12.93
CA PRO C 177 12.79 27.18 12.08
C PRO C 177 12.99 26.82 10.63
N SER C 178 12.30 27.56 9.75
CA SER C 178 12.50 27.36 8.32
C SER C 178 13.96 27.66 7.96
N GLU C 179 14.54 26.83 7.10
CA GLU C 179 15.89 27.08 6.61
C GLU C 179 16.00 28.42 5.86
N VAL C 180 14.86 28.94 5.40
CA VAL C 180 14.87 30.23 4.73
C VAL C 180 15.05 31.37 5.74
N THR C 181 14.61 31.16 6.98
CA THR C 181 14.54 32.26 7.94
C THR C 181 14.87 31.82 9.37
N PRO C 182 16.13 31.37 9.62
CA PRO C 182 16.40 30.71 10.90
C PRO C 182 16.87 31.62 12.03
N LEU C 183 17.13 32.89 11.78
CA LEU C 183 17.89 33.70 12.75
C LEU C 183 17.16 34.09 14.03
N THR C 184 15.91 34.52 13.92
CA THR C 184 15.18 35.04 15.08
C THR C 184 14.81 33.97 16.09
N ALA C 185 14.59 32.74 15.61
CA ALA C 185 14.27 31.63 16.51
C ALA C 185 15.34 31.46 17.59
N LEU C 186 16.60 31.63 17.21
CA LEU C 186 17.72 31.52 18.15
C LEU C 186 17.68 32.66 19.16
N LYS C 187 17.33 33.87 18.70
CA LYS C 187 17.19 34.99 19.62
C LYS C 187 16.07 34.73 20.61
N LEU C 188 14.99 34.10 20.14
CA LEU C 188 13.88 33.79 21.06
C LEU C 188 14.36 32.82 22.13
N ALA C 189 15.16 31.85 21.71
CA ALA C 189 15.70 30.84 22.62
C ALA C 189 16.54 31.49 23.74
N GLU C 190 17.33 32.49 23.39
CA GLU C 190 18.12 33.19 24.41
C GLU C 190 17.22 33.97 25.36
N ILE C 191 16.13 34.51 24.83
CA ILE C 191 15.23 35.33 25.64
C ILE C 191 14.54 34.44 26.69
N TYR C 192 14.04 33.28 26.26
CA TYR C 192 13.46 32.34 27.20
C TYR C 192 14.45 32.00 28.33
N THR C 193 15.68 31.69 27.96
CA THR C 193 16.72 31.40 28.96
C THR C 193 16.97 32.59 29.90
N GLU C 194 17.01 33.80 29.35
CA GLU C 194 17.22 34.99 30.17
C GLU C 194 16.06 35.27 31.13
N ALA C 195 14.85 34.88 30.73
CA ALA C 195 13.66 35.05 31.56
C ALA C 195 13.61 34.04 32.68
N GLY C 196 14.42 32.99 32.59
CA GLY C 196 14.41 31.98 33.63
C GLY C 196 13.85 30.64 33.22
N VAL C 197 13.57 30.46 31.93
CA VAL C 197 13.14 29.13 31.47
C VAL C 197 14.30 28.13 31.65
N PRO C 198 14.04 26.95 32.25
CA PRO C 198 15.13 26.00 32.54
C PRO C 198 15.79 25.48 31.26
N ASP C 199 17.07 25.15 31.36
CA ASP C 199 17.84 24.67 30.22
C ASP C 199 17.16 23.44 29.60
N GLY C 200 17.05 23.41 28.28
CA GLY C 200 16.41 22.27 27.62
C GLY C 200 14.93 22.44 27.35
N VAL C 201 14.28 23.43 27.97
CA VAL C 201 12.83 23.55 27.79
C VAL C 201 12.44 24.08 26.40
N PHE C 202 13.31 24.93 25.85
CA PHE C 202 13.12 25.36 24.49
C PHE C 202 14.44 25.30 23.73
N ASN C 203 14.61 24.22 22.97
CA ASN C 203 15.79 23.98 22.15
C ASN C 203 15.49 24.33 20.69
N VAL C 204 16.50 24.76 19.96
CA VAL C 204 16.33 25.09 18.55
C VAL C 204 17.31 24.29 17.70
N LEU C 205 16.78 23.60 16.70
CA LEU C 205 17.62 22.87 15.76
C LEU C 205 17.40 23.41 14.36
N THR C 206 18.48 23.85 13.72
CA THR C 206 18.38 24.32 12.35
C THR C 206 18.72 23.20 11.39
N GLY C 207 18.16 23.25 10.18
CA GLY C 207 18.46 22.23 9.20
C GLY C 207 17.89 22.60 7.85
N SER C 208 18.37 21.93 6.81
CA SER C 208 17.84 22.15 5.47
C SER C 208 17.10 20.89 4.98
N GLY C 209 16.24 21.06 3.98
CA GLY C 209 15.46 19.94 3.50
C GLY C 209 14.48 19.47 4.56
N ARG C 210 14.16 18.19 4.54
CA ARG C 210 13.12 17.62 5.41
C ARG C 210 13.72 16.78 6.54
N GLU C 211 15.04 16.70 6.58
CA GLU C 211 15.75 15.83 7.50
C GLU C 211 15.36 16.00 8.97
N VAL C 212 15.51 17.22 9.51
CA VAL C 212 15.26 17.43 10.93
C VAL C 212 13.81 17.16 11.32
N GLY C 213 12.88 17.71 10.55
CA GLY C 213 11.46 17.49 10.75
C GLY C 213 11.12 16.01 10.76
N GLN C 214 11.71 15.28 9.83
CA GLN C 214 11.52 13.84 9.75
C GLN C 214 12.09 13.14 10.99
N TRP C 215 13.30 13.53 11.39
CA TRP C 215 13.96 12.88 12.53
C TRP C 215 13.17 13.15 13.82
N LEU C 216 12.58 14.33 13.92
CA LEU C 216 11.73 14.68 15.05
C LEU C 216 10.45 13.84 15.07
N THR C 217 9.76 13.78 13.92
CA THR C 217 8.55 12.98 13.78
C THR C 217 8.80 11.52 14.13
N GLU C 218 9.92 10.98 13.65
CA GLU C 218 10.32 9.60 13.93
C GLU C 218 10.65 9.34 15.38
N HIS C 219 11.13 10.35 16.11
CA HIS C 219 11.65 10.07 17.43
C HIS C 219 10.57 9.65 18.42
N PRO C 220 10.79 8.49 19.08
CA PRO C 220 9.80 7.90 19.98
C PRO C 220 9.49 8.74 21.24
N LEU C 221 10.34 9.69 21.60
CA LEU C 221 10.08 10.49 22.81
C LEU C 221 9.44 11.85 22.50
N ILE C 222 9.21 12.13 21.23
CA ILE C 222 8.51 13.36 20.85
C ILE C 222 7.01 13.07 20.72
N GLU C 223 6.23 13.66 21.61
CA GLU C 223 4.84 13.27 21.79
C GLU C 223 3.94 13.89 20.75
N LYS C 224 4.39 15.02 20.20
CA LYS C 224 3.54 15.79 19.30
C LYS C 224 4.41 16.68 18.43
N ILE C 225 4.05 16.83 17.15
CA ILE C 225 4.78 17.72 16.25
C ILE C 225 3.81 18.73 15.65
N SER C 226 4.17 20.00 15.70
CA SER C 226 3.33 21.07 15.18
C SER C 226 3.92 21.60 13.86
N PHE C 227 3.32 21.19 12.74
CA PHE C 227 3.77 21.62 11.39
C PHE C 227 3.02 22.86 10.85
N THR C 228 3.77 23.78 10.22
CA THR C 228 3.21 24.84 9.38
C THR C 228 4.18 25.15 8.24
N GLY C 255 -3.90 28.11 1.17
CA GLY C 255 -4.65 27.59 0.05
C GLY C 255 -4.84 28.58 -1.10
N LYS C 256 -6.05 28.65 -1.63
CA LYS C 256 -6.39 29.63 -2.66
C LYS C 256 -7.69 30.30 -2.25
N SER C 257 -7.63 30.96 -1.08
CA SER C 257 -8.81 31.54 -0.46
C SER C 257 -9.51 32.53 -1.37
N PRO C 258 -10.84 32.44 -1.46
CA PRO C 258 -11.59 33.34 -2.32
C PRO C 258 -12.12 34.55 -1.57
N LEU C 259 -12.15 35.69 -2.26
CA LEU C 259 -12.78 36.90 -1.77
C LEU C 259 -13.95 37.19 -2.70
N ILE C 260 -15.17 37.08 -2.19
CA ILE C 260 -16.34 37.35 -3.04
C ILE C 260 -16.89 38.76 -2.80
N ILE C 261 -16.84 39.59 -3.83
CA ILE C 261 -17.38 40.93 -3.76
C ILE C 261 -18.78 40.94 -4.37
N PHE C 262 -19.80 41.02 -3.51
CA PHE C 262 -21.18 40.98 -3.97
C PHE C 262 -21.53 42.26 -4.71
N PRO C 263 -22.61 42.24 -5.53
CA PRO C 263 -22.99 43.42 -6.33
C PRO C 263 -23.37 44.65 -5.50
N ASP C 264 -23.72 44.47 -4.23
CA ASP C 264 -24.07 45.62 -3.39
C ASP C 264 -22.94 46.01 -2.43
N ALA C 265 -21.71 45.64 -2.80
CA ALA C 265 -20.54 45.98 -2.00
C ALA C 265 -20.12 47.44 -2.20
N ASP C 266 -19.65 48.05 -1.12
CA ASP C 266 -18.93 49.32 -1.21
C ASP C 266 -17.61 49.04 -1.92
N LEU C 267 -17.52 49.44 -3.19
CA LEU C 267 -16.36 49.09 -4.01
C LEU C 267 -15.03 49.62 -3.50
N ASP C 268 -15.05 50.78 -2.84
CA ASP C 268 -13.84 51.29 -2.19
C ASP C 268 -13.36 50.35 -1.07
N ARG C 269 -14.28 49.90 -0.23
CA ARG C 269 -13.94 48.91 0.79
C ARG C 269 -13.47 47.62 0.11
N ALA C 270 -14.20 47.21 -0.93
CA ALA C 270 -13.88 46.00 -1.66
C ALA C 270 -12.46 46.05 -2.21
N ALA C 271 -12.11 47.18 -2.80
CA ALA C 271 -10.77 47.34 -3.38
C ALA C 271 -9.67 47.38 -2.29
N ASP C 272 -9.95 48.04 -1.17
CA ASP C 272 -8.98 48.09 -0.07
C ASP C 272 -8.73 46.69 0.48
N ILE C 273 -9.80 45.93 0.66
CA ILE C 273 -9.67 44.55 1.13
C ILE C 273 -8.89 43.72 0.12
N ALA C 274 -9.28 43.79 -1.15
CA ALA C 274 -8.61 43.00 -2.19
C ALA C 274 -7.10 43.27 -2.22
N VAL C 275 -6.74 44.55 -2.15
CA VAL C 275 -5.33 44.95 -2.21
C VAL C 275 -4.57 44.48 -0.96
N MET C 276 -5.19 44.70 0.21
CA MET C 276 -4.60 44.22 1.46
C MET C 276 -4.46 42.70 1.46
N ALA C 277 -5.52 42.02 1.03
CA ALA C 277 -5.56 40.55 1.06
C ALA C 277 -4.57 39.93 0.09
N ASN C 278 -3.98 40.74 -0.80
CA ASN C 278 -3.07 40.21 -1.81
C ASN C 278 -1.64 40.69 -1.74
N PHE C 279 -1.44 41.87 -1.17
CA PHE C 279 -0.14 42.53 -1.26
C PHE C 279 0.55 42.77 0.09
N PHE C 280 -0.16 42.58 1.19
CA PHE C 280 0.47 42.61 2.50
C PHE C 280 1.56 41.54 2.60
N SER C 281 2.67 41.89 3.26
CA SER C 281 3.85 41.03 3.31
C SER C 281 4.23 40.53 1.91
N SER C 282 4.11 41.41 0.92
CA SER C 282 4.37 41.07 -0.49
C SER C 282 3.64 39.81 -0.96
N GLY C 283 2.42 39.61 -0.46
CA GLY C 283 1.60 38.49 -0.90
C GLY C 283 2.04 37.13 -0.38
N GLN C 284 2.84 37.13 0.68
CA GLN C 284 3.37 35.87 1.20
C GLN C 284 2.62 35.36 2.43
N VAL C 285 1.32 35.62 2.50
CA VAL C 285 0.52 35.14 3.62
C VAL C 285 -0.36 33.96 3.21
N CYS C 286 -0.47 32.98 4.10
CA CYS C 286 -1.20 31.74 3.85
C CYS C 286 -2.68 31.96 3.56
N THR C 287 -3.26 32.91 4.29
CA THR C 287 -4.69 33.19 4.17
C THR C 287 -5.06 34.19 3.07
N ASN C 288 -4.09 34.57 2.23
CA ASN C 288 -4.34 35.57 1.19
C ASN C 288 -5.52 35.24 0.26
N GLY C 289 -6.32 36.25 -0.04
CA GLY C 289 -7.50 36.09 -0.87
C GLY C 289 -7.16 36.31 -2.31
N THR C 290 -6.45 35.34 -2.88
CA THR C 290 -5.84 35.49 -4.19
C THR C 290 -6.80 35.23 -5.34
N ARG C 291 -7.95 34.62 -5.04
CA ARG C 291 -9.05 34.54 -6.03
C ARG C 291 -10.12 35.56 -5.67
N VAL C 292 -10.20 36.62 -6.47
CA VAL C 292 -11.14 37.69 -6.17
C VAL C 292 -12.31 37.68 -7.15
N PHE C 293 -13.50 37.38 -6.65
CA PHE C 293 -14.68 37.31 -7.51
C PHE C 293 -15.40 38.65 -7.55
N ILE C 294 -15.64 39.16 -8.76
CA ILE C 294 -16.28 40.45 -8.97
C ILE C 294 -17.47 40.24 -9.91
N HIS C 295 -18.62 40.82 -9.57
CA HIS C 295 -19.78 40.72 -10.46
C HIS C 295 -19.52 41.45 -11.76
N ARG C 296 -20.02 40.89 -12.86
CA ARG C 296 -19.79 41.46 -14.20
C ARG C 296 -20.16 42.93 -14.30
N SER C 297 -21.21 43.34 -13.59
CA SER C 297 -21.69 44.72 -13.63
C SER C 297 -20.73 45.69 -12.94
N GLN C 298 -19.83 45.15 -12.12
CA GLN C 298 -18.93 45.99 -11.33
C GLN C 298 -17.46 45.85 -11.73
N GLN C 299 -17.17 45.01 -12.71
CA GLN C 299 -15.78 44.71 -13.09
C GLN C 299 -14.97 45.95 -13.47
N ALA C 300 -15.54 46.79 -14.33
CA ALA C 300 -14.81 47.96 -14.81
C ALA C 300 -14.45 48.94 -13.69
N ARG C 301 -15.44 49.32 -12.88
CA ARG C 301 -15.24 50.21 -11.75
C ARG C 301 -14.25 49.61 -10.75
N PHE C 302 -14.44 48.34 -10.41
CA PHE C 302 -13.54 47.65 -9.49
C PHE C 302 -12.09 47.70 -10.00
N GLU C 303 -11.89 47.36 -11.27
CA GLU C 303 -10.54 47.36 -11.84
C GLU C 303 -9.84 48.73 -11.74
N ALA C 304 -10.59 49.80 -12.01
CA ALA C 304 -10.02 51.14 -11.89
C ALA C 304 -9.63 51.47 -10.43
N LYS C 305 -10.43 51.01 -9.47
CA LYS C 305 -10.14 51.22 -8.04
C LYS C 305 -8.96 50.41 -7.53
N VAL C 306 -8.83 49.16 -7.98
CA VAL C 306 -7.68 48.34 -7.67
C VAL C 306 -6.42 48.97 -8.26
N LEU C 307 -6.53 49.38 -9.52
CA LEU C 307 -5.39 49.97 -10.23
C LEU C 307 -4.83 51.20 -9.51
N GLU C 308 -5.72 52.09 -9.07
CA GLU C 308 -5.34 53.31 -8.38
C GLU C 308 -4.63 53.02 -7.05
N ARG C 309 -5.12 52.02 -6.32
CA ARG C 309 -4.49 51.63 -5.05
C ARG C 309 -3.12 50.97 -5.24
N VAL C 310 -3.04 50.04 -6.18
CA VAL C 310 -1.79 49.35 -6.50
C VAL C 310 -0.71 50.32 -6.95
N GLN C 311 -1.12 51.33 -7.71
CA GLN C 311 -0.18 52.33 -8.23
C GLN C 311 0.48 53.19 -7.16
N ARG C 312 -0.13 53.29 -5.99
CA ARG C 312 0.50 54.05 -4.92
C ARG C 312 1.10 53.15 -3.85
N ILE C 313 1.30 51.89 -4.17
CA ILE C 313 2.03 51.00 -3.26
C ILE C 313 3.48 51.44 -3.20
N ARG C 314 4.06 51.45 -2.00
CA ARG C 314 5.43 51.93 -1.87
C ARG C 314 6.44 50.80 -1.76
N LEU C 315 6.79 50.23 -2.92
CA LEU C 315 7.84 49.23 -3.00
C LEU C 315 9.17 49.88 -2.66
N GLY C 316 9.97 49.22 -1.83
CA GLY C 316 11.25 49.79 -1.50
C GLY C 316 12.10 48.96 -0.56
N ASP C 317 13.22 49.54 -0.15
CA ASP C 317 14.11 48.94 0.81
C ASP C 317 13.36 48.73 2.13
N PRO C 318 13.33 47.47 2.61
CA PRO C 318 12.51 47.17 3.79
C PRO C 318 13.05 47.80 5.07
N GLN C 319 14.27 48.33 5.02
CA GLN C 319 14.85 49.02 6.17
C GLN C 319 14.37 50.47 6.25
N ASP C 320 13.80 50.97 5.16
CA ASP C 320 13.20 52.29 5.15
C ASP C 320 11.78 52.18 5.73
N GLU C 321 11.46 53.03 6.71
CA GLU C 321 10.17 52.95 7.42
C GLU C 321 8.99 53.33 6.51
N ASN C 322 9.27 54.14 5.49
CA ASN C 322 8.24 54.53 4.55
C ASN C 322 7.87 53.41 3.54
N THR C 323 8.65 52.33 3.52
CA THR C 323 8.35 51.21 2.63
C THR C 323 7.18 50.40 3.18
N ASN C 324 6.21 50.07 2.33
CA ASN C 324 5.16 49.14 2.77
C ASN C 324 5.04 47.88 1.91
N PHE C 325 6.00 47.66 1.01
CA PHE C 325 6.02 46.47 0.17
C PHE C 325 7.47 46.12 -0.16
N GLY C 326 7.94 45.00 0.37
CA GLY C 326 9.34 44.63 0.26
C GLY C 326 9.60 43.59 -0.81
N PRO C 327 10.83 43.03 -0.84
CA PRO C 327 11.08 41.92 -1.77
C PRO C 327 10.45 40.64 -1.24
N LEU C 328 10.49 39.57 -2.04
CA LEU C 328 10.02 38.27 -1.61
C LEU C 328 11.04 37.66 -0.66
N VAL C 329 10.69 36.57 0.00
CA VAL C 329 11.52 36.05 1.07
C VAL C 329 12.88 35.50 0.58
N SER C 330 12.95 35.07 -0.68
CA SER C 330 14.14 34.44 -1.23
C SER C 330 14.20 34.52 -2.74
N PHE C 331 15.39 34.35 -3.30
CA PHE C 331 15.55 34.35 -4.75
C PHE C 331 14.87 33.17 -5.45
N PRO C 332 14.97 31.95 -4.90
CA PRO C 332 14.20 30.85 -5.51
C PRO C 332 12.70 31.11 -5.51
N HIS C 333 12.19 31.73 -4.44
N HIS C 333 12.19 31.73 -4.44
CA HIS C 333 10.78 32.03 -4.36
CA HIS C 333 10.78 32.01 -4.38
C HIS C 333 10.40 33.02 -5.45
C HIS C 333 10.39 33.03 -5.45
N MET C 334 11.24 34.03 -5.64
CA MET C 334 11.01 35.01 -6.70
C MET C 334 10.91 34.34 -8.07
N GLU C 335 11.87 33.47 -8.38
CA GLU C 335 11.85 32.75 -9.66
C GLU C 335 10.59 31.91 -9.81
N SER C 336 10.14 31.31 -8.71
CA SER C 336 8.90 30.54 -8.73
C SER C 336 7.73 31.46 -9.09
N VAL C 337 7.63 32.59 -8.39
CA VAL C 337 6.58 33.56 -8.67
C VAL C 337 6.60 34.09 -10.11
N LEU C 338 7.79 34.39 -10.62
CA LEU C 338 7.93 34.87 -12.00
C LEU C 338 7.46 33.82 -12.99
N GLY C 339 7.68 32.55 -12.64
CA GLY C 339 7.22 31.45 -13.47
C GLY C 339 5.70 31.43 -13.53
N TYR C 340 5.05 31.65 -12.39
CA TYR C 340 3.59 31.70 -12.36
C TYR C 340 3.06 32.88 -13.19
N ILE C 341 3.68 34.05 -13.03
CA ILE C 341 3.31 35.20 -13.85
C ILE C 341 3.43 34.90 -15.35
N GLU C 342 4.51 34.21 -15.74
CA GLU C 342 4.62 33.76 -17.14
C GLU C 342 3.47 32.83 -17.54
N SER C 343 3.08 31.94 -16.64
CA SER C 343 1.94 31.05 -16.88
C SER C 343 0.67 31.83 -17.20
N GLY C 344 0.36 32.86 -16.41
CA GLY C 344 -0.80 33.70 -16.65
C GLY C 344 -0.84 34.40 -17.99
N LYS C 345 0.30 34.95 -18.40
CA LYS C 345 0.37 35.62 -19.70
C LYS C 345 0.16 34.58 -20.79
N ALA C 346 0.82 33.44 -20.65
CA ALA C 346 0.75 32.37 -21.64
C ALA C 346 -0.67 31.86 -21.79
N GLN C 347 -1.42 31.78 -20.70
CA GLN C 347 -2.78 31.28 -20.73
C GLN C 347 -3.81 32.38 -21.01
N LYS C 348 -3.32 33.55 -21.42
CA LYS C 348 -4.17 34.66 -21.87
C LYS C 348 -5.05 35.30 -20.77
N ALA C 349 -4.57 35.28 -19.54
CA ALA C 349 -5.17 36.13 -18.51
C ALA C 349 -4.78 37.56 -18.88
N ARG C 350 -5.69 38.51 -18.67
CA ARG C 350 -5.37 39.90 -18.98
C ARG C 350 -4.58 40.54 -17.84
N LEU C 351 -3.37 40.97 -18.17
CA LEU C 351 -2.52 41.67 -17.21
C LEU C 351 -3.06 43.07 -16.96
N LEU C 352 -3.44 43.34 -15.71
CA LEU C 352 -3.94 44.67 -15.36
C LEU C 352 -2.80 45.57 -14.91
N CYS C 353 -1.88 45.04 -14.09
CA CYS C 353 -0.69 45.80 -13.69
C CYS C 353 0.45 44.91 -13.15
N GLY C 354 1.65 45.48 -13.07
CA GLY C 354 2.81 44.76 -12.59
C GLY C 354 3.22 43.69 -13.58
N GLY C 355 3.54 42.49 -13.07
CA GLY C 355 3.86 41.38 -13.95
C GLY C 355 5.32 41.21 -14.32
N GLU C 356 6.23 41.83 -13.57
CA GLU C 356 7.65 41.60 -13.78
C GLU C 356 8.52 41.87 -12.55
N ARG C 357 9.78 41.46 -12.65
CA ARG C 357 10.77 41.73 -11.61
C ARG C 357 11.13 43.22 -11.65
N VAL C 358 11.23 43.85 -10.48
CA VAL C 358 11.68 45.23 -10.40
C VAL C 358 13.19 45.27 -10.27
N THR C 359 13.87 45.85 -11.25
CA THR C 359 15.33 45.78 -11.32
C THR C 359 16.01 47.16 -11.33
N ASP C 360 15.21 48.21 -11.36
CA ASP C 360 15.73 49.58 -11.32
C ASP C 360 16.61 49.82 -10.10
N GLY C 361 17.82 50.31 -10.34
CA GLY C 361 18.75 50.66 -9.28
C GLY C 361 19.10 49.50 -8.36
N ALA C 362 19.07 49.77 -7.06
CA ALA C 362 19.44 48.78 -6.05
C ALA C 362 18.53 47.56 -6.14
N PHE C 363 17.33 47.74 -6.70
CA PHE C 363 16.32 46.69 -6.67
C PHE C 363 16.77 45.45 -7.43
N GLY C 364 17.61 45.68 -8.45
CA GLY C 364 18.23 44.59 -9.20
C GLY C 364 19.02 43.61 -8.36
N LYS C 365 19.58 44.07 -7.24
CA LYS C 365 20.32 43.16 -6.34
C LYS C 365 19.43 42.41 -5.36
N GLY C 366 18.14 42.75 -5.36
CA GLY C 366 17.20 42.13 -4.44
C GLY C 366 16.21 41.23 -5.18
N ALA C 367 15.28 40.65 -4.42
CA ALA C 367 14.32 39.70 -5.00
C ALA C 367 12.92 40.31 -5.09
N TYR C 368 12.81 41.38 -5.88
CA TYR C 368 11.61 42.22 -5.94
C TYR C 368 10.74 41.89 -7.13
N VAL C 369 9.49 41.53 -6.86
CA VAL C 369 8.47 41.34 -7.90
C VAL C 369 7.40 42.39 -7.70
N ALA C 370 7.04 43.09 -8.77
CA ALA C 370 6.03 44.13 -8.71
C ALA C 370 4.69 43.56 -8.28
N PRO C 371 3.89 44.35 -7.56
CA PRO C 371 2.50 43.97 -7.25
C PRO C 371 1.76 43.68 -8.55
N THR C 372 1.27 42.46 -8.71
CA THR C 372 0.73 42.01 -9.99
C THR C 372 -0.76 41.67 -9.93
N VAL C 373 -1.50 42.14 -10.91
CA VAL C 373 -2.93 41.85 -11.00
C VAL C 373 -3.30 41.27 -12.35
N PHE C 374 -3.90 40.08 -12.35
CA PHE C 374 -4.47 39.54 -13.59
C PHE C 374 -5.99 39.64 -13.46
N THR C 375 -6.66 39.86 -14.58
CA THR C 375 -8.12 39.89 -14.59
C THR C 375 -8.61 39.10 -15.81
N ASP C 376 -9.93 38.99 -15.94
CA ASP C 376 -10.54 38.07 -16.92
C ASP C 376 -9.91 36.69 -16.78
N CYS C 377 -9.72 36.24 -15.55
CA CYS C 377 -9.17 34.92 -15.31
C CYS C 377 -10.21 33.81 -15.50
N ARG C 378 -9.76 32.57 -15.64
CA ARG C 378 -10.67 31.43 -15.74
C ARG C 378 -10.27 30.35 -14.76
N ASP C 379 -11.25 29.54 -14.34
CA ASP C 379 -11.06 28.59 -13.24
C ASP C 379 -10.03 27.50 -13.56
N ASP C 380 -9.82 27.21 -14.84
CA ASP C 380 -8.83 26.20 -15.25
C ASP C 380 -7.41 26.76 -15.38
N MET C 381 -7.24 28.06 -15.16
CA MET C 381 -5.91 28.66 -15.23
C MET C 381 -5.02 28.26 -14.06
N THR C 382 -3.76 27.98 -14.37
CA THR C 382 -2.76 27.63 -13.35
C THR C 382 -2.71 28.66 -12.24
N ILE C 383 -2.74 29.96 -12.60
CA ILE C 383 -2.64 31.01 -11.58
C ILE C 383 -3.88 31.04 -10.69
N VAL C 384 -4.98 30.48 -11.19
CA VAL C 384 -6.19 30.38 -10.38
C VAL C 384 -6.19 29.13 -9.48
N ARG C 385 -5.70 28.02 -10.02
CA ARG C 385 -5.76 26.72 -9.35
C ARG C 385 -4.64 26.47 -8.33
N GLU C 386 -3.48 27.06 -8.58
CA GLU C 386 -2.34 26.80 -7.72
C GLU C 386 -2.01 28.00 -6.84
N GLU C 387 -1.56 27.70 -5.62
CA GLU C 387 -1.13 28.70 -4.67
C GLU C 387 0.23 29.23 -5.10
N ILE C 388 0.41 30.55 -5.04
CA ILE C 388 1.59 31.18 -5.61
C ILE C 388 2.51 31.75 -4.53
N PHE C 389 1.91 32.25 -3.43
CA PHE C 389 2.69 32.79 -2.32
C PHE C 389 3.55 33.98 -2.75
N GLY C 390 2.94 34.84 -3.55
CA GLY C 390 3.62 36.03 -4.04
C GLY C 390 2.55 37.04 -4.39
N PRO C 391 2.97 38.25 -4.77
CA PRO C 391 2.02 39.34 -4.98
C PRO C 391 1.31 39.22 -6.34
N VAL C 392 0.42 38.23 -6.45
CA VAL C 392 -0.33 37.99 -7.70
C VAL C 392 -1.82 37.78 -7.44
N MET C 393 -2.62 38.79 -7.76
CA MET C 393 -4.07 38.74 -7.58
C MET C 393 -4.73 38.18 -8.84
N SER C 394 -5.67 37.25 -8.68
CA SER C 394 -6.43 36.76 -9.84
C SER C 394 -7.89 37.20 -9.72
N ILE C 395 -8.32 38.05 -10.64
CA ILE C 395 -9.69 38.56 -10.61
C ILE C 395 -10.60 37.74 -11.51
N LEU C 396 -11.67 37.22 -10.93
CA LEU C 396 -12.61 36.40 -11.68
C LEU C 396 -13.98 37.03 -11.74
N VAL C 397 -14.59 37.00 -12.92
CA VAL C 397 -15.90 37.60 -13.14
C VAL C 397 -17.00 36.55 -12.94
N TYR C 398 -18.10 36.95 -12.31
CA TYR C 398 -19.24 36.04 -12.15
C TYR C 398 -20.58 36.73 -12.46
N ASP C 399 -21.63 35.92 -12.58
CA ASP C 399 -22.95 36.46 -12.92
C ASP C 399 -23.96 36.40 -11.79
N ASP C 400 -23.99 35.30 -11.05
CA ASP C 400 -24.88 35.23 -9.89
C ASP C 400 -24.22 34.68 -8.63
N GLU C 401 -24.83 35.02 -7.50
CA GLU C 401 -24.25 34.80 -6.18
C GLU C 401 -23.94 33.34 -5.87
N ASP C 402 -24.87 32.45 -6.22
CA ASP C 402 -24.70 31.03 -5.95
C ASP C 402 -23.58 30.42 -6.81
N GLU C 403 -23.45 30.91 -8.03
CA GLU C 403 -22.35 30.53 -8.91
C GLU C 403 -21.01 30.91 -8.27
N ALA C 404 -20.88 32.19 -7.90
CA ALA C 404 -19.69 32.64 -7.17
C ALA C 404 -19.34 31.75 -5.98
N ILE C 405 -20.33 31.47 -5.14
CA ILE C 405 -20.12 30.64 -3.95
C ILE C 405 -19.67 29.22 -4.32
N ARG C 406 -20.29 28.66 -5.36
CA ARG C 406 -19.91 27.34 -5.87
C ARG C 406 -18.45 27.32 -6.31
N ARG C 407 -18.08 28.25 -7.19
CA ARG C 407 -16.71 28.38 -7.69
C ARG C 407 -15.72 28.65 -6.56
N ALA C 408 -16.12 29.49 -5.60
CA ALA C 408 -15.31 29.73 -4.41
C ALA C 408 -15.01 28.46 -3.62
N ASN C 409 -15.99 27.58 -3.49
CA ASN C 409 -15.80 26.32 -2.76
C ASN C 409 -15.05 25.28 -3.58
N ASP C 410 -15.05 25.45 -4.90
CA ASP C 410 -14.42 24.48 -5.79
C ASP C 410 -12.91 24.68 -5.85
N THR C 411 -12.25 24.19 -4.81
CA THR C 411 -10.81 24.25 -4.69
C THR C 411 -10.48 23.09 -3.77
N GLU C 412 -9.30 22.50 -3.91
CA GLU C 412 -8.90 21.40 -3.03
C GLU C 412 -8.74 21.96 -1.64
N TYR C 413 -8.28 23.20 -1.60
CA TYR C 413 -8.06 23.94 -0.37
C TYR C 413 -9.39 24.35 0.27
N GLY C 414 -9.29 25.07 1.38
CA GLY C 414 -10.46 25.46 2.16
C GLY C 414 -9.99 26.07 3.46
N LEU C 415 -9.05 27.00 3.35
CA LEU C 415 -8.50 27.68 4.51
C LEU C 415 -9.39 28.85 4.94
N ALA C 416 -9.46 29.88 4.09
CA ALA C 416 -10.22 31.06 4.44
C ALA C 416 -11.09 31.53 3.28
N ALA C 417 -12.07 32.38 3.58
CA ALA C 417 -12.87 33.03 2.56
C ALA C 417 -13.33 34.35 3.13
N GLY C 418 -13.74 35.27 2.28
CA GLY C 418 -14.31 36.51 2.74
C GLY C 418 -15.42 36.96 1.81
N VAL C 419 -16.34 37.76 2.32
CA VAL C 419 -17.34 38.37 1.46
C VAL C 419 -17.40 39.84 1.79
N VAL C 420 -17.73 40.64 0.78
CA VAL C 420 -17.92 42.06 0.96
C VAL C 420 -19.31 42.41 0.45
N THR C 421 -20.16 42.91 1.34
CA THR C 421 -21.52 43.29 0.96
C THR C 421 -22.07 44.24 2.01
N GLN C 422 -23.03 45.08 1.61
CA GLN C 422 -23.67 46.01 2.52
C GLN C 422 -24.89 45.36 3.17
N ASP C 423 -25.32 44.23 2.61
CA ASP C 423 -26.45 43.49 3.14
C ASP C 423 -25.93 42.38 4.06
N LEU C 424 -25.98 42.60 5.37
CA LEU C 424 -25.40 41.66 6.31
C LEU C 424 -26.20 40.35 6.42
N ALA C 425 -27.50 40.42 6.13
CA ALA C 425 -28.32 39.23 6.02
C ALA C 425 -27.77 38.31 4.93
N ARG C 426 -27.44 38.91 3.78
CA ARG C 426 -26.82 38.19 2.67
C ARG C 426 -25.45 37.61 3.04
N ALA C 427 -24.65 38.38 3.78
CA ALA C 427 -23.32 37.93 4.18
C ALA C 427 -23.43 36.69 5.08
N HIS C 428 -24.40 36.74 5.99
CA HIS C 428 -24.66 35.65 6.93
C HIS C 428 -25.04 34.38 6.19
N ARG C 429 -25.96 34.49 5.24
CA ARG C 429 -26.36 33.36 4.42
C ARG C 429 -25.14 32.80 3.68
N ALA C 430 -24.39 33.68 3.04
CA ALA C 430 -23.21 33.27 2.28
C ALA C 430 -22.12 32.54 3.08
N ILE C 431 -21.86 32.97 4.31
CA ILE C 431 -20.82 32.29 5.09
C ILE C 431 -21.27 30.89 5.52
N HIS C 432 -22.57 30.67 5.68
CA HIS C 432 -23.10 29.35 5.95
C HIS C 432 -22.72 28.39 4.81
N ARG C 433 -22.78 28.89 3.59
CA ARG C 433 -22.56 28.07 2.40
C ARG C 433 -21.08 27.95 1.99
N LEU C 434 -20.24 28.88 2.42
CA LEU C 434 -18.82 28.81 2.12
C LEU C 434 -18.19 27.80 3.06
N GLU C 435 -17.30 26.96 2.51
CA GLU C 435 -16.80 25.81 3.26
C GLU C 435 -15.54 26.08 4.06
N ALA C 436 -14.92 27.22 3.84
CA ALA C 436 -13.72 27.61 4.59
C ALA C 436 -14.02 27.75 6.09
N GLY C 437 -13.03 27.46 6.92
CA GLY C 437 -13.19 27.52 8.36
C GLY C 437 -12.76 28.84 8.99
N ILE C 438 -12.11 29.69 8.19
CA ILE C 438 -11.80 31.06 8.62
C ILE C 438 -12.56 32.03 7.70
N CYS C 439 -13.62 32.66 8.18
CA CYS C 439 -14.42 33.51 7.29
C CYS C 439 -14.42 34.98 7.69
N TRP C 440 -14.32 35.86 6.70
CA TRP C 440 -14.34 37.31 6.94
C TRP C 440 -15.53 38.01 6.28
N ILE C 441 -16.17 38.91 7.00
CA ILE C 441 -17.24 39.71 6.43
C ILE C 441 -16.83 41.18 6.48
N ASN C 442 -16.64 41.77 5.30
CA ASN C 442 -16.30 43.19 5.16
C ASN C 442 -14.97 43.54 5.85
N THR C 443 -14.09 42.56 5.93
CA THR C 443 -12.73 42.78 6.39
C THR C 443 -11.85 41.65 5.84
N TRP C 444 -10.59 41.63 6.25
CA TRP C 444 -9.68 40.55 5.89
C TRP C 444 -8.46 40.58 6.79
N GLY C 445 -7.76 39.45 6.88
CA GLY C 445 -6.40 39.49 7.39
C GLY C 445 -6.20 39.04 8.83
N GLU C 446 -7.15 39.37 9.70
CA GLU C 446 -7.03 39.03 11.11
C GLU C 446 -7.56 37.62 11.40
N SER C 447 -6.65 36.65 11.46
CA SER C 447 -7.02 35.23 11.63
C SER C 447 -7.31 34.91 13.11
N PRO C 448 -7.99 33.78 13.38
CA PRO C 448 -8.33 33.41 14.76
C PRO C 448 -7.10 33.20 15.65
N ALA C 449 -7.23 33.50 16.95
CA ALA C 449 -6.09 33.45 17.87
C ALA C 449 -5.78 32.05 18.42
N GLU C 450 -6.20 31.01 17.70
CA GLU C 450 -5.85 29.63 18.03
C GLU C 450 -5.14 28.98 16.86
N MET C 451 -5.22 29.62 15.70
CA MET C 451 -4.58 29.09 14.50
C MET C 451 -3.17 29.64 14.36
N PRO C 452 -2.17 28.75 14.34
CA PRO C 452 -0.77 29.13 14.08
C PRO C 452 -0.57 29.53 12.61
N VAL C 453 -1.23 30.62 12.22
CA VAL C 453 -1.07 31.20 10.88
C VAL C 453 -0.66 32.66 11.05
N GLY C 454 0.54 32.98 10.58
CA GLY C 454 1.08 34.33 10.68
C GLY C 454 0.23 35.42 10.04
N GLY C 455 0.55 36.67 10.37
CA GLY C 455 -0.17 37.82 9.86
C GLY C 455 -0.85 38.59 10.96
N TYR C 456 -1.89 39.35 10.57
CA TYR C 456 -2.73 40.06 11.53
C TYR C 456 -3.51 39.08 12.40
N LYS C 457 -3.68 39.41 13.68
CA LYS C 457 -4.42 38.52 14.58
C LYS C 457 -5.53 39.20 15.35
N GLN C 458 -6.59 38.45 15.61
N GLN C 458 -6.60 38.43 15.60
CA GLN C 458 -7.73 38.94 16.36
CA GLN C 458 -7.71 38.90 16.42
C GLN C 458 -7.32 39.24 17.81
C GLN C 458 -7.20 39.28 17.81
N SER C 459 -7.54 40.50 18.23
CA SER C 459 -7.11 41.02 19.53
C SER C 459 -7.97 40.53 20.70
N GLY C 460 -8.18 39.22 20.77
CA GLY C 460 -8.98 38.61 21.80
C GLY C 460 -9.04 37.10 21.59
N VAL C 461 -9.19 36.35 22.69
CA VAL C 461 -9.35 34.91 22.61
C VAL C 461 -10.50 34.45 23.51
N GLY C 462 -11.37 33.59 22.97
CA GLY C 462 -12.43 32.99 23.76
C GLY C 462 -11.86 31.95 24.71
N ARG C 463 -12.27 32.02 25.98
CA ARG C 463 -11.77 31.14 27.05
C ARG C 463 -11.67 29.68 26.64
N GLU C 464 -12.81 29.08 26.31
CA GLU C 464 -12.83 27.70 25.82
C GLU C 464 -12.17 27.59 24.44
N ASN C 465 -11.06 28.31 24.28
CA ASN C 465 -10.15 28.07 23.19
C ASN C 465 -8.69 28.25 23.60
N GLY C 466 -8.40 29.33 24.34
CA GLY C 466 -7.13 29.44 24.99
C GLY C 466 -6.97 28.26 25.95
N LEU C 467 -7.93 28.15 26.88
CA LEU C 467 -7.92 27.06 27.87
C LEU C 467 -8.06 25.72 27.16
N THR C 468 -8.71 25.74 26.00
CA THR C 468 -8.91 24.53 25.20
C THR C 468 -7.62 24.13 24.48
N THR C 469 -6.91 25.12 23.96
CA THR C 469 -5.63 24.88 23.30
C THR C 469 -4.62 24.29 24.29
N LEU C 470 -4.60 24.83 25.52
CA LEU C 470 -3.72 24.32 26.56
C LEU C 470 -3.98 22.84 26.80
N ALA C 471 -5.26 22.46 26.80
CA ALA C 471 -5.66 21.08 27.00
C ALA C 471 -5.03 20.15 25.95
N HIS C 472 -4.93 20.63 24.72
CA HIS C 472 -4.33 19.84 23.65
C HIS C 472 -2.85 19.57 23.91
N TYR C 473 -2.24 20.30 24.85
CA TYR C 473 -0.83 20.10 25.17
C TYR C 473 -0.62 19.35 26.50
N THR C 474 -1.69 18.75 27.00
CA THR C 474 -1.62 17.93 28.20
C THR C 474 -2.31 16.62 27.89
N ARG C 475 -2.09 15.60 28.72
CA ARG C 475 -2.90 14.39 28.64
C ARG C 475 -3.55 14.11 30.00
N ILE C 476 -4.63 13.34 29.98
CA ILE C 476 -5.40 13.04 31.17
C ILE C 476 -4.82 11.79 31.86
N LYS C 477 -4.54 11.88 33.14
CA LYS C 477 -4.40 10.67 33.96
C LYS C 477 -5.68 10.51 34.78
N SER C 478 -6.37 9.40 34.58
CA SER C 478 -7.63 9.15 35.27
C SER C 478 -7.40 8.17 36.43
N VAL C 479 -7.76 8.56 37.66
CA VAL C 479 -7.56 7.71 38.85
C VAL C 479 -8.89 7.28 39.46
N GLN C 480 -9.21 5.99 39.43
CA GLN C 480 -10.42 5.54 40.09
C GLN C 480 -10.08 5.07 41.51
N VAL C 481 -10.81 5.60 42.48
CA VAL C 481 -10.68 5.21 43.87
C VAL C 481 -11.86 4.30 44.25
N GLU C 482 -11.57 3.07 44.63
CA GLU C 482 -12.64 2.17 45.07
C GLU C 482 -12.65 2.11 46.60
N LEU C 483 -13.77 2.52 47.22
CA LEU C 483 -13.87 2.60 48.69
C LEU C 483 -14.62 1.40 49.29
N GLY C 484 -15.28 0.64 48.43
CA GLY C 484 -16.05 -0.50 48.89
C GLY C 484 -15.42 -1.84 48.54
N ASP C 485 -16.25 -2.90 48.57
CA ASP C 485 -15.84 -4.24 48.20
C ASP C 485 -15.54 -4.31 46.71
N TYR C 486 -14.59 -5.16 46.34
CA TYR C 486 -14.28 -5.36 44.94
C TYR C 486 -14.93 -6.65 44.52
N ALA C 487 -15.72 -6.61 43.45
CA ALA C 487 -16.41 -7.81 42.96
C ALA C 487 -15.59 -8.51 41.88
N SER C 488 -15.52 -9.83 41.97
CA SER C 488 -14.84 -10.64 40.97
C SER C 488 -15.82 -11.70 40.51
N VAL C 489 -15.82 -12.00 39.21
CA VAL C 489 -16.69 -13.05 38.70
C VAL C 489 -16.06 -14.42 38.93
N PHE C 490 -14.83 -14.44 39.44
CA PHE C 490 -14.09 -15.69 39.57
C PHE C 490 -14.06 -16.31 40.98
N ALA D 2 -34.79 -24.89 -20.98
CA ALA D 2 -35.99 -25.71 -21.01
C ALA D 2 -36.11 -26.44 -22.34
N ARG D 3 -35.23 -26.10 -23.29
CA ARG D 3 -35.13 -26.85 -24.55
C ARG D 3 -34.39 -28.15 -24.29
N PHE D 4 -33.32 -28.05 -23.51
CA PHE D 4 -32.53 -29.23 -23.14
C PHE D 4 -32.71 -29.50 -21.66
N GLU D 5 -32.47 -30.74 -21.26
CA GLU D 5 -32.46 -31.08 -19.84
C GLU D 5 -31.40 -30.27 -19.12
N GLU D 6 -31.56 -30.14 -17.81
CA GLU D 6 -30.64 -29.36 -16.98
C GLU D 6 -29.19 -29.83 -17.12
N GLN D 7 -28.27 -28.88 -17.25
CA GLN D 7 -26.87 -29.20 -17.47
C GLN D 7 -26.12 -29.35 -16.16
N LYS D 8 -25.41 -30.46 -16.01
CA LYS D 8 -24.74 -30.82 -14.76
C LYS D 8 -23.22 -30.64 -14.88
N LEU D 9 -22.52 -30.65 -13.74
CA LEU D 9 -21.06 -30.57 -13.75
C LEU D 9 -20.45 -31.81 -14.38
N TYR D 10 -19.27 -31.66 -14.99
CA TYR D 10 -18.56 -32.81 -15.51
C TYR D 10 -17.27 -33.02 -14.71
N ILE D 11 -17.26 -34.07 -13.88
CA ILE D 11 -16.10 -34.40 -13.06
C ILE D 11 -15.84 -35.91 -13.06
N GLY D 12 -14.61 -36.31 -13.38
CA GLY D 12 -14.26 -37.71 -13.37
C GLY D 12 -14.88 -38.51 -14.49
N GLY D 13 -14.92 -37.95 -15.70
CA GLY D 13 -15.35 -38.69 -16.87
C GLY D 13 -16.85 -38.92 -16.92
N ARG D 14 -17.58 -38.23 -16.06
CA ARG D 14 -19.03 -38.35 -16.06
C ARG D 14 -19.65 -37.06 -15.54
N TYR D 15 -20.95 -36.93 -15.75
CA TYR D 15 -21.72 -35.83 -15.21
C TYR D 15 -22.07 -36.10 -13.74
N VAL D 16 -21.94 -35.08 -12.90
CA VAL D 16 -22.34 -35.18 -11.49
C VAL D 16 -23.17 -33.97 -11.06
N GLU D 17 -24.08 -34.18 -10.12
CA GLU D 17 -24.91 -33.09 -9.60
C GLU D 17 -24.09 -32.15 -8.70
N ALA D 18 -24.28 -30.84 -8.86
CA ALA D 18 -23.59 -29.87 -8.02
C ALA D 18 -24.11 -29.91 -6.58
N SER D 19 -23.44 -29.20 -5.68
CA SER D 19 -23.83 -29.19 -4.27
C SER D 19 -24.28 -27.81 -3.79
N SER D 20 -24.92 -27.07 -4.68
CA SER D 20 -25.35 -25.71 -4.38
C SER D 20 -26.85 -25.55 -4.56
N GLY D 21 -27.47 -26.50 -5.26
CA GLY D 21 -28.89 -26.46 -5.53
C GLY D 21 -29.32 -25.23 -6.32
N ALA D 22 -28.34 -24.47 -6.78
CA ALA D 22 -28.59 -23.23 -7.48
C ALA D 22 -28.29 -23.40 -8.96
N THR D 23 -29.08 -22.74 -9.81
CA THR D 23 -28.87 -22.79 -11.24
C THR D 23 -29.03 -21.42 -11.90
N PHE D 24 -28.57 -21.33 -13.14
CA PHE D 24 -28.82 -20.15 -13.97
C PHE D 24 -29.31 -20.60 -15.33
N GLU D 25 -29.72 -19.65 -16.17
CA GLU D 25 -30.21 -19.99 -17.49
C GLU D 25 -29.17 -19.63 -18.54
N THR D 26 -29.14 -20.40 -19.63
CA THR D 26 -28.46 -19.97 -20.84
C THR D 26 -29.52 -19.69 -21.88
N ILE D 27 -29.43 -18.52 -22.51
CA ILE D 27 -30.47 -18.03 -23.39
C ILE D 27 -30.03 -18.03 -24.85
N ASN D 28 -30.89 -18.56 -25.73
CA ASN D 28 -30.70 -18.38 -27.15
C ASN D 28 -30.91 -16.91 -27.45
N PRO D 29 -29.88 -16.22 -27.95
CA PRO D 29 -29.98 -14.79 -28.23
C PRO D 29 -30.80 -14.49 -29.48
N ALA D 30 -31.10 -15.52 -30.26
CA ALA D 30 -31.90 -15.33 -31.47
C ALA D 30 -33.39 -15.17 -31.18
N ASN D 31 -33.83 -15.63 -30.00
CA ASN D 31 -35.27 -15.70 -29.70
C ASN D 31 -35.67 -15.53 -28.23
N GLY D 32 -34.69 -15.40 -27.34
CA GLY D 32 -34.97 -15.27 -25.92
C GLY D 32 -35.37 -16.57 -25.23
N GLU D 33 -35.32 -17.68 -25.96
CA GLU D 33 -35.72 -18.97 -25.40
C GLU D 33 -34.69 -19.54 -24.44
N VAL D 34 -35.16 -20.11 -23.35
CA VAL D 34 -34.26 -20.77 -22.40
C VAL D 34 -33.76 -22.08 -22.99
N LEU D 35 -32.44 -22.18 -23.20
CA LEU D 35 -31.86 -23.39 -23.75
C LEU D 35 -31.75 -24.47 -22.69
N ALA D 36 -31.20 -24.10 -21.53
CA ALA D 36 -31.04 -25.03 -20.42
C ALA D 36 -30.85 -24.30 -19.11
N LYS D 37 -31.23 -24.96 -18.03
CA LYS D 37 -30.81 -24.51 -16.71
C LYS D 37 -29.41 -25.11 -16.52
N VAL D 38 -28.51 -24.34 -15.91
CA VAL D 38 -27.14 -24.80 -15.75
C VAL D 38 -26.71 -24.70 -14.29
N GLN D 39 -26.12 -25.79 -13.77
CA GLN D 39 -25.80 -25.84 -12.35
C GLN D 39 -24.63 -24.92 -11.97
N ARG D 40 -24.76 -24.29 -10.80
CA ARG D 40 -23.65 -23.50 -10.27
C ARG D 40 -22.78 -24.40 -9.41
N ALA D 41 -21.51 -24.51 -9.79
CA ALA D 41 -20.57 -25.26 -8.97
C ALA D 41 -20.38 -24.54 -7.64
N SER D 42 -20.33 -25.30 -6.56
CA SER D 42 -20.04 -24.73 -5.25
C SER D 42 -18.57 -24.93 -4.92
N ARG D 43 -18.12 -24.36 -3.81
CA ARG D 43 -16.72 -24.49 -3.40
C ARG D 43 -16.38 -25.95 -3.16
N GLU D 44 -17.32 -26.69 -2.57
CA GLU D 44 -17.14 -28.12 -2.33
C GLU D 44 -16.89 -28.82 -3.66
N ASP D 45 -17.67 -28.44 -4.68
CA ASP D 45 -17.54 -28.99 -6.02
C ASP D 45 -16.20 -28.65 -6.69
N VAL D 46 -15.65 -27.48 -6.37
CA VAL D 46 -14.32 -27.11 -6.85
C VAL D 46 -13.26 -28.04 -6.27
N GLU D 47 -13.36 -28.29 -4.97
CA GLU D 47 -12.46 -29.21 -4.30
C GLU D 47 -12.58 -30.61 -4.91
N ARG D 48 -13.82 -31.01 -5.21
CA ARG D 48 -14.09 -32.29 -5.84
C ARG D 48 -13.43 -32.41 -7.23
N ALA D 49 -13.48 -31.33 -8.00
CA ALA D 49 -12.85 -31.30 -9.32
C ALA D 49 -11.32 -31.34 -9.20
N VAL D 50 -10.77 -30.69 -8.18
CA VAL D 50 -9.32 -30.65 -7.99
C VAL D 50 -8.76 -32.02 -7.62
N GLN D 51 -9.46 -32.71 -6.74
CA GLN D 51 -8.99 -34.02 -6.29
C GLN D 51 -9.10 -35.03 -7.43
N SER D 52 -10.20 -34.98 -8.16
CA SER D 52 -10.38 -35.77 -9.37
C SER D 52 -9.25 -35.50 -10.36
N ALA D 53 -8.92 -34.22 -10.53
CA ALA D 53 -7.90 -33.80 -11.48
C ALA D 53 -6.48 -34.18 -11.04
N VAL D 54 -6.20 -34.07 -9.74
CA VAL D 54 -4.87 -34.44 -9.24
C VAL D 54 -4.58 -35.92 -9.51
N GLU D 55 -5.57 -36.76 -9.23
CA GLU D 55 -5.45 -38.21 -9.45
C GLU D 55 -5.42 -38.56 -10.93
N GLY D 56 -6.34 -37.99 -11.68
CA GLY D 56 -6.36 -38.13 -13.13
C GLY D 56 -5.03 -37.76 -13.79
N GLN D 57 -4.44 -36.65 -13.37
CA GLN D 57 -3.17 -36.19 -13.95
C GLN D 57 -2.06 -37.24 -13.77
N LYS D 58 -2.14 -38.02 -12.70
CA LYS D 58 -1.12 -39.03 -12.42
C LYS D 58 -1.18 -40.16 -13.46
N VAL D 59 -2.40 -40.61 -13.75
CA VAL D 59 -2.64 -41.60 -14.81
C VAL D 59 -2.17 -41.09 -16.18
N TRP D 60 -2.56 -39.86 -16.52
CA TRP D 60 -2.19 -39.20 -17.78
C TRP D 60 -0.66 -39.10 -17.93
N ALA D 61 0.00 -38.56 -16.91
CA ALA D 61 1.45 -38.36 -16.93
C ALA D 61 2.23 -39.68 -16.98
N ALA D 62 1.65 -40.72 -16.38
CA ALA D 62 2.31 -42.03 -16.32
C ALA D 62 2.31 -42.77 -17.67
N MET D 63 1.46 -42.33 -18.60
CA MET D 63 1.45 -42.92 -19.94
C MET D 63 2.69 -42.46 -20.69
N THR D 64 3.03 -43.17 -21.77
CA THR D 64 4.12 -42.72 -22.65
C THR D 64 3.66 -41.48 -23.40
N ALA D 65 4.59 -40.75 -23.99
CA ALA D 65 4.28 -39.56 -24.78
C ALA D 65 3.40 -39.90 -25.99
N MET D 66 3.74 -40.98 -26.68
CA MET D 66 3.00 -41.41 -27.86
C MET D 66 1.59 -41.86 -27.47
N GLN D 67 1.46 -42.51 -26.32
CA GLN D 67 0.13 -42.90 -25.81
C GLN D 67 -0.80 -41.69 -25.65
N ARG D 68 -0.31 -40.65 -24.98
CA ARG D 68 -1.04 -39.37 -24.87
C ARG D 68 -1.37 -38.81 -26.25
N SER D 69 -0.38 -38.81 -27.13
CA SER D 69 -0.55 -38.32 -28.50
C SER D 69 -1.68 -39.01 -29.28
N ARG D 70 -1.74 -40.35 -29.19
CA ARG D 70 -2.78 -41.10 -29.92
C ARG D 70 -4.17 -40.83 -29.35
N ILE D 71 -4.25 -40.74 -28.02
CA ILE D 71 -5.49 -40.32 -27.37
C ILE D 71 -5.97 -38.95 -27.86
N LEU D 72 -5.09 -37.95 -27.88
CA LEU D 72 -5.49 -36.62 -28.37
C LEU D 72 -5.88 -36.65 -29.85
N ARG D 73 -5.15 -37.44 -30.65
CA ARG D 73 -5.45 -37.59 -32.08
C ARG D 73 -6.82 -38.24 -32.30
N ARG D 74 -7.20 -39.13 -31.39
CA ARG D 74 -8.54 -39.73 -31.43
C ARG D 74 -9.63 -38.68 -31.13
N ALA D 75 -9.38 -37.79 -30.17
CA ALA D 75 -10.30 -36.69 -29.90
C ALA D 75 -10.48 -35.80 -31.13
N VAL D 76 -9.38 -35.56 -31.86
CA VAL D 76 -9.44 -34.83 -33.12
C VAL D 76 -10.40 -35.47 -34.13
N ASP D 77 -10.29 -36.80 -34.29
CA ASP D 77 -11.19 -37.55 -35.17
C ASP D 77 -12.65 -37.34 -34.82
N ILE D 78 -12.99 -37.55 -33.55
CA ILE D 78 -14.36 -37.40 -33.09
C ILE D 78 -14.87 -35.97 -33.33
N LEU D 79 -14.00 -34.99 -33.12
CA LEU D 79 -14.33 -33.59 -33.37
C LEU D 79 -14.70 -33.33 -34.82
N ARG D 80 -13.93 -33.91 -35.74
N ARG D 80 -13.94 -33.91 -35.75
CA ARG D 80 -14.19 -33.72 -37.17
CA ARG D 80 -14.22 -33.69 -37.16
C ARG D 80 -15.45 -34.43 -37.65
C ARG D 80 -15.45 -34.43 -37.66
N GLU D 81 -15.76 -35.57 -37.05
CA GLU D 81 -16.98 -36.32 -37.38
C GLU D 81 -18.18 -35.55 -36.88
N ARG D 82 -18.06 -34.93 -35.70
CA ARG D 82 -19.19 -34.25 -35.07
C ARG D 82 -19.19 -32.75 -35.30
N ASN D 83 -18.48 -32.32 -36.34
CA ASN D 83 -18.36 -30.89 -36.63
C ASN D 83 -19.71 -30.16 -36.73
N ASP D 84 -20.57 -30.62 -37.64
CA ASP D 84 -21.85 -29.94 -37.88
C ASP D 84 -22.76 -29.94 -36.65
N GLU D 85 -22.73 -31.03 -35.88
CA GLU D 85 -23.51 -31.13 -34.65
C GLU D 85 -23.03 -30.13 -33.58
N LEU D 86 -21.70 -30.03 -33.42
CA LEU D 86 -21.11 -29.08 -32.47
C LEU D 86 -21.37 -27.63 -32.89
N ALA D 87 -21.24 -27.35 -34.18
CA ALA D 87 -21.50 -26.02 -34.71
C ALA D 87 -22.94 -25.59 -34.45
N ALA D 88 -23.90 -26.46 -34.74
CA ALA D 88 -25.31 -26.14 -34.51
C ALA D 88 -25.54 -25.81 -33.03
N LEU D 89 -24.95 -26.61 -32.14
CA LEU D 89 -25.06 -26.33 -30.71
C LEU D 89 -24.44 -24.97 -30.36
N GLU D 90 -23.26 -24.70 -30.91
CA GLU D 90 -22.59 -23.42 -30.66
C GLU D 90 -23.40 -22.24 -31.20
N THR D 91 -24.00 -22.42 -32.37
CA THR D 91 -24.86 -21.39 -32.94
C THR D 91 -26.05 -21.10 -32.00
N LEU D 92 -26.67 -22.14 -31.45
CA LEU D 92 -27.76 -21.97 -30.49
C LEU D 92 -27.33 -21.19 -29.25
N ASP D 93 -26.10 -21.44 -28.78
CA ASP D 93 -25.64 -20.83 -27.53
C ASP D 93 -25.09 -19.41 -27.73
N THR D 94 -24.39 -19.19 -28.84
CA THR D 94 -23.70 -17.91 -29.06
C THR D 94 -24.46 -16.94 -29.96
N GLY D 95 -25.28 -17.49 -30.83
CA GLY D 95 -25.98 -16.67 -31.81
C GLY D 95 -25.19 -16.49 -33.09
N LYS D 96 -23.99 -17.05 -33.13
CA LYS D 96 -23.14 -16.93 -34.31
C LYS D 96 -23.68 -17.75 -35.46
N PRO D 97 -23.67 -17.16 -36.67
CA PRO D 97 -24.19 -17.79 -37.89
C PRO D 97 -23.63 -19.18 -38.11
N LEU D 98 -24.47 -20.07 -38.59
CA LEU D 98 -24.07 -21.44 -38.86
C LEU D 98 -22.91 -21.46 -39.86
N ALA D 99 -22.90 -20.48 -40.76
CA ALA D 99 -21.85 -20.36 -41.77
C ALA D 99 -20.48 -20.11 -41.14
N GLU D 100 -20.47 -19.50 -39.95
CA GLU D 100 -19.21 -19.31 -39.21
C GLU D 100 -18.86 -20.55 -38.41
N THR D 101 -19.78 -20.99 -37.56
CA THR D 101 -19.51 -22.11 -36.63
C THR D 101 -19.17 -23.42 -37.34
N ARG D 102 -19.74 -23.66 -38.52
CA ARG D 102 -19.46 -24.89 -39.27
C ARG D 102 -18.08 -24.90 -39.90
N SER D 103 -17.55 -23.73 -40.19
CA SER D 103 -16.31 -23.62 -40.96
C SER D 103 -15.11 -23.07 -40.16
N VAL D 104 -15.36 -22.60 -38.95
CA VAL D 104 -14.30 -21.95 -38.18
C VAL D 104 -14.08 -22.55 -36.77
N ASP D 105 -15.09 -22.51 -35.93
CA ASP D 105 -14.90 -22.77 -34.50
C ASP D 105 -14.29 -24.15 -34.20
N ILE D 106 -15.00 -25.20 -34.58
CA ILE D 106 -14.53 -26.56 -34.34
C ILE D 106 -13.38 -26.93 -35.28
N VAL D 107 -13.46 -26.54 -36.55
CA VAL D 107 -12.40 -26.82 -37.50
C VAL D 107 -11.02 -26.38 -36.98
N THR D 108 -10.88 -25.09 -36.67
CA THR D 108 -9.60 -24.56 -36.17
C THR D 108 -9.26 -25.17 -34.81
N GLY D 109 -10.27 -25.39 -33.98
CA GLY D 109 -10.06 -26.02 -32.69
C GLY D 109 -9.45 -27.41 -32.82
N ALA D 110 -10.01 -28.21 -33.72
CA ALA D 110 -9.50 -29.56 -33.98
C ALA D 110 -8.08 -29.47 -34.55
N ASP D 111 -7.87 -28.49 -35.42
CA ASP D 111 -6.55 -28.27 -36.03
C ASP D 111 -5.44 -28.04 -35.02
N VAL D 112 -5.72 -27.25 -33.99
N VAL D 112 -5.70 -27.24 -33.99
CA VAL D 112 -4.71 -26.94 -32.98
CA VAL D 112 -4.69 -26.96 -32.98
C VAL D 112 -4.48 -28.11 -32.02
C VAL D 112 -4.47 -28.15 -32.06
N LEU D 113 -5.55 -28.86 -31.72
CA LEU D 113 -5.43 -30.08 -30.93
C LEU D 113 -4.55 -31.09 -31.70
N GLU D 114 -4.78 -31.17 -33.02
CA GLU D 114 -4.03 -32.08 -33.88
C GLU D 114 -2.55 -31.70 -33.86
N TYR D 115 -2.30 -30.40 -34.02
CA TYR D 115 -0.95 -29.87 -34.04
C TYR D 115 -0.18 -30.20 -32.76
N TYR D 116 -0.77 -29.86 -31.61
CA TYR D 116 -0.12 -30.13 -30.33
C TYR D 116 0.08 -31.63 -30.04
N ALA D 117 -0.88 -32.46 -30.47
CA ALA D 117 -0.74 -33.90 -30.28
C ALA D 117 0.55 -34.41 -30.93
N GLY D 118 0.90 -33.82 -32.08
CA GLY D 118 2.12 -34.19 -32.78
C GLY D 118 3.41 -33.79 -32.08
N LEU D 119 3.35 -32.72 -31.28
CA LEU D 119 4.51 -32.21 -30.53
C LEU D 119 4.75 -32.86 -29.15
N VAL D 120 3.81 -33.68 -28.68
CA VAL D 120 3.97 -34.36 -27.40
C VAL D 120 5.30 -35.13 -27.26
N PRO D 121 5.69 -35.93 -28.27
CA PRO D 121 6.97 -36.64 -28.11
C PRO D 121 8.18 -35.75 -28.39
N ALA D 122 7.99 -34.44 -28.54
CA ALA D 122 9.11 -33.55 -28.86
C ALA D 122 9.51 -32.66 -27.67
N ILE D 123 8.93 -32.95 -26.52
CA ILE D 123 9.29 -32.28 -25.26
C ILE D 123 10.52 -32.95 -24.64
N SER D 124 11.63 -32.25 -24.59
CA SER D 124 12.82 -32.78 -23.91
C SER D 124 13.60 -31.70 -23.17
N GLY D 125 14.55 -32.10 -22.33
CA GLY D 125 15.34 -31.16 -21.56
C GLY D 125 16.72 -30.94 -22.17
N GLU D 126 17.65 -30.47 -21.35
CA GLU D 126 18.99 -30.16 -21.82
C GLU D 126 20.05 -30.87 -21.02
N GLN D 127 21.25 -30.92 -21.57
CA GLN D 127 22.42 -31.36 -20.81
C GLN D 127 23.44 -30.26 -20.90
N ILE D 128 24.07 -29.95 -19.79
CA ILE D 128 24.97 -28.81 -19.72
C ILE D 128 26.25 -29.24 -19.02
N PRO D 129 27.35 -29.34 -19.79
CA PRO D 129 28.63 -29.69 -19.18
C PRO D 129 29.13 -28.54 -18.33
N LEU D 130 29.62 -28.79 -17.13
CA LEU D 130 30.14 -27.72 -16.31
C LEU D 130 31.66 -27.82 -16.26
N ARG D 131 32.17 -29.04 -16.10
CA ARG D 131 33.60 -29.30 -16.04
C ARG D 131 33.77 -30.79 -16.20
N GLU D 132 35.01 -31.26 -16.22
CA GLU D 132 35.23 -32.68 -16.41
C GLU D 132 34.46 -33.52 -15.38
N THR D 133 34.43 -33.05 -14.14
CA THR D 133 33.86 -33.83 -13.05
C THR D 133 32.41 -33.46 -12.67
N SER D 134 31.70 -32.71 -13.49
CA SER D 134 30.32 -32.34 -13.14
C SER D 134 29.50 -31.88 -14.33
N PHE D 135 28.25 -32.32 -14.38
CA PHE D 135 27.36 -31.84 -15.42
C PHE D 135 25.94 -31.66 -14.89
N VAL D 136 25.13 -30.95 -15.66
CA VAL D 136 23.74 -30.69 -15.32
C VAL D 136 22.83 -31.31 -16.38
N TYR D 137 21.74 -31.92 -15.95
CA TYR D 137 20.68 -32.24 -16.92
C TYR D 137 19.37 -31.64 -16.45
N THR D 138 18.51 -31.26 -17.38
CA THR D 138 17.23 -30.65 -16.98
C THR D 138 16.04 -31.50 -17.41
N ARG D 139 15.02 -31.51 -16.57
CA ARG D 139 13.80 -32.22 -16.90
C ARG D 139 12.61 -31.27 -16.99
N ARG D 140 11.82 -31.46 -18.04
CA ARG D 140 10.56 -30.74 -18.16
C ARG D 140 9.44 -31.60 -17.58
N GLU D 141 8.85 -31.12 -16.49
CA GLU D 141 7.80 -31.86 -15.81
C GLU D 141 6.49 -31.06 -15.94
N PRO D 142 5.36 -31.76 -16.06
CA PRO D 142 4.03 -31.14 -16.05
C PRO D 142 3.86 -30.21 -14.84
N LEU D 143 3.03 -29.19 -14.95
CA LEU D 143 2.75 -28.35 -13.79
C LEU D 143 1.90 -29.14 -12.79
N GLY D 144 0.99 -29.95 -13.30
CA GLY D 144 0.03 -30.66 -12.47
C GLY D 144 -1.39 -30.34 -12.91
N VAL D 145 -2.08 -29.56 -12.09
CA VAL D 145 -3.43 -29.15 -12.44
C VAL D 145 -3.45 -27.66 -12.79
N VAL D 146 -4.03 -27.34 -13.94
CA VAL D 146 -4.20 -25.94 -14.32
C VAL D 146 -5.67 -25.63 -14.50
N ALA D 147 -6.01 -24.36 -14.47
CA ALA D 147 -7.38 -23.94 -14.71
C ALA D 147 -7.45 -23.16 -16.02
N GLY D 148 -8.60 -23.24 -16.68
CA GLY D 148 -8.85 -22.51 -17.91
C GLY D 148 -10.17 -21.77 -17.82
N ILE D 149 -10.14 -20.49 -18.17
CA ILE D 149 -11.34 -19.65 -18.12
C ILE D 149 -11.83 -19.38 -19.54
N GLY D 150 -13.07 -19.75 -19.83
CA GLY D 150 -13.62 -19.67 -21.18
C GLY D 150 -14.07 -18.28 -21.61
N ALA D 151 -14.08 -18.06 -22.93
CA ALA D 151 -14.54 -16.81 -23.53
C ALA D 151 -15.97 -17.02 -24.02
N TRP D 152 -16.75 -15.94 -24.11
CA TRP D 152 -18.12 -16.08 -24.61
C TRP D 152 -18.27 -15.93 -26.13
N ASN D 153 -17.27 -15.39 -26.80
CA ASN D 153 -17.39 -15.18 -28.24
C ASN D 153 -17.01 -16.41 -29.06
N TYR D 154 -16.01 -17.15 -28.59
CA TYR D 154 -15.59 -18.41 -29.23
C TYR D 154 -15.46 -19.56 -28.24
N PRO D 155 -16.58 -20.01 -27.66
CA PRO D 155 -16.58 -20.96 -26.54
C PRO D 155 -15.78 -22.23 -26.80
N VAL D 156 -16.18 -23.00 -27.81
CA VAL D 156 -15.53 -24.28 -28.06
C VAL D 156 -14.09 -24.10 -28.58
N GLN D 157 -13.87 -23.08 -29.40
CA GLN D 157 -12.55 -22.86 -29.99
C GLN D 157 -11.53 -22.55 -28.92
N ILE D 158 -11.92 -21.72 -27.96
CA ILE D 158 -11.03 -21.34 -26.87
C ILE D 158 -10.85 -22.48 -25.87
N ALA D 159 -11.90 -23.27 -25.67
CA ALA D 159 -11.77 -24.46 -24.83
C ALA D 159 -10.71 -25.38 -25.44
N LEU D 160 -10.72 -25.51 -26.77
CA LEU D 160 -9.74 -26.35 -27.42
C LEU D 160 -8.37 -25.71 -27.38
N TRP D 161 -8.33 -24.42 -27.64
CA TRP D 161 -7.06 -23.67 -27.63
C TRP D 161 -6.34 -23.73 -26.29
N LYS D 162 -7.08 -23.68 -25.21
CA LYS D 162 -6.46 -23.70 -23.89
C LYS D 162 -6.15 -25.13 -23.42
N SER D 163 -7.04 -26.07 -23.71
CA SER D 163 -6.87 -27.42 -23.16
C SER D 163 -5.85 -28.24 -23.94
N ALA D 164 -5.67 -27.93 -25.22
CA ALA D 164 -4.76 -28.72 -26.05
C ALA D 164 -3.30 -28.64 -25.60
N PRO D 165 -2.72 -27.42 -25.44
CA PRO D 165 -1.34 -27.48 -24.97
C PRO D 165 -1.24 -28.00 -23.53
N ALA D 166 -2.21 -27.68 -22.69
CA ALA D 166 -2.19 -28.14 -21.29
C ALA D 166 -2.17 -29.67 -21.20
N LEU D 167 -3.12 -30.29 -21.90
CA LEU D 167 -3.22 -31.75 -21.85
C LEU D 167 -2.03 -32.37 -22.55
N ALA D 168 -1.57 -31.75 -23.64
CA ALA D 168 -0.43 -32.30 -24.37
C ALA D 168 0.84 -32.28 -23.53
N ALA D 169 0.97 -31.30 -22.64
CA ALA D 169 2.16 -31.21 -21.80
C ALA D 169 2.05 -32.06 -20.52
N GLY D 170 0.98 -32.86 -20.43
CA GLY D 170 0.85 -33.83 -19.34
C GLY D 170 0.09 -33.34 -18.13
N ASN D 171 -0.58 -32.19 -18.26
CA ASN D 171 -1.37 -31.62 -17.17
C ASN D 171 -2.81 -32.07 -17.27
N ALA D 172 -3.54 -31.97 -16.15
CA ALA D 172 -5.00 -32.00 -16.18
C ALA D 172 -5.48 -30.54 -16.17
N MET D 173 -6.66 -30.30 -16.73
CA MET D 173 -7.24 -28.96 -16.70
C MET D 173 -8.65 -28.99 -16.15
N ILE D 174 -8.95 -28.03 -15.28
CA ILE D 174 -10.33 -27.76 -14.89
C ILE D 174 -10.78 -26.53 -15.67
N PHE D 175 -11.87 -26.64 -16.42
CA PHE D 175 -12.28 -25.57 -17.31
C PHE D 175 -13.61 -24.95 -16.86
N LYS D 176 -13.65 -23.62 -16.79
CA LYS D 176 -14.89 -22.90 -16.49
C LYS D 176 -15.29 -22.03 -17.67
N PRO D 177 -16.34 -22.46 -18.39
CA PRO D 177 -16.81 -21.72 -19.57
C PRO D 177 -17.58 -20.49 -19.13
N SER D 178 -17.66 -19.48 -20.00
CA SER D 178 -18.48 -18.31 -19.70
C SER D 178 -19.88 -18.78 -19.31
N GLU D 179 -20.48 -18.10 -18.32
CA GLU D 179 -21.86 -18.39 -17.95
C GLU D 179 -22.77 -18.11 -19.15
N VAL D 180 -22.36 -17.17 -19.98
CA VAL D 180 -23.13 -16.83 -21.18
C VAL D 180 -23.18 -18.00 -22.15
N THR D 181 -22.09 -18.76 -22.24
CA THR D 181 -21.97 -19.78 -23.26
C THR D 181 -21.41 -21.15 -22.79
N PRO D 182 -22.11 -21.84 -21.88
CA PRO D 182 -21.54 -23.03 -21.23
C PRO D 182 -21.70 -24.37 -21.96
N LEU D 183 -22.50 -24.43 -23.03
CA LEU D 183 -22.93 -25.73 -23.55
C LEU D 183 -21.86 -26.58 -24.24
N THR D 184 -21.14 -26.03 -25.21
CA THR D 184 -20.17 -26.82 -25.96
C THR D 184 -18.99 -27.33 -25.11
N ALA D 185 -18.68 -26.64 -24.02
CA ALA D 185 -17.58 -27.08 -23.16
C ALA D 185 -17.86 -28.46 -22.56
N LEU D 186 -19.12 -28.69 -22.22
CA LEU D 186 -19.54 -29.98 -21.69
C LEU D 186 -19.43 -31.06 -22.76
N LYS D 187 -19.88 -30.75 -23.97
CA LYS D 187 -19.75 -31.65 -25.10
C LYS D 187 -18.29 -32.00 -25.35
N LEU D 188 -17.43 -31.00 -25.29
CA LEU D 188 -15.99 -31.23 -25.43
C LEU D 188 -15.49 -32.24 -24.42
N ALA D 189 -15.95 -32.13 -23.18
CA ALA D 189 -15.45 -33.01 -22.13
C ALA D 189 -15.88 -34.46 -22.34
N GLU D 190 -17.11 -34.64 -22.82
CA GLU D 190 -17.61 -35.96 -23.20
C GLU D 190 -16.69 -36.57 -24.25
N ILE D 191 -16.36 -35.76 -25.25
CA ILE D 191 -15.56 -36.23 -26.37
C ILE D 191 -14.15 -36.66 -25.93
N TYR D 192 -13.53 -35.87 -25.05
CA TYR D 192 -12.23 -36.24 -24.49
C TYR D 192 -12.34 -37.60 -23.81
N THR D 193 -13.38 -37.77 -23.00
CA THR D 193 -13.59 -39.03 -22.29
C THR D 193 -13.74 -40.21 -23.26
N GLU D 194 -14.59 -40.05 -24.26
CA GLU D 194 -14.78 -41.07 -25.28
C GLU D 194 -13.50 -41.39 -26.07
N ALA D 195 -12.61 -40.40 -26.16
CA ALA D 195 -11.38 -40.58 -26.91
C ALA D 195 -10.33 -41.33 -26.09
N GLY D 196 -10.59 -41.48 -24.80
CA GLY D 196 -9.70 -42.23 -23.93
C GLY D 196 -8.94 -41.37 -22.93
N VAL D 197 -9.23 -40.07 -22.91
CA VAL D 197 -8.62 -39.20 -21.91
C VAL D 197 -9.11 -39.68 -20.53
N PRO D 198 -8.16 -39.95 -19.61
CA PRO D 198 -8.46 -40.47 -18.26
C PRO D 198 -9.42 -39.58 -17.49
N ASP D 199 -10.23 -40.17 -16.61
CA ASP D 199 -11.19 -39.43 -15.79
C ASP D 199 -10.49 -38.33 -14.99
N GLY D 200 -11.09 -37.15 -14.97
CA GLY D 200 -10.55 -36.04 -14.21
C GLY D 200 -9.47 -35.21 -14.90
N VAL D 201 -9.03 -35.63 -16.09
CA VAL D 201 -8.00 -34.89 -16.80
C VAL D 201 -8.60 -33.61 -17.40
N PHE D 202 -9.85 -33.68 -17.81
CA PHE D 202 -10.56 -32.49 -18.25
C PHE D 202 -11.96 -32.42 -17.62
N ASN D 203 -12.03 -31.73 -16.48
CA ASN D 203 -13.28 -31.50 -15.77
C ASN D 203 -13.86 -30.12 -16.14
N VAL D 204 -15.17 -30.01 -16.17
CA VAL D 204 -15.83 -28.75 -16.49
C VAL D 204 -16.72 -28.27 -15.34
N LEU D 205 -16.42 -27.09 -14.82
CA LEU D 205 -17.22 -26.51 -13.75
C LEU D 205 -17.98 -25.31 -14.28
N THR D 206 -19.30 -25.41 -14.32
CA THR D 206 -20.12 -24.28 -14.75
C THR D 206 -20.44 -23.38 -13.56
N GLY D 207 -20.47 -22.07 -13.80
CA GLY D 207 -20.67 -21.13 -12.72
C GLY D 207 -20.85 -19.71 -13.19
N SER D 208 -21.43 -18.88 -12.33
CA SER D 208 -21.76 -17.53 -12.69
C SER D 208 -21.01 -16.52 -11.85
N GLY D 209 -20.77 -15.36 -12.44
CA GLY D 209 -20.02 -14.31 -11.78
C GLY D 209 -18.58 -14.71 -11.57
N ARG D 210 -17.90 -13.95 -10.72
CA ARG D 210 -16.49 -14.16 -10.50
C ARG D 210 -16.21 -15.21 -9.45
N GLU D 211 -17.26 -15.84 -8.89
CA GLU D 211 -17.06 -16.78 -7.78
C GLU D 211 -16.32 -18.09 -8.14
N VAL D 212 -16.87 -18.90 -9.05
CA VAL D 212 -16.23 -20.17 -9.41
C VAL D 212 -14.83 -19.94 -9.96
N GLY D 213 -14.68 -18.88 -10.77
CA GLY D 213 -13.36 -18.47 -11.24
C GLY D 213 -12.43 -18.10 -10.09
N GLN D 214 -12.98 -17.45 -9.06
CA GLN D 214 -12.20 -17.01 -7.90
C GLN D 214 -11.68 -18.17 -7.06
N TRP D 215 -12.52 -19.18 -6.86
CA TRP D 215 -12.14 -20.36 -6.08
C TRP D 215 -10.99 -21.12 -6.75
N LEU D 216 -11.02 -21.20 -8.07
CA LEU D 216 -9.94 -21.84 -8.82
C LEU D 216 -8.62 -21.07 -8.61
N THR D 217 -8.74 -19.75 -8.60
CA THR D 217 -7.60 -18.86 -8.41
C THR D 217 -6.96 -18.99 -7.02
N GLU D 218 -7.79 -19.17 -6.00
CA GLU D 218 -7.30 -19.23 -4.62
C GLU D 218 -6.76 -20.60 -4.26
N HIS D 219 -7.23 -21.63 -4.96
CA HIS D 219 -6.85 -22.99 -4.63
C HIS D 219 -5.35 -23.23 -4.86
N PRO D 220 -4.65 -23.66 -3.80
CA PRO D 220 -3.19 -23.79 -3.88
C PRO D 220 -2.71 -24.95 -4.76
N LEU D 221 -3.56 -25.96 -4.98
CA LEU D 221 -3.21 -27.07 -5.87
C LEU D 221 -3.35 -26.76 -7.37
N ILE D 222 -3.97 -25.62 -7.70
CA ILE D 222 -4.09 -25.19 -9.09
C ILE D 222 -2.92 -24.30 -9.47
N GLU D 223 -2.05 -24.82 -10.32
CA GLU D 223 -0.73 -24.25 -10.57
C GLU D 223 -0.77 -23.01 -11.45
N LYS D 224 -1.72 -22.96 -12.37
CA LYS D 224 -1.81 -21.84 -13.28
C LYS D 224 -3.25 -21.60 -13.74
N ILE D 225 -3.54 -20.36 -14.16
CA ILE D 225 -4.90 -19.93 -14.45
C ILE D 225 -5.00 -19.10 -15.74
N SER D 226 -6.14 -19.28 -16.43
CA SER D 226 -6.74 -18.38 -17.44
C SER D 226 -6.87 -19.07 -18.79
N GLY D 255 -8.96 -4.70 -26.71
CA GLY D 255 -8.29 -3.99 -27.78
C GLY D 255 -9.12 -2.89 -28.44
N LYS D 256 -8.43 -1.92 -29.04
CA LYS D 256 -9.08 -0.96 -29.92
C LYS D 256 -8.16 -0.81 -31.13
N SER D 257 -7.94 -1.92 -31.82
CA SER D 257 -6.96 -2.03 -32.88
C SER D 257 -7.23 -1.07 -34.03
N PRO D 258 -6.19 -0.38 -34.49
CA PRO D 258 -6.29 0.57 -35.60
C PRO D 258 -6.11 -0.13 -36.94
N LEU D 259 -6.84 0.33 -37.94
CA LEU D 259 -6.63 -0.07 -39.32
C LEU D 259 -6.30 1.19 -40.11
N ILE D 260 -5.08 1.30 -40.62
CA ILE D 260 -4.69 2.49 -41.36
C ILE D 260 -4.78 2.23 -42.86
N ILE D 261 -5.63 2.97 -43.54
CA ILE D 261 -5.74 2.91 -44.98
C ILE D 261 -4.87 4.02 -45.57
N PHE D 262 -3.73 3.68 -46.15
CA PHE D 262 -2.82 4.67 -46.73
C PHE D 262 -3.38 5.24 -48.04
N PRO D 263 -2.92 6.44 -48.46
CA PRO D 263 -3.47 7.08 -49.66
C PRO D 263 -3.33 6.26 -50.95
N ASP D 264 -2.38 5.34 -51.02
CA ASP D 264 -2.21 4.56 -52.25
C ASP D 264 -2.86 3.19 -52.13
N ALA D 265 -3.84 3.08 -51.25
CA ALA D 265 -4.52 1.81 -51.04
C ALA D 265 -5.56 1.53 -52.13
N ASP D 266 -5.66 0.26 -52.50
CA ASP D 266 -6.82 -0.23 -53.24
C ASP D 266 -8.01 -0.02 -52.32
N LEU D 267 -8.93 0.87 -52.69
CA LEU D 267 -10.04 1.24 -51.80
C LEU D 267 -11.07 0.12 -51.67
N ASP D 268 -11.22 -0.68 -52.73
CA ASP D 268 -12.07 -1.84 -52.65
C ASP D 268 -11.53 -2.87 -51.64
N ARG D 269 -10.22 -3.10 -51.67
CA ARG D 269 -9.62 -3.99 -50.67
C ARG D 269 -9.79 -3.40 -49.28
N ALA D 270 -9.55 -2.10 -49.17
CA ALA D 270 -9.64 -1.44 -47.87
C ALA D 270 -11.05 -1.55 -47.28
N ALA D 271 -12.07 -1.37 -48.11
CA ALA D 271 -13.44 -1.44 -47.62
C ALA D 271 -13.85 -2.86 -47.22
N ASP D 272 -13.46 -3.83 -48.04
CA ASP D 272 -13.67 -5.24 -47.68
C ASP D 272 -13.01 -5.59 -46.35
N ILE D 273 -11.76 -5.15 -46.18
CA ILE D 273 -11.06 -5.37 -44.92
C ILE D 273 -11.76 -4.67 -43.76
N ALA D 274 -12.08 -3.39 -43.92
CA ALA D 274 -12.73 -2.63 -42.84
C ALA D 274 -14.06 -3.27 -42.43
N VAL D 275 -14.84 -3.71 -43.42
CA VAL D 275 -16.09 -4.42 -43.17
C VAL D 275 -15.90 -5.78 -42.46
N MET D 276 -14.95 -6.58 -42.93
CA MET D 276 -14.65 -7.86 -42.27
C MET D 276 -14.10 -7.62 -40.87
N ALA D 277 -13.25 -6.61 -40.74
CA ALA D 277 -12.58 -6.32 -39.49
C ALA D 277 -13.56 -5.83 -38.42
N ASN D 278 -14.74 -5.39 -38.85
CA ASN D 278 -15.70 -4.81 -37.91
C ASN D 278 -16.96 -5.61 -37.66
N PHE D 279 -17.36 -6.42 -38.64
CA PHE D 279 -18.70 -7.01 -38.59
C PHE D 279 -18.74 -8.54 -38.58
N PHE D 280 -17.58 -9.17 -38.77
CA PHE D 280 -17.53 -10.62 -38.61
C PHE D 280 -17.84 -10.98 -37.16
N SER D 281 -18.58 -12.08 -36.96
CA SER D 281 -19.07 -12.46 -35.63
C SER D 281 -19.85 -11.32 -34.97
N SER D 282 -20.57 -10.57 -35.80
CA SER D 282 -21.29 -9.38 -35.35
C SER D 282 -20.43 -8.41 -34.52
N GLY D 283 -19.16 -8.32 -34.89
CA GLY D 283 -18.25 -7.38 -34.25
C GLY D 283 -17.79 -7.80 -32.86
N GLN D 284 -17.96 -9.08 -32.55
CA GLN D 284 -17.62 -9.58 -31.22
C GLN D 284 -16.29 -10.33 -31.20
N VAL D 285 -15.25 -9.67 -31.73
CA VAL D 285 -13.90 -10.23 -31.74
C VAL D 285 -12.92 -9.24 -31.11
N CYS D 286 -11.98 -9.77 -30.33
N CYS D 286 -11.97 -9.75 -30.32
CA CYS D 286 -11.00 -8.95 -29.60
CA CYS D 286 -11.02 -8.89 -29.61
C CYS D 286 -10.08 -8.18 -30.53
C CYS D 286 -10.07 -8.16 -30.55
N THR D 287 -9.69 -8.81 -31.63
CA THR D 287 -8.74 -8.23 -32.59
C THR D 287 -9.38 -7.33 -33.65
N ASN D 288 -10.66 -7.00 -33.50
CA ASN D 288 -11.37 -6.17 -34.49
C ASN D 288 -10.75 -4.79 -34.73
N GLY D 289 -10.72 -4.37 -36.00
CA GLY D 289 -10.10 -3.11 -36.39
C GLY D 289 -11.11 -2.00 -36.34
N THR D 290 -11.48 -1.63 -35.12
CA THR D 290 -12.61 -0.75 -34.88
C THR D 290 -12.28 0.74 -35.05
N ARG D 291 -10.99 1.07 -35.07
CA ARG D 291 -10.58 2.42 -35.45
C ARG D 291 -9.99 2.39 -36.85
N VAL D 292 -10.77 2.90 -37.81
CA VAL D 292 -10.40 2.89 -39.22
C VAL D 292 -9.92 4.28 -39.64
N PHE D 293 -8.63 4.40 -39.92
CA PHE D 293 -8.04 5.68 -40.34
C PHE D 293 -8.04 5.78 -41.86
N ILE D 294 -8.65 6.85 -42.39
CA ILE D 294 -8.69 7.08 -43.83
C ILE D 294 -8.09 8.47 -44.11
N HIS D 295 -7.34 8.59 -45.20
CA HIS D 295 -6.78 9.90 -45.53
C HIS D 295 -7.89 10.83 -45.98
N ARG D 296 -7.76 12.11 -45.63
CA ARG D 296 -8.76 13.11 -45.98
C ARG D 296 -9.13 13.04 -47.45
N SER D 297 -8.14 12.84 -48.31
CA SER D 297 -8.38 12.85 -49.76
C SER D 297 -9.21 11.66 -50.23
N GLN D 298 -9.30 10.63 -49.40
CA GLN D 298 -10.00 9.41 -49.81
C GLN D 298 -11.32 9.20 -49.08
N GLN D 299 -11.62 10.09 -48.13
CA GLN D 299 -12.77 9.90 -47.27
C GLN D 299 -14.10 9.68 -48.00
N ALA D 300 -14.41 10.55 -48.96
CA ALA D 300 -15.67 10.46 -49.66
C ALA D 300 -15.83 9.13 -50.38
N ARG D 301 -14.84 8.74 -51.18
CA ARG D 301 -14.92 7.48 -51.91
C ARG D 301 -15.00 6.28 -50.96
N PHE D 302 -14.24 6.34 -49.86
CA PHE D 302 -14.18 5.23 -48.92
C PHE D 302 -15.53 5.04 -48.24
N GLU D 303 -16.11 6.15 -47.80
CA GLU D 303 -17.41 6.08 -47.15
C GLU D 303 -18.45 5.43 -48.07
N ALA D 304 -18.44 5.82 -49.35
CA ALA D 304 -19.38 5.28 -50.32
C ALA D 304 -19.21 3.76 -50.47
N LYS D 305 -17.96 3.31 -50.47
CA LYS D 305 -17.67 1.89 -50.65
C LYS D 305 -18.05 1.04 -49.43
N VAL D 306 -17.86 1.59 -48.23
CA VAL D 306 -18.24 0.89 -47.01
C VAL D 306 -19.76 0.79 -46.94
N LEU D 307 -20.40 1.94 -47.19
CA LEU D 307 -21.86 2.04 -47.26
C LEU D 307 -22.45 0.93 -48.14
N GLU D 308 -21.91 0.81 -49.34
CA GLU D 308 -22.35 -0.20 -50.30
C GLU D 308 -22.23 -1.62 -49.75
N ARG D 309 -21.10 -1.92 -49.12
CA ARG D 309 -20.88 -3.25 -48.58
C ARG D 309 -21.78 -3.55 -47.39
N VAL D 310 -21.96 -2.57 -46.53
CA VAL D 310 -22.78 -2.74 -45.33
C VAL D 310 -24.25 -3.00 -45.66
N GLN D 311 -24.74 -2.31 -46.69
CA GLN D 311 -26.14 -2.43 -47.11
C GLN D 311 -26.51 -3.83 -47.60
N ARG D 312 -25.52 -4.59 -48.06
CA ARG D 312 -25.79 -5.92 -48.56
C ARG D 312 -25.40 -7.03 -47.57
N ILE D 313 -25.11 -6.65 -46.32
CA ILE D 313 -24.87 -7.63 -45.27
C ILE D 313 -26.16 -8.44 -45.07
N ARG D 314 -26.03 -9.75 -44.86
CA ARG D 314 -27.21 -10.59 -44.68
C ARG D 314 -27.50 -10.90 -43.21
N LEU D 315 -28.13 -9.95 -42.52
CA LEU D 315 -28.55 -10.15 -41.15
C LEU D 315 -29.73 -11.10 -41.16
N GLY D 316 -29.77 -12.03 -40.21
CA GLY D 316 -30.88 -12.95 -40.10
C GLY D 316 -30.74 -13.99 -39.01
N ASP D 317 -31.60 -14.99 -39.06
CA ASP D 317 -31.56 -16.12 -38.15
C ASP D 317 -30.30 -16.95 -38.39
N PRO D 318 -29.48 -17.14 -37.34
CA PRO D 318 -28.17 -17.79 -37.50
C PRO D 318 -28.27 -19.26 -37.91
N GLN D 319 -29.44 -19.88 -37.74
CA GLN D 319 -29.64 -21.26 -38.19
C GLN D 319 -29.89 -21.36 -39.70
N ASP D 320 -30.14 -20.22 -40.34
CA ASP D 320 -30.20 -20.17 -41.81
C ASP D 320 -28.78 -20.05 -42.36
N GLU D 321 -28.41 -21.00 -43.22
CA GLU D 321 -27.07 -21.08 -43.79
C GLU D 321 -26.69 -19.82 -44.59
N ASN D 322 -27.69 -19.07 -45.02
CA ASN D 322 -27.45 -17.88 -45.83
C ASN D 322 -27.15 -16.62 -44.99
N THR D 323 -27.39 -16.70 -43.68
CA THR D 323 -27.11 -15.59 -42.79
C THR D 323 -25.59 -15.45 -42.62
N ASN D 324 -25.09 -14.22 -42.69
CA ASN D 324 -23.68 -13.98 -42.36
C ASN D 324 -23.49 -12.94 -41.25
N PHE D 325 -24.60 -12.57 -40.60
CA PHE D 325 -24.56 -11.61 -39.49
C PHE D 325 -25.69 -11.94 -38.54
N GLY D 326 -25.35 -12.38 -37.33
CA GLY D 326 -26.34 -12.81 -36.36
C GLY D 326 -26.62 -11.77 -35.30
N PRO D 327 -27.39 -12.14 -34.26
CA PRO D 327 -27.62 -11.26 -33.11
C PRO D 327 -26.36 -11.24 -32.23
N LEU D 328 -26.29 -10.33 -31.26
CA LEU D 328 -25.20 -10.36 -30.30
C LEU D 328 -25.38 -11.53 -29.32
N VAL D 329 -24.38 -11.82 -28.51
CA VAL D 329 -24.37 -13.05 -27.71
C VAL D 329 -25.46 -13.10 -26.62
N SER D 330 -25.94 -11.92 -26.21
CA SER D 330 -26.95 -11.83 -25.14
C SER D 330 -27.64 -10.48 -25.17
N PHE D 331 -28.74 -10.38 -24.41
CA PHE D 331 -29.47 -9.12 -24.30
C PHE D 331 -28.73 -8.03 -23.52
N PRO D 332 -28.12 -8.37 -22.36
CA PRO D 332 -27.33 -7.34 -21.67
C PRO D 332 -26.20 -6.80 -22.54
N HIS D 333 -25.60 -7.62 -23.39
CA HIS D 333 -24.51 -7.12 -24.23
C HIS D 333 -25.08 -6.17 -25.28
N MET D 334 -26.25 -6.53 -25.82
CA MET D 334 -26.94 -5.66 -26.77
C MET D 334 -27.20 -4.29 -26.16
N GLU D 335 -27.70 -4.28 -24.93
CA GLU D 335 -28.01 -3.01 -24.27
C GLU D 335 -26.76 -2.17 -24.12
N SER D 336 -25.65 -2.85 -23.85
CA SER D 336 -24.36 -2.17 -23.72
C SER D 336 -23.92 -1.52 -25.04
N VAL D 337 -24.04 -2.28 -26.14
CA VAL D 337 -23.72 -1.77 -27.46
C VAL D 337 -24.61 -0.58 -27.85
N LEU D 338 -25.90 -0.67 -27.54
CA LEU D 338 -26.82 0.43 -27.82
C LEU D 338 -26.44 1.68 -27.01
N GLY D 339 -25.95 1.45 -25.80
CA GLY D 339 -25.43 2.53 -24.97
C GLY D 339 -24.27 3.27 -25.64
N TYR D 340 -23.33 2.52 -26.19
CA TYR D 340 -22.21 3.10 -26.92
C TYR D 340 -22.64 3.89 -28.16
N ILE D 341 -23.58 3.32 -28.93
CA ILE D 341 -24.10 3.98 -30.12
C ILE D 341 -24.75 5.31 -29.77
N GLU D 342 -25.55 5.31 -28.71
CA GLU D 342 -26.15 6.54 -28.22
C GLU D 342 -25.08 7.56 -27.80
N SER D 343 -24.01 7.08 -27.18
CA SER D 343 -22.86 7.93 -26.87
C SER D 343 -22.29 8.59 -28.13
N GLY D 344 -22.12 7.80 -29.18
CA GLY D 344 -21.64 8.32 -30.45
C GLY D 344 -22.50 9.41 -31.04
N LYS D 345 -23.82 9.26 -30.96
CA LYS D 345 -24.71 10.31 -31.47
C LYS D 345 -24.56 11.57 -30.63
N ALA D 346 -24.59 11.40 -29.32
CA ALA D 346 -24.54 12.54 -28.39
C ALA D 346 -23.25 13.33 -28.55
N GLN D 347 -22.15 12.64 -28.87
CA GLN D 347 -20.85 13.30 -29.02
C GLN D 347 -20.60 13.85 -30.42
N LYS D 348 -21.65 13.81 -31.24
CA LYS D 348 -21.65 14.42 -32.58
C LYS D 348 -20.77 13.72 -33.64
N ALA D 349 -20.60 12.41 -33.49
CA ALA D 349 -20.06 11.59 -34.58
C ALA D 349 -21.13 11.47 -35.66
N ARG D 350 -20.73 11.49 -36.94
CA ARG D 350 -21.72 11.38 -38.01
C ARG D 350 -22.12 9.92 -38.26
N LEU D 351 -23.42 9.64 -38.23
CA LEU D 351 -23.92 8.28 -38.39
C LEU D 351 -24.04 7.91 -39.86
N LEU D 352 -23.18 7.03 -40.33
CA LEU D 352 -23.16 6.66 -41.74
C LEU D 352 -24.19 5.58 -42.07
N CYS D 353 -24.33 4.58 -41.19
CA CYS D 353 -25.38 3.57 -41.33
C CYS D 353 -25.63 2.79 -40.04
N GLY D 354 -26.77 2.11 -39.97
CA GLY D 354 -27.13 1.35 -38.78
C GLY D 354 -27.58 2.27 -37.65
N GLY D 355 -27.23 1.91 -36.41
CA GLY D 355 -27.50 2.79 -35.28
C GLY D 355 -28.70 2.41 -34.43
N GLU D 356 -29.33 1.27 -34.73
CA GLU D 356 -30.47 0.84 -33.92
C GLU D 356 -30.64 -0.67 -33.79
N ARG D 357 -31.50 -1.08 -32.85
CA ARG D 357 -31.90 -2.47 -32.73
C ARG D 357 -32.83 -2.87 -33.88
N VAL D 358 -32.64 -4.07 -34.40
CA VAL D 358 -33.48 -4.59 -35.47
C VAL D 358 -34.66 -5.36 -34.88
N THR D 359 -35.87 -4.87 -35.11
CA THR D 359 -37.03 -5.32 -34.34
C THR D 359 -38.20 -5.94 -35.14
N ASP D 360 -38.12 -5.90 -36.46
CA ASP D 360 -39.21 -6.44 -37.30
C ASP D 360 -39.14 -7.96 -37.40
N GLY D 361 -40.25 -8.60 -37.76
CA GLY D 361 -40.32 -10.05 -37.82
C GLY D 361 -40.00 -10.75 -36.51
N ALA D 362 -39.29 -11.87 -36.59
CA ALA D 362 -38.87 -12.58 -35.38
C ALA D 362 -37.68 -11.93 -34.67
N PHE D 363 -37.08 -10.90 -35.30
CA PHE D 363 -35.89 -10.25 -34.76
C PHE D 363 -36.14 -9.56 -33.42
N GLY D 364 -37.36 -9.03 -33.26
CA GLY D 364 -37.73 -8.33 -32.05
C GLY D 364 -37.64 -9.17 -30.78
N LYS D 365 -37.70 -10.49 -30.93
CA LYS D 365 -37.52 -11.40 -29.81
C LYS D 365 -36.05 -11.73 -29.58
N GLY D 366 -35.22 -11.39 -30.57
CA GLY D 366 -33.79 -11.65 -30.48
C GLY D 366 -32.98 -10.43 -30.05
N ALA D 367 -31.66 -10.59 -30.04
CA ALA D 367 -30.74 -9.52 -29.63
C ALA D 367 -29.99 -8.95 -30.84
N TYR D 368 -30.71 -8.36 -31.77
CA TYR D 368 -30.12 -7.90 -33.03
C TYR D 368 -29.79 -6.40 -33.04
N VAL D 369 -28.50 -6.09 -33.25
CA VAL D 369 -28.05 -4.72 -33.47
C VAL D 369 -27.55 -4.60 -34.91
N ALA D 370 -28.09 -3.64 -35.66
CA ALA D 370 -27.71 -3.46 -37.06
C ALA D 370 -26.24 -3.08 -37.17
N PRO D 371 -25.58 -3.50 -38.26
CA PRO D 371 -24.19 -3.10 -38.54
C PRO D 371 -24.10 -1.58 -38.55
N THR D 372 -23.32 -1.02 -37.64
CA THR D 372 -23.30 0.43 -37.44
C THR D 372 -21.93 1.05 -37.77
N VAL D 373 -21.95 2.19 -38.47
CA VAL D 373 -20.73 2.87 -38.86
C VAL D 373 -20.81 4.35 -38.51
N PHE D 374 -19.83 4.84 -37.75
CA PHE D 374 -19.72 6.27 -37.47
C PHE D 374 -18.52 6.83 -38.23
N THR D 375 -18.65 8.05 -38.73
CA THR D 375 -17.52 8.72 -39.37
C THR D 375 -17.34 10.14 -38.83
N ASP D 376 -16.27 10.81 -39.25
CA ASP D 376 -15.91 12.13 -38.71
C ASP D 376 -15.69 12.04 -37.19
N CYS D 377 -15.12 10.93 -36.76
CA CYS D 377 -14.91 10.69 -35.34
C CYS D 377 -13.70 11.47 -34.84
N ARG D 378 -13.52 11.50 -33.52
CA ARG D 378 -12.41 12.21 -32.92
C ARG D 378 -11.83 11.33 -31.83
N ASP D 379 -10.55 11.52 -31.52
CA ASP D 379 -9.85 10.63 -30.61
C ASP D 379 -10.39 10.66 -29.17
N ASP D 380 -10.97 11.78 -28.76
CA ASP D 380 -11.47 11.88 -27.38
C ASP D 380 -12.88 11.31 -27.21
N MET D 381 -13.53 10.97 -28.33
CA MET D 381 -14.86 10.39 -28.29
C MET D 381 -14.86 9.02 -27.60
N THR D 382 -15.94 8.70 -26.91
CA THR D 382 -16.07 7.47 -26.16
C THR D 382 -16.07 6.22 -27.05
N ILE D 383 -16.80 6.29 -28.17
CA ILE D 383 -16.82 5.17 -29.12
C ILE D 383 -15.44 4.88 -29.71
N VAL D 384 -14.55 5.86 -29.65
CA VAL D 384 -13.19 5.72 -30.16
C VAL D 384 -12.20 5.23 -29.11
N ARG D 385 -12.36 5.67 -27.86
CA ARG D 385 -11.45 5.26 -26.80
C ARG D 385 -11.77 3.88 -26.25
N GLU D 386 -13.05 3.51 -26.27
CA GLU D 386 -13.46 2.30 -25.55
C GLU D 386 -13.83 1.11 -26.42
N GLU D 387 -13.40 -0.07 -25.97
CA GLU D 387 -13.81 -1.32 -26.61
C GLU D 387 -15.31 -1.49 -26.45
N ILE D 388 -15.98 -1.74 -27.56
CA ILE D 388 -17.44 -1.84 -27.58
C ILE D 388 -17.86 -3.31 -27.68
N PHE D 389 -17.09 -4.09 -28.41
CA PHE D 389 -17.41 -5.47 -28.64
C PHE D 389 -18.76 -5.68 -29.32
N GLY D 390 -19.09 -4.82 -30.25
CA GLY D 390 -20.30 -4.93 -31.03
C GLY D 390 -20.02 -4.44 -32.43
N PRO D 391 -21.03 -4.48 -33.32
CA PRO D 391 -20.85 -4.09 -34.73
C PRO D 391 -20.85 -2.58 -34.91
N VAL D 392 -19.77 -1.94 -34.48
CA VAL D 392 -19.66 -0.48 -34.54
C VAL D 392 -18.30 -0.06 -35.04
N MET D 393 -18.24 0.45 -36.27
CA MET D 393 -17.01 0.94 -36.85
C MET D 393 -16.91 2.44 -36.64
N SER D 394 -15.72 2.89 -36.24
CA SER D 394 -15.42 4.31 -36.08
C SER D 394 -14.43 4.71 -37.16
N ILE D 395 -14.83 5.62 -38.05
CA ILE D 395 -13.93 6.10 -39.08
C ILE D 395 -13.30 7.44 -38.68
N LEU D 396 -11.97 7.50 -38.73
CA LEU D 396 -11.21 8.68 -38.33
C LEU D 396 -10.40 9.22 -39.50
N VAL D 397 -10.45 10.52 -39.72
CA VAL D 397 -9.75 11.14 -40.85
C VAL D 397 -8.37 11.66 -40.40
N TYR D 398 -7.35 11.52 -41.26
CA TYR D 398 -6.00 12.02 -40.95
C TYR D 398 -5.41 12.73 -42.17
N ASP D 399 -4.32 13.49 -41.96
CA ASP D 399 -3.70 14.24 -43.06
C ASP D 399 -2.33 13.71 -43.50
N ASP D 400 -1.51 13.26 -42.57
CA ASP D 400 -0.24 12.65 -42.99
C ASP D 400 0.03 11.32 -42.32
N GLU D 401 0.94 10.55 -42.93
CA GLU D 401 1.23 9.19 -42.49
C GLU D 401 1.68 9.07 -41.04
N ASP D 402 2.66 9.88 -40.65
CA ASP D 402 3.21 9.80 -39.29
C ASP D 402 2.16 10.11 -38.23
N GLU D 403 1.34 11.11 -38.52
CA GLU D 403 0.21 11.45 -37.67
C GLU D 403 -0.69 10.24 -37.41
N ALA D 404 -1.09 9.57 -38.49
CA ALA D 404 -1.95 8.38 -38.38
C ALA D 404 -1.31 7.29 -37.52
N ILE D 405 -0.02 7.04 -37.70
CA ILE D 405 0.65 6.03 -36.89
C ILE D 405 0.70 6.45 -35.42
N ARG D 406 1.05 7.72 -35.19
CA ARG D 406 1.08 8.27 -33.84
C ARG D 406 -0.29 8.10 -33.16
N ARG D 407 -1.35 8.40 -33.90
CA ARG D 407 -2.70 8.29 -33.34
C ARG D 407 -3.13 6.83 -33.18
N ALA D 408 -2.73 5.99 -34.14
CA ALA D 408 -2.97 4.55 -34.05
C ALA D 408 -2.35 3.97 -32.78
N ASN D 409 -1.14 4.44 -32.44
CA ASN D 409 -0.43 3.96 -31.25
C ASN D 409 -0.97 4.55 -29.95
N ASP D 410 -1.62 5.71 -30.04
CA ASP D 410 -2.10 6.43 -28.85
C ASP D 410 -3.34 5.75 -28.27
N THR D 411 -3.11 4.64 -27.58
CA THR D 411 -4.18 3.90 -26.93
C THR D 411 -3.57 3.09 -25.79
N GLU D 412 -4.39 2.62 -24.86
CA GLU D 412 -3.88 1.79 -23.78
C GLU D 412 -3.61 0.39 -24.29
N TYR D 413 -4.50 -0.10 -25.15
CA TYR D 413 -4.36 -1.42 -25.76
C TYR D 413 -3.17 -1.43 -26.71
N GLY D 414 -2.93 -2.58 -27.33
CA GLY D 414 -1.83 -2.75 -28.25
C GLY D 414 -1.87 -4.15 -28.79
N LEU D 415 -3.09 -4.62 -29.06
CA LEU D 415 -3.32 -6.01 -29.43
C LEU D 415 -3.00 -6.28 -30.90
N ALA D 416 -3.71 -5.61 -31.80
CA ALA D 416 -3.46 -5.80 -33.23
C ALA D 416 -3.44 -4.48 -33.97
N ALA D 417 -2.89 -4.50 -35.19
CA ALA D 417 -2.95 -3.35 -36.06
C ALA D 417 -2.87 -3.85 -37.50
N GLY D 418 -3.26 -2.99 -38.44
CA GLY D 418 -3.21 -3.35 -39.83
C GLY D 418 -3.01 -2.14 -40.71
N VAL D 419 -2.36 -2.34 -41.84
CA VAL D 419 -2.20 -1.27 -42.80
C VAL D 419 -2.66 -1.80 -44.15
N VAL D 420 -3.22 -0.91 -44.96
CA VAL D 420 -3.59 -1.26 -46.32
C VAL D 420 -2.88 -0.31 -47.28
N THR D 421 -2.08 -0.86 -48.19
CA THR D 421 -1.32 -0.04 -49.15
C THR D 421 -0.81 -0.89 -50.31
N GLN D 422 -0.61 -0.24 -51.46
CA GLN D 422 -0.05 -0.92 -52.63
C GLN D 422 1.48 -0.89 -52.61
N ASP D 423 2.04 -0.07 -51.74
CA ASP D 423 3.50 0.08 -51.64
C ASP D 423 4.01 -0.71 -50.41
N LEU D 424 4.65 -1.85 -50.66
CA LEU D 424 5.07 -2.71 -49.57
C LEU D 424 6.29 -2.19 -48.81
N ALA D 425 7.11 -1.36 -49.44
CA ALA D 425 8.21 -0.69 -48.73
C ALA D 425 7.61 0.22 -47.65
N ARG D 426 6.59 0.98 -48.03
CA ARG D 426 5.86 1.80 -47.08
C ARG D 426 5.21 0.96 -45.96
N ALA D 427 4.56 -0.15 -46.33
CA ALA D 427 3.95 -1.00 -45.30
C ALA D 427 4.99 -1.52 -44.31
N HIS D 428 6.12 -1.94 -44.86
CA HIS D 428 7.22 -2.45 -44.06
C HIS D 428 7.65 -1.40 -43.04
N ARG D 429 7.87 -0.19 -43.52
CA ARG D 429 8.24 0.95 -42.69
C ARG D 429 7.20 1.16 -41.58
N ALA D 430 5.93 1.18 -41.96
CA ALA D 430 4.83 1.43 -41.04
C ALA D 430 4.66 0.39 -39.95
N ILE D 431 4.82 -0.90 -40.27
CA ILE D 431 4.70 -1.90 -39.21
C ILE D 431 5.86 -1.89 -38.21
N HIS D 432 7.02 -1.36 -38.60
CA HIS D 432 8.13 -1.21 -37.65
C HIS D 432 7.73 -0.21 -36.56
N ARG D 433 6.96 0.80 -36.94
CA ARG D 433 6.60 1.91 -36.06
C ARG D 433 5.32 1.69 -35.27
N LEU D 434 4.50 0.74 -35.70
CA LEU D 434 3.26 0.42 -34.99
C LEU D 434 3.55 -0.45 -33.78
N GLU D 435 3.03 -0.05 -32.63
CA GLU D 435 3.22 -0.80 -31.39
C GLU D 435 2.06 -1.75 -31.21
N ALA D 436 2.12 -2.91 -31.87
CA ALA D 436 1.08 -3.91 -31.69
C ALA D 436 1.67 -5.29 -31.91
N GLY D 437 1.16 -6.28 -31.17
CA GLY D 437 1.69 -7.63 -31.23
C GLY D 437 1.34 -8.39 -32.50
N ILE D 438 0.21 -8.04 -33.12
CA ILE D 438 -0.22 -8.69 -34.34
C ILE D 438 -0.38 -7.60 -35.39
N CYS D 439 0.33 -7.73 -36.51
CA CYS D 439 0.20 -6.77 -37.60
C CYS D 439 -0.20 -7.44 -38.90
N TRP D 440 -1.22 -6.88 -39.53
CA TRP D 440 -1.73 -7.39 -40.80
C TRP D 440 -1.42 -6.40 -41.91
N ILE D 441 -0.94 -6.91 -43.05
CA ILE D 441 -0.73 -6.06 -44.22
C ILE D 441 -1.62 -6.52 -45.36
N ASN D 442 -2.55 -5.67 -45.75
CA ASN D 442 -3.48 -5.97 -46.85
C ASN D 442 -4.39 -7.17 -46.61
N THR D 443 -4.64 -7.46 -45.34
CA THR D 443 -5.56 -8.50 -44.92
C THR D 443 -5.98 -8.18 -43.50
N TRP D 444 -6.83 -9.02 -42.90
CA TRP D 444 -7.17 -8.85 -41.50
C TRP D 444 -7.70 -10.15 -40.93
N GLY D 445 -7.51 -10.38 -39.64
CA GLY D 445 -8.33 -11.35 -38.94
C GLY D 445 -7.78 -12.73 -38.69
N GLU D 446 -6.86 -13.20 -39.53
CA GLU D 446 -6.20 -14.47 -39.28
C GLU D 446 -5.15 -14.29 -38.17
N SER D 447 -5.51 -14.64 -36.93
CA SER D 447 -4.63 -14.40 -35.80
C SER D 447 -3.59 -15.52 -35.63
N PRO D 448 -2.40 -15.17 -35.10
CA PRO D 448 -1.31 -16.12 -34.83
C PRO D 448 -1.79 -17.35 -34.04
N ALA D 449 -1.34 -18.53 -34.45
CA ALA D 449 -1.84 -19.79 -33.93
C ALA D 449 -1.57 -20.03 -32.43
N GLU D 450 -0.61 -19.33 -31.86
CA GLU D 450 -0.26 -19.51 -30.45
C GLU D 450 -1.00 -18.56 -29.51
N MET D 451 -2.01 -17.86 -30.04
CA MET D 451 -2.77 -16.90 -29.25
C MET D 451 -4.21 -17.37 -29.02
N PRO D 452 -4.61 -17.49 -27.73
CA PRO D 452 -5.96 -17.96 -27.39
C PRO D 452 -7.01 -16.87 -27.61
N VAL D 453 -7.02 -16.30 -28.82
CA VAL D 453 -8.06 -15.36 -29.20
C VAL D 453 -8.87 -15.97 -30.34
N GLY D 454 -10.18 -15.76 -30.31
CA GLY D 454 -11.06 -16.40 -31.27
C GLY D 454 -11.01 -15.83 -32.67
N GLY D 455 -11.75 -16.45 -33.58
CA GLY D 455 -11.85 -15.97 -34.95
C GLY D 455 -10.98 -16.76 -35.91
N TYR D 456 -10.74 -16.18 -37.08
CA TYR D 456 -9.82 -16.75 -38.06
C TYR D 456 -8.44 -16.98 -37.42
N LYS D 457 -7.89 -18.17 -37.65
CA LYS D 457 -6.57 -18.49 -37.12
C LYS D 457 -5.65 -18.83 -38.28
N GLN D 458 -4.40 -18.37 -38.22
CA GLN D 458 -3.43 -18.66 -39.26
C GLN D 458 -3.18 -20.17 -39.36
N SER D 459 -3.36 -20.71 -40.56
CA SER D 459 -3.28 -22.14 -40.85
C SER D 459 -1.84 -22.62 -40.98
N GLY D 460 -1.08 -22.43 -39.90
CA GLY D 460 0.34 -22.72 -39.86
C GLY D 460 0.87 -22.11 -38.58
N VAL D 461 1.83 -22.79 -37.95
CA VAL D 461 2.36 -22.33 -36.68
C VAL D 461 3.88 -22.30 -36.72
N GLY D 462 4.49 -21.33 -36.03
CA GLY D 462 5.92 -21.32 -35.85
C GLY D 462 6.32 -22.43 -34.89
N ARG D 463 7.31 -23.24 -35.29
CA ARG D 463 7.82 -24.32 -34.46
C ARG D 463 8.09 -23.87 -33.04
N GLU D 464 8.85 -22.79 -32.93
CA GLU D 464 9.24 -22.25 -31.63
C GLU D 464 8.06 -21.75 -30.82
N ASN D 465 7.04 -21.22 -31.49
CA ASN D 465 5.84 -20.80 -30.77
C ASN D 465 4.99 -21.98 -30.27
N GLY D 466 4.91 -23.04 -31.08
CA GLY D 466 4.27 -24.27 -30.62
C GLY D 466 5.03 -24.85 -29.43
N LEU D 467 6.35 -24.93 -29.56
CA LEU D 467 7.21 -25.49 -28.52
C LEU D 467 7.36 -24.56 -27.31
N THR D 468 7.37 -23.25 -27.53
CA THR D 468 7.40 -22.31 -26.42
C THR D 468 6.08 -22.33 -25.65
N THR D 469 4.98 -22.54 -26.35
CA THR D 469 3.68 -22.62 -25.68
C THR D 469 3.61 -23.85 -24.78
N LEU D 470 4.06 -25.00 -25.29
CA LEU D 470 4.14 -26.21 -24.48
C LEU D 470 5.00 -25.96 -23.26
N ALA D 471 6.15 -25.33 -23.49
CA ALA D 471 7.09 -25.01 -22.43
C ALA D 471 6.47 -24.18 -21.30
N HIS D 472 5.42 -23.43 -21.61
CA HIS D 472 4.71 -22.68 -20.58
C HIS D 472 3.88 -23.58 -19.66
N TYR D 473 3.56 -24.79 -20.14
CA TYR D 473 2.73 -25.71 -19.35
C TYR D 473 3.57 -26.78 -18.66
N THR D 474 4.88 -26.54 -18.61
CA THR D 474 5.80 -27.42 -17.89
C THR D 474 6.69 -26.59 -16.97
N ARG D 475 7.26 -27.24 -15.95
CA ARG D 475 8.29 -26.58 -15.16
C ARG D 475 9.62 -27.35 -15.33
N ILE D 476 10.72 -26.63 -15.22
CA ILE D 476 12.02 -27.22 -15.40
C ILE D 476 12.60 -27.62 -14.05
N LYS D 477 13.11 -28.84 -13.96
CA LYS D 477 13.97 -29.22 -12.86
C LYS D 477 15.41 -29.33 -13.35
N SER D 478 16.32 -28.62 -12.69
N SER D 478 16.32 -28.62 -12.70
CA SER D 478 17.73 -28.67 -13.04
CA SER D 478 17.75 -28.64 -13.05
C SER D 478 18.47 -29.55 -12.04
C SER D 478 18.53 -29.51 -12.06
N VAL D 479 19.07 -30.62 -12.54
CA VAL D 479 19.82 -31.55 -11.68
C VAL D 479 21.32 -31.46 -11.93
N GLN D 480 22.09 -31.02 -10.94
CA GLN D 480 23.54 -31.03 -11.09
C GLN D 480 24.15 -32.29 -10.47
N VAL D 481 24.94 -33.01 -11.26
CA VAL D 481 25.59 -34.22 -10.78
C VAL D 481 27.05 -33.88 -10.49
N GLU D 482 27.48 -34.03 -9.24
CA GLU D 482 28.89 -33.78 -8.91
C GLU D 482 29.63 -35.13 -8.84
N LEU D 483 30.63 -35.33 -9.72
CA LEU D 483 31.34 -36.62 -9.76
C LEU D 483 32.68 -36.61 -9.00
N GLY D 484 33.16 -35.43 -8.66
CA GLY D 484 34.48 -35.30 -8.06
C GLY D 484 34.37 -34.98 -6.59
N ASP D 485 35.45 -34.45 -6.01
CA ASP D 485 35.46 -34.07 -4.60
C ASP D 485 34.64 -32.81 -4.40
N TYR D 486 34.02 -32.68 -3.24
CA TYR D 486 33.27 -31.47 -2.94
C TYR D 486 34.14 -30.50 -2.16
N ALA D 487 34.25 -29.27 -2.66
CA ALA D 487 35.11 -28.28 -2.02
C ALA D 487 34.29 -27.44 -1.06
N SER D 488 34.81 -27.26 0.14
CA SER D 488 34.18 -26.42 1.16
C SER D 488 35.19 -25.38 1.61
N VAL D 489 34.76 -24.13 1.79
CA VAL D 489 35.69 -23.12 2.31
C VAL D 489 35.90 -23.25 3.81
N PHE D 490 35.19 -24.18 4.45
CA PHE D 490 35.19 -24.27 5.92
C PHE D 490 36.05 -25.39 6.51
K K E . 24.91 -1.58 4.51
C1 GOL F . 29.61 -27.73 21.39
O1 GOL F . 29.26 -26.37 21.20
C2 GOL F . 30.12 -27.94 22.81
O2 GOL F . 29.12 -27.62 23.75
C3 GOL F . 30.48 -29.39 23.01
O3 GOL F . 30.88 -29.56 24.35
C1 GOL G . 35.78 -27.36 22.30
O1 GOL G . 34.49 -27.93 22.25
C2 GOL G . 36.80 -28.40 21.83
O2 GOL G . 36.64 -28.66 20.47
C3 GOL G . 38.22 -27.90 22.03
O3 GOL G . 39.00 -28.37 20.95
C1 GOL H . 27.36 -17.55 -15.76
O1 GOL H . 27.40 -18.31 -14.58
C2 GOL H . 28.27 -18.17 -16.81
O2 GOL H . 27.72 -17.94 -18.09
C3 GOL H . 28.39 -19.66 -16.57
O3 GOL H . 29.25 -20.26 -17.52
C1 EDO I . -0.93 -5.87 -52.97
O1 EDO I . 0.24 -6.21 -53.73
C2 EDO I . -1.25 -7.02 -52.01
O2 EDO I . -0.23 -7.08 -51.00
C1 EDO J . 32.15 6.61 -3.43
O1 EDO J . 31.18 7.60 -3.06
C2 EDO J . 31.96 5.38 -2.56
O2 EDO J . 33.13 4.56 -2.67
C1 EDO K . 8.61 -16.33 14.89
O1 EDO K . 8.66 -15.41 13.80
C2 EDO K . 9.30 -15.74 16.11
O2 EDO K . 10.57 -15.18 15.73
K K L . -14.91 -15.56 14.51
C1 EDO M . 7.72 -14.30 20.52
O1 EDO M . 8.66 -13.26 20.83
C2 EDO M . 7.64 -15.27 21.69
O2 EDO M . 6.75 -16.34 21.34
C1 EDO N . -16.48 7.52 23.18
O1 EDO N . -16.29 8.13 24.47
C2 EDO N . -15.20 7.63 22.34
O2 EDO N . -15.43 7.01 21.06
C1 EDO O . -26.38 -13.58 10.51
O1 EDO O . -26.92 -13.48 9.18
C2 EDO O . -27.50 -13.95 11.47
O2 EDO O . -26.95 -14.19 12.78
C1 EDO P . -3.88 -4.89 19.33
O1 EDO P . -4.22 -3.76 20.17
C2 EDO P . -2.74 -5.68 19.97
O2 EDO P . -1.52 -4.92 19.93
C1 EDO Q . -11.55 -5.00 32.12
O1 EDO Q . -12.98 -5.10 32.11
C2 EDO Q . -10.88 -6.20 32.82
O2 EDO Q . -11.54 -6.51 34.06
K K R . 16.95 34.65 4.81
K K S . -26.36 -18.32 -24.34
#